data_1V7Q
# 
_entry.id   1V7Q 
# 
_audit_conform.dict_name       mmcif_pdbx.dic 
_audit_conform.dict_version    5.380 
_audit_conform.dict_location   http://mmcif.pdb.org/dictionaries/ascii/mmcif_pdbx.dic 
# 
loop_
_database_2.database_id 
_database_2.database_code 
_database_2.pdbx_database_accession 
_database_2.pdbx_DOI 
PDB   1V7Q         pdb_00001v7q 10.2210/pdb1v7q/pdb 
RCSB  RCSB006311   ?            ?                   
WWPDB D_1000006311 ?            ?                   
# 
_pdbx_database_related.db_name        TargetDB 
_pdbx_database_related.db_id          ttk003000215.2 
_pdbx_database_related.details        . 
_pdbx_database_related.content_type   unspecified 
# 
_pdbx_database_status.status_code                     REL 
_pdbx_database_status.entry_id                        1V7Q 
_pdbx_database_status.recvd_initial_deposition_date   2003-12-22 
_pdbx_database_status.deposit_site                    PDBJ 
_pdbx_database_status.process_site                    PDBJ 
_pdbx_database_status.status_code_sf                  REL 
_pdbx_database_status.status_code_mr                  ? 
_pdbx_database_status.SG_entry                        Y 
_pdbx_database_status.pdb_format_compatible           Y 
_pdbx_database_status.status_code_cs                  ? 
_pdbx_database_status.status_code_nmr_data            ? 
_pdbx_database_status.methods_development_category    ? 
# 
loop_
_audit_author.name 
_audit_author.pdbx_ordinal 
'Sugahara, M.'                                           1 
'Kunishima, N.'                                          2 
'RIKEN Structural Genomics/Proteomics Initiative (RSGI)' 3 
# 
_citation.id                        primary 
_citation.title                     'Crystal structure of phosphoglycerate mutase from Thermus thermophilus HB8' 
_citation.journal_abbrev            'To be Published' 
_citation.journal_volume            ? 
_citation.page_first                ? 
_citation.page_last                 ? 
_citation.year                      ? 
_citation.journal_id_ASTM           ? 
_citation.country                   ? 
_citation.journal_id_ISSN           ? 
_citation.journal_id_CSD            0353 
_citation.book_publisher            ? 
_citation.pdbx_database_id_PubMed   ? 
_citation.pdbx_database_id_DOI      ? 
# 
loop_
_citation_author.citation_id 
_citation_author.name 
_citation_author.ordinal 
_citation_author.identifier_ORCID 
primary 'Sugahara, M.'  1 ? 
primary 'Kunishima, N.' 2 ? 
# 
_cell.entry_id           1V7Q 
_cell.length_a           42.820 
_cell.length_b           42.820 
_cell.length_c           156.516 
_cell.angle_alpha        90.00 
_cell.angle_beta         90.00 
_cell.angle_gamma        90.00 
_cell.Z_PDB              8 
_cell.pdbx_unique_axis   ? 
# 
_symmetry.entry_id                         1V7Q 
_symmetry.space_group_name_H-M             'P 41 21 2' 
_symmetry.pdbx_full_space_group_name_H-M   ? 
_symmetry.cell_setting                     ? 
_symmetry.Int_Tables_number                92 
_symmetry.space_group_name_Hall            ? 
# 
loop_
_entity.id 
_entity.type 
_entity.src_method 
_entity.pdbx_description 
_entity.formula_weight 
_entity.pdbx_number_of_molecules 
_entity.pdbx_ec 
_entity.pdbx_mutation 
_entity.pdbx_fragment 
_entity.details 
1 polymer man 'phosphoglycerate mutase' 19628.465 1   5.4.2.1 ? ? ? 
2 water   nat water                     18.015    127 ?       ? ? ? 
# 
_entity_poly.entity_id                      1 
_entity_poly.type                           'polypeptide(L)' 
_entity_poly.nstd_linkage                   no 
_entity_poly.nstd_monomer                   no 
_entity_poly.pdbx_seq_one_letter_code       
;MELWLVRHGETLWNREGRLLGWTDLPLTAEGEAQARRLKGALPSLPAFSSDLLRARRTAELAGFSPRLYPELREIHFGAL
EGALWETLDPRYKEALLRFQGFHPPGGESLSAFQERVFRFLEGLKAPAVLFTHGGVVRAVLRALGEDGLVPPGSAVAVDW
PRRVLVRLALDGEEATG
;
_entity_poly.pdbx_seq_one_letter_code_can   
;MELWLVRHGETLWNREGRLLGWTDLPLTAEGEAQARRLKGALPSLPAFSSDLLRARRTAELAGFSPRLYPELREIHFGAL
EGALWETLDPRYKEALLRFQGFHPPGGESLSAFQERVFRFLEGLKAPAVLFTHGGVVRAVLRALGEDGLVPPGSAVAVDW
PRRVLVRLALDGEEATG
;
_entity_poly.pdbx_strand_id                 A 
_entity_poly.pdbx_target_identifier         ttk003000215.2 
# 
loop_
_entity_poly_seq.entity_id 
_entity_poly_seq.num 
_entity_poly_seq.mon_id 
_entity_poly_seq.hetero 
1 1   MET n 
1 2   GLU n 
1 3   LEU n 
1 4   TRP n 
1 5   LEU n 
1 6   VAL n 
1 7   ARG n 
1 8   HIS n 
1 9   GLY n 
1 10  GLU n 
1 11  THR n 
1 12  LEU n 
1 13  TRP n 
1 14  ASN n 
1 15  ARG n 
1 16  GLU n 
1 17  GLY n 
1 18  ARG n 
1 19  LEU n 
1 20  LEU n 
1 21  GLY n 
1 22  TRP n 
1 23  THR n 
1 24  ASP n 
1 25  LEU n 
1 26  PRO n 
1 27  LEU n 
1 28  THR n 
1 29  ALA n 
1 30  GLU n 
1 31  GLY n 
1 32  GLU n 
1 33  ALA n 
1 34  GLN n 
1 35  ALA n 
1 36  ARG n 
1 37  ARG n 
1 38  LEU n 
1 39  LYS n 
1 40  GLY n 
1 41  ALA n 
1 42  LEU n 
1 43  PRO n 
1 44  SER n 
1 45  LEU n 
1 46  PRO n 
1 47  ALA n 
1 48  PHE n 
1 49  SER n 
1 50  SER n 
1 51  ASP n 
1 52  LEU n 
1 53  LEU n 
1 54  ARG n 
1 55  ALA n 
1 56  ARG n 
1 57  ARG n 
1 58  THR n 
1 59  ALA n 
1 60  GLU n 
1 61  LEU n 
1 62  ALA n 
1 63  GLY n 
1 64  PHE n 
1 65  SER n 
1 66  PRO n 
1 67  ARG n 
1 68  LEU n 
1 69  TYR n 
1 70  PRO n 
1 71  GLU n 
1 72  LEU n 
1 73  ARG n 
1 74  GLU n 
1 75  ILE n 
1 76  HIS n 
1 77  PHE n 
1 78  GLY n 
1 79  ALA n 
1 80  LEU n 
1 81  GLU n 
1 82  GLY n 
1 83  ALA n 
1 84  LEU n 
1 85  TRP n 
1 86  GLU n 
1 87  THR n 
1 88  LEU n 
1 89  ASP n 
1 90  PRO n 
1 91  ARG n 
1 92  TYR n 
1 93  LYS n 
1 94  GLU n 
1 95  ALA n 
1 96  LEU n 
1 97  LEU n 
1 98  ARG n 
1 99  PHE n 
1 100 GLN n 
1 101 GLY n 
1 102 PHE n 
1 103 HIS n 
1 104 PRO n 
1 105 PRO n 
1 106 GLY n 
1 107 GLY n 
1 108 GLU n 
1 109 SER n 
1 110 LEU n 
1 111 SER n 
1 112 ALA n 
1 113 PHE n 
1 114 GLN n 
1 115 GLU n 
1 116 ARG n 
1 117 VAL n 
1 118 PHE n 
1 119 ARG n 
1 120 PHE n 
1 121 LEU n 
1 122 GLU n 
1 123 GLY n 
1 124 LEU n 
1 125 LYS n 
1 126 ALA n 
1 127 PRO n 
1 128 ALA n 
1 129 VAL n 
1 130 LEU n 
1 131 PHE n 
1 132 THR n 
1 133 HIS n 
1 134 GLY n 
1 135 GLY n 
1 136 VAL n 
1 137 VAL n 
1 138 ARG n 
1 139 ALA n 
1 140 VAL n 
1 141 LEU n 
1 142 ARG n 
1 143 ALA n 
1 144 LEU n 
1 145 GLY n 
1 146 GLU n 
1 147 ASP n 
1 148 GLY n 
1 149 LEU n 
1 150 VAL n 
1 151 PRO n 
1 152 PRO n 
1 153 GLY n 
1 154 SER n 
1 155 ALA n 
1 156 VAL n 
1 157 ALA n 
1 158 VAL n 
1 159 ASP n 
1 160 TRP n 
1 161 PRO n 
1 162 ARG n 
1 163 ARG n 
1 164 VAL n 
1 165 LEU n 
1 166 VAL n 
1 167 ARG n 
1 168 LEU n 
1 169 ALA n 
1 170 LEU n 
1 171 ASP n 
1 172 GLY n 
1 173 GLU n 
1 174 GLU n 
1 175 ALA n 
1 176 THR n 
1 177 GLY n 
# 
_entity_src_gen.entity_id                          1 
_entity_src_gen.pdbx_src_id                        1 
_entity_src_gen.pdbx_alt_source_flag               sample 
_entity_src_gen.pdbx_seq_type                      ? 
_entity_src_gen.pdbx_beg_seq_num                   ? 
_entity_src_gen.pdbx_end_seq_num                   ? 
_entity_src_gen.gene_src_common_name               ? 
_entity_src_gen.gene_src_genus                     Thermus 
_entity_src_gen.pdbx_gene_src_gene                 ? 
_entity_src_gen.gene_src_species                   ? 
_entity_src_gen.gene_src_strain                    ? 
_entity_src_gen.gene_src_tissue                    ? 
_entity_src_gen.gene_src_tissue_fraction           ? 
_entity_src_gen.gene_src_details                   ? 
_entity_src_gen.pdbx_gene_src_fragment             ? 
_entity_src_gen.pdbx_gene_src_scientific_name      'Thermus thermophilus' 
_entity_src_gen.pdbx_gene_src_ncbi_taxonomy_id     274 
_entity_src_gen.pdbx_gene_src_variant              ? 
_entity_src_gen.pdbx_gene_src_cell_line            ? 
_entity_src_gen.pdbx_gene_src_atcc                 ? 
_entity_src_gen.pdbx_gene_src_organ                ? 
_entity_src_gen.pdbx_gene_src_organelle            ? 
_entity_src_gen.pdbx_gene_src_cell                 ? 
_entity_src_gen.pdbx_gene_src_cellular_location    ? 
_entity_src_gen.host_org_common_name               ? 
_entity_src_gen.pdbx_host_org_scientific_name      'Escherichia coli' 
_entity_src_gen.pdbx_host_org_ncbi_taxonomy_id     562 
_entity_src_gen.host_org_genus                     Escherichia 
_entity_src_gen.pdbx_host_org_gene                 ? 
_entity_src_gen.pdbx_host_org_organ                ? 
_entity_src_gen.host_org_species                   ? 
_entity_src_gen.pdbx_host_org_tissue               ? 
_entity_src_gen.pdbx_host_org_tissue_fraction      ? 
_entity_src_gen.pdbx_host_org_strain               ? 
_entity_src_gen.pdbx_host_org_variant              ? 
_entity_src_gen.pdbx_host_org_cell_line            ? 
_entity_src_gen.pdbx_host_org_atcc                 ? 
_entity_src_gen.pdbx_host_org_culture_collection   ? 
_entity_src_gen.pdbx_host_org_cell                 ? 
_entity_src_gen.pdbx_host_org_organelle            ? 
_entity_src_gen.pdbx_host_org_cellular_location    ? 
_entity_src_gen.pdbx_host_org_vector_type          PLASMID 
_entity_src_gen.pdbx_host_org_vector               ? 
_entity_src_gen.host_org_details                   ? 
_entity_src_gen.expression_system_id               ? 
_entity_src_gen.plasmid_name                       pET11a 
_entity_src_gen.plasmid_details                    ? 
_entity_src_gen.pdbx_description                   ? 
# 
_struct_ref.id                         1 
_struct_ref.entity_id                  1 
_struct_ref.db_name                    UNP 
_struct_ref.db_code                    Q53WB3_THET8 
_struct_ref.pdbx_db_accession          Q53WB3 
_struct_ref.pdbx_db_isoform            ? 
_struct_ref.pdbx_seq_one_letter_code   ? 
_struct_ref.pdbx_align_begin           ? 
# 
_struct_ref_seq.align_id                      1 
_struct_ref_seq.ref_id                        1 
_struct_ref_seq.pdbx_PDB_id_code              1V7Q 
_struct_ref_seq.pdbx_strand_id                A 
_struct_ref_seq.seq_align_beg                 1 
_struct_ref_seq.pdbx_seq_align_beg_ins_code   ? 
_struct_ref_seq.seq_align_end                 177 
_struct_ref_seq.pdbx_seq_align_end_ins_code   ? 
_struct_ref_seq.pdbx_db_accession             Q53WB3 
_struct_ref_seq.db_align_beg                  1 
_struct_ref_seq.pdbx_db_align_beg_ins_code    ? 
_struct_ref_seq.db_align_end                  177 
_struct_ref_seq.pdbx_db_align_end_ins_code    ? 
_struct_ref_seq.pdbx_auth_seq_align_beg       1 
_struct_ref_seq.pdbx_auth_seq_align_end       177 
# 
loop_
_chem_comp.id 
_chem_comp.type 
_chem_comp.mon_nstd_flag 
_chem_comp.name 
_chem_comp.pdbx_synonyms 
_chem_comp.formula 
_chem_comp.formula_weight 
ALA 'L-peptide linking' y ALANINE         ? 'C3 H7 N O2'     89.093  
ARG 'L-peptide linking' y ARGININE        ? 'C6 H15 N4 O2 1' 175.209 
ASN 'L-peptide linking' y ASPARAGINE      ? 'C4 H8 N2 O3'    132.118 
ASP 'L-peptide linking' y 'ASPARTIC ACID' ? 'C4 H7 N O4'     133.103 
GLN 'L-peptide linking' y GLUTAMINE       ? 'C5 H10 N2 O3'   146.144 
GLU 'L-peptide linking' y 'GLUTAMIC ACID' ? 'C5 H9 N O4'     147.129 
GLY 'peptide linking'   y GLYCINE         ? 'C2 H5 N O2'     75.067  
HIS 'L-peptide linking' y HISTIDINE       ? 'C6 H10 N3 O2 1' 156.162 
HOH non-polymer         . WATER           ? 'H2 O'           18.015  
ILE 'L-peptide linking' y ISOLEUCINE      ? 'C6 H13 N O2'    131.173 
LEU 'L-peptide linking' y LEUCINE         ? 'C6 H13 N O2'    131.173 
LYS 'L-peptide linking' y LYSINE          ? 'C6 H15 N2 O2 1' 147.195 
MET 'L-peptide linking' y METHIONINE      ? 'C5 H11 N O2 S'  149.211 
PHE 'L-peptide linking' y PHENYLALANINE   ? 'C9 H11 N O2'    165.189 
PRO 'L-peptide linking' y PROLINE         ? 'C5 H9 N O2'     115.130 
SER 'L-peptide linking' y SERINE          ? 'C3 H7 N O3'     105.093 
THR 'L-peptide linking' y THREONINE       ? 'C4 H9 N O3'     119.119 
TRP 'L-peptide linking' y TRYPTOPHAN      ? 'C11 H12 N2 O2'  204.225 
TYR 'L-peptide linking' y TYROSINE        ? 'C9 H11 N O3'    181.189 
VAL 'L-peptide linking' y VALINE          ? 'C5 H11 N O2'    117.146 
# 
_exptl.entry_id          1V7Q 
_exptl.method            'X-RAY DIFFRACTION' 
_exptl.crystals_number   1 
# 
_exptl_crystal.id                    1 
_exptl_crystal.density_meas          ? 
_exptl_crystal.density_Matthews      1.75 
_exptl_crystal.density_percent_sol   29.27 
_exptl_crystal.description           ? 
_exptl_crystal.F_000                 ? 
_exptl_crystal.preparation           ? 
# 
_exptl_crystal_grow.crystal_id      1 
_exptl_crystal_grow.method          MICROBATCH 
_exptl_crystal_grow.temp            291 
_exptl_crystal_grow.temp_details    ? 
_exptl_crystal_grow.pH              6.3 
_exptl_crystal_grow.pdbx_details    'sodium acetate, pH 6.3, MICROBATCH, temperature 291K' 
_exptl_crystal_grow.pdbx_pH_range   . 
# 
_diffrn.id                     1 
_diffrn.ambient_temp           100 
_diffrn.ambient_temp_details   ? 
_diffrn.crystal_id             1 
# 
_diffrn_detector.diffrn_id              1 
_diffrn_detector.detector               'IMAGE PLATE' 
_diffrn_detector.type                   'RIGAKU RAXIS V' 
_diffrn_detector.pdbx_collection_date   2003-11-29 
_diffrn_detector.details                ? 
# 
_diffrn_radiation.diffrn_id                        1 
_diffrn_radiation.wavelength_id                    1 
_diffrn_radiation.pdbx_monochromatic_or_laue_m_l   M 
_diffrn_radiation.monochromator                    ? 
_diffrn_radiation.pdbx_diffrn_protocol             'SINGLE WAVELENGTH' 
_diffrn_radiation.pdbx_scattering_type             x-ray 
# 
_diffrn_radiation_wavelength.id           1 
_diffrn_radiation_wavelength.wavelength   1.000 
_diffrn_radiation_wavelength.wt           1.0 
# 
_diffrn_source.diffrn_id                   1 
_diffrn_source.source                      SYNCHROTRON 
_diffrn_source.type                        'SPRING-8 BEAMLINE BL26B1' 
_diffrn_source.pdbx_synchrotron_site       SPring-8 
_diffrn_source.pdbx_synchrotron_beamline   BL26B1 
_diffrn_source.pdbx_wavelength             ? 
_diffrn_source.pdbx_wavelength_list        1.000 
# 
_reflns.entry_id                     1V7Q 
_reflns.observed_criterion_sigma_F   0 
_reflns.observed_criterion_sigma_I   0 
_reflns.d_resolution_high            1.59 
_reflns.d_resolution_low             40 
_reflns.number_all                   20623 
_reflns.number_obs                   20623 
_reflns.percent_possible_obs         99.7 
_reflns.pdbx_Rmerge_I_obs            0.045 
_reflns.pdbx_Rsym_value              0.044 
_reflns.pdbx_netI_over_sigmaI        12.3 
_reflns.B_iso_Wilson_estimate        21.8 
_reflns.pdbx_redundancy              11.2 
_reflns.R_free_details               ? 
_reflns.limit_h_max                  ? 
_reflns.limit_h_min                  ? 
_reflns.limit_k_max                  ? 
_reflns.limit_k_min                  ? 
_reflns.limit_l_max                  ? 
_reflns.limit_l_min                  ? 
_reflns.observed_criterion_F_max     ? 
_reflns.observed_criterion_F_min     ? 
_reflns.pdbx_chi_squared             ? 
_reflns.pdbx_scaling_rejects         ? 
_reflns.pdbx_diffrn_id               1 
_reflns.pdbx_ordinal                 1 
# 
_reflns_shell.d_res_high             1.59 
_reflns_shell.d_res_low              1.65 
_reflns_shell.percent_possible_all   100 
_reflns_shell.Rmerge_I_obs           0.457 
_reflns_shell.pdbx_Rsym_value        0.438 
_reflns_shell.meanI_over_sigI_obs    5.0 
_reflns_shell.pdbx_redundancy        11.1 
_reflns_shell.percent_possible_obs   ? 
_reflns_shell.number_unique_all      2000 
_reflns_shell.number_measured_all    ? 
_reflns_shell.number_measured_obs    ? 
_reflns_shell.number_unique_obs      ? 
_reflns_shell.pdbx_chi_squared       ? 
_reflns_shell.pdbx_diffrn_id         ? 
_reflns_shell.pdbx_ordinal           1 
# 
_refine.entry_id                                 1V7Q 
_refine.ls_d_res_high                            1.59 
_refine.ls_d_res_low                             37.57 
_refine.pdbx_ls_sigma_F                          0 
_refine.pdbx_ls_sigma_I                          ? 
_refine.ls_number_reflns_all                     20513 
_refine.ls_number_reflns_obs                     20513 
_refine.ls_number_reflns_R_free                  1032 
_refine.ls_percent_reflns_obs                    99.8 
_refine.ls_R_factor_all                          0.223 
_refine.ls_R_factor_obs                          0.223 
_refine.ls_R_factor_R_work                       0.222 
_refine.ls_R_factor_R_free                       0.241 
_refine.ls_redundancy_reflns_obs                 ? 
_refine.pdbx_data_cutoff_high_absF               ? 
_refine.pdbx_data_cutoff_low_absF                ? 
_refine.ls_number_parameters                     ? 
_refine.ls_number_restraints                     ? 
_refine.ls_percent_reflns_R_free                 ? 
_refine.ls_R_factor_R_free_error                 ? 
_refine.ls_R_factor_R_free_error_details         ? 
_refine.pdbx_method_to_determine_struct          'MOLECULAR REPLACEMENT' 
_refine.pdbx_starting_model                      1V37 
_refine.pdbx_ls_cross_valid_method               THROUGHOUT 
_refine.pdbx_R_Free_selection_details            RANDOM 
_refine.pdbx_stereochem_target_val_spec_case     ? 
_refine.pdbx_stereochemistry_target_values       'Engh & Huber' 
_refine.solvent_model_details                    ? 
_refine.solvent_model_param_bsol                 ? 
_refine.solvent_model_param_ksol                 ? 
_refine.occupancy_max                            ? 
_refine.occupancy_min                            ? 
_refine.pdbx_isotropic_thermal_model             Anisotropic 
_refine.B_iso_mean                               25.1 
_refine.aniso_B[1][1]                            2.39 
_refine.aniso_B[1][2]                            0 
_refine.aniso_B[1][3]                            0 
_refine.aniso_B[2][2]                            2.39 
_refine.aniso_B[2][3]                            0 
_refine.aniso_B[3][3]                            -4.78 
_refine.details                                  ? 
_refine.B_iso_min                                ? 
_refine.B_iso_max                                ? 
_refine.correlation_coeff_Fo_to_Fc               ? 
_refine.correlation_coeff_Fo_to_Fc_free          ? 
_refine.pdbx_solvent_vdw_probe_radii             ? 
_refine.pdbx_solvent_ion_probe_radii             ? 
_refine.pdbx_solvent_shrinkage_radii             ? 
_refine.overall_SU_R_Cruickshank_DPI             ? 
_refine.overall_SU_R_free                        ? 
_refine.overall_SU_B                             ? 
_refine.overall_SU_ML                            ? 
_refine.pdbx_overall_ESU_R                       ? 
_refine.pdbx_overall_ESU_R_Free                  ? 
_refine.pdbx_data_cutoff_high_rms_absF           ? 
_refine.ls_wR_factor_R_free                      ? 
_refine.ls_wR_factor_R_work                      ? 
_refine.overall_FOM_free_R_set                   ? 
_refine.overall_FOM_work_R_set                   ? 
_refine.pdbx_refine_id                           'X-RAY DIFFRACTION' 
_refine.pdbx_diffrn_id                           1 
_refine.pdbx_TLS_residual_ADP_flag               ? 
_refine.pdbx_overall_phase_error                 ? 
_refine.pdbx_overall_SU_R_free_Cruickshank_DPI   ? 
_refine.pdbx_overall_SU_R_Blow_DPI               ? 
_refine.pdbx_overall_SU_R_free_Blow_DPI          ? 
# 
_refine_analyze.entry_id                        1V7Q 
_refine_analyze.Luzzati_coordinate_error_obs    0.21 
_refine_analyze.Luzzati_sigma_a_obs             0.15 
_refine_analyze.Luzzati_d_res_low_obs           5.0 
_refine_analyze.Luzzati_coordinate_error_free   0.24 
_refine_analyze.Luzzati_sigma_a_free            0.19 
_refine_analyze.Luzzati_d_res_low_free          ? 
_refine_analyze.number_disordered_residues      ? 
_refine_analyze.occupancy_sum_non_hydrogen      ? 
_refine_analyze.occupancy_sum_hydrogen          ? 
_refine_analyze.pdbx_Luzzati_d_res_high_obs     ? 
_refine_analyze.pdbx_refine_id                  'X-RAY DIFFRACTION' 
# 
_refine_hist.pdbx_refine_id                   'X-RAY DIFFRACTION' 
_refine_hist.cycle_id                         LAST 
_refine_hist.pdbx_number_atoms_protein        1335 
_refine_hist.pdbx_number_atoms_nucleic_acid   0 
_refine_hist.pdbx_number_atoms_ligand         0 
_refine_hist.number_atoms_solvent             127 
_refine_hist.number_atoms_total               1462 
_refine_hist.d_res_high                       1.59 
_refine_hist.d_res_low                        37.57 
# 
loop_
_refine_ls_restr.type 
_refine_ls_restr.dev_ideal 
_refine_ls_restr.dev_ideal_target 
_refine_ls_restr.weight 
_refine_ls_restr.number 
_refine_ls_restr.pdbx_refine_id 
_refine_ls_restr.pdbx_restraint_function 
c_angle_deg 1.3   ? ? ? 'X-RAY DIFFRACTION' ? 
c_bond_d    0.005 ? ? ? 'X-RAY DIFFRACTION' ? 
# 
_refine_ls_shell.pdbx_total_number_of_bins_used   ? 
_refine_ls_shell.d_res_high                       1.59 
_refine_ls_shell.d_res_low                        1.65 
_refine_ls_shell.number_reflns_R_work             ? 
_refine_ls_shell.R_factor_R_work                  0.281 
_refine_ls_shell.percent_reflns_obs               100 
_refine_ls_shell.R_factor_R_free                  0.33 
_refine_ls_shell.R_factor_R_free_error            0.033 
_refine_ls_shell.percent_reflns_R_free            ? 
_refine_ls_shell.number_reflns_R_free             102 
_refine_ls_shell.number_reflns_obs                1908 
_refine_ls_shell.redundancy_reflns_obs            ? 
_refine_ls_shell.number_reflns_all                ? 
_refine_ls_shell.pdbx_refine_id                   'X-RAY DIFFRACTION' 
_refine_ls_shell.R_factor_all                     ? 
# 
_struct.entry_id                  1V7Q 
_struct.title                     'Crystal structure of phosphoglycerate mutase from Thermus thermophilus HB8' 
_struct.pdbx_model_details        ? 
_struct.pdbx_CASP_flag            ? 
_struct.pdbx_model_type_details   ? 
# 
_struct_keywords.entry_id        1V7Q 
_struct_keywords.pdbx_keywords   ISOMERASE 
_struct_keywords.text            
;phosphoglycerate mutase, Thermus thermophilus, RIKEN Structural Genomics/Proteomics Initiative, RSGI, Structural Genomics, ISOMERASE
;
# 
loop_
_struct_asym.id 
_struct_asym.pdbx_blank_PDB_chainid_flag 
_struct_asym.pdbx_modified 
_struct_asym.entity_id 
_struct_asym.details 
A N N 1 ? 
B N N 2 ? 
# 
_struct_biol.id                    1 
_struct_biol.details               'The biological assembly is a monomer.' 
_struct_biol.pdbx_parent_biol_id   ? 
# 
loop_
_struct_conf.conf_type_id 
_struct_conf.id 
_struct_conf.pdbx_PDB_helix_id 
_struct_conf.beg_label_comp_id 
_struct_conf.beg_label_asym_id 
_struct_conf.beg_label_seq_id 
_struct_conf.pdbx_beg_PDB_ins_code 
_struct_conf.end_label_comp_id 
_struct_conf.end_label_asym_id 
_struct_conf.end_label_seq_id 
_struct_conf.pdbx_end_PDB_ins_code 
_struct_conf.beg_auth_comp_id 
_struct_conf.beg_auth_asym_id 
_struct_conf.beg_auth_seq_id 
_struct_conf.end_auth_comp_id 
_struct_conf.end_auth_asym_id 
_struct_conf.end_auth_seq_id 
_struct_conf.pdbx_PDB_helix_class 
_struct_conf.details 
_struct_conf.pdbx_PDB_helix_length 
HELX_P HELX_P1 1 THR A 11  ? GLU A 16  ? THR A 11  GLU A 16  1 ? 6  
HELX_P HELX_P2 2 THR A 28  ? ARG A 37  ? THR A 28  ARG A 37  1 ? 10 
HELX_P HELX_P3 3 LEU A 52  ? ALA A 62  ? LEU A 52  ALA A 62  1 ? 11 
HELX_P HELX_P4 4 PRO A 70  ? ARG A 73  ? PRO A 70  ARG A 73  5 ? 4  
HELX_P HELX_P5 5 PHE A 77  ? GLU A 81  ? PHE A 77  GLU A 81  5 ? 5  
HELX_P HELX_P6 6 ASP A 89  ? PHE A 99  ? ASP A 89  PHE A 99  1 ? 11 
HELX_P HELX_P7 7 SER A 109 ? GLY A 123 ? SER A 109 GLY A 123 1 ? 15 
HELX_P HELX_P8 8 HIS A 133 ? LEU A 144 ? HIS A 133 LEU A 144 1 ? 12 
# 
_struct_conf_type.id          HELX_P 
_struct_conf_type.criteria    ? 
_struct_conf_type.reference   ? 
# 
_struct_mon_prot_cis.pdbx_id                1 
_struct_mon_prot_cis.label_comp_id          TRP 
_struct_mon_prot_cis.label_seq_id           160 
_struct_mon_prot_cis.label_asym_id          A 
_struct_mon_prot_cis.label_alt_id           . 
_struct_mon_prot_cis.pdbx_PDB_ins_code      ? 
_struct_mon_prot_cis.auth_comp_id           TRP 
_struct_mon_prot_cis.auth_seq_id            160 
_struct_mon_prot_cis.auth_asym_id           A 
_struct_mon_prot_cis.pdbx_label_comp_id_2   PRO 
_struct_mon_prot_cis.pdbx_label_seq_id_2    161 
_struct_mon_prot_cis.pdbx_label_asym_id_2   A 
_struct_mon_prot_cis.pdbx_PDB_ins_code_2    ? 
_struct_mon_prot_cis.pdbx_auth_comp_id_2    PRO 
_struct_mon_prot_cis.pdbx_auth_seq_id_2     161 
_struct_mon_prot_cis.pdbx_auth_asym_id_2    A 
_struct_mon_prot_cis.pdbx_PDB_model_num     1 
_struct_mon_prot_cis.pdbx_omega_angle       -0.04 
# 
_struct_sheet.id               A 
_struct_sheet.type             ? 
_struct_sheet.number_strands   6 
_struct_sheet.details          ? 
# 
loop_
_struct_sheet_order.sheet_id 
_struct_sheet_order.range_id_1 
_struct_sheet_order.range_id_2 
_struct_sheet_order.offset 
_struct_sheet_order.sense 
A 1 2 ? parallel      
A 2 3 ? parallel      
A 3 4 ? parallel      
A 4 5 ? anti-parallel 
A 5 6 ? anti-parallel 
# 
loop_
_struct_sheet_range.sheet_id 
_struct_sheet_range.id 
_struct_sheet_range.beg_label_comp_id 
_struct_sheet_range.beg_label_asym_id 
_struct_sheet_range.beg_label_seq_id 
_struct_sheet_range.pdbx_beg_PDB_ins_code 
_struct_sheet_range.end_label_comp_id 
_struct_sheet_range.end_label_asym_id 
_struct_sheet_range.end_label_seq_id 
_struct_sheet_range.pdbx_end_PDB_ins_code 
_struct_sheet_range.beg_auth_comp_id 
_struct_sheet_range.beg_auth_asym_id 
_struct_sheet_range.beg_auth_seq_id 
_struct_sheet_range.end_auth_comp_id 
_struct_sheet_range.end_auth_asym_id 
_struct_sheet_range.end_auth_seq_id 
A 1 ARG A 67  ? LEU A 68  ? ARG A 67  LEU A 68  
A 2 ALA A 47  ? SER A 49  ? ALA A 47  SER A 49  
A 3 ALA A 128 ? THR A 132 ? ALA A 128 THR A 132 
A 4 GLU A 2   ? ARG A 7   ? GLU A 2   ARG A 7   
A 5 ALA A 155 ? ASP A 159 ? ALA A 155 ASP A 159 
A 6 ARG A 163 ? LEU A 168 ? ARG A 163 LEU A 168 
# 
loop_
_pdbx_struct_sheet_hbond.sheet_id 
_pdbx_struct_sheet_hbond.range_id_1 
_pdbx_struct_sheet_hbond.range_id_2 
_pdbx_struct_sheet_hbond.range_1_label_atom_id 
_pdbx_struct_sheet_hbond.range_1_label_comp_id 
_pdbx_struct_sheet_hbond.range_1_label_asym_id 
_pdbx_struct_sheet_hbond.range_1_label_seq_id 
_pdbx_struct_sheet_hbond.range_1_PDB_ins_code 
_pdbx_struct_sheet_hbond.range_1_auth_atom_id 
_pdbx_struct_sheet_hbond.range_1_auth_comp_id 
_pdbx_struct_sheet_hbond.range_1_auth_asym_id 
_pdbx_struct_sheet_hbond.range_1_auth_seq_id 
_pdbx_struct_sheet_hbond.range_2_label_atom_id 
_pdbx_struct_sheet_hbond.range_2_label_comp_id 
_pdbx_struct_sheet_hbond.range_2_label_asym_id 
_pdbx_struct_sheet_hbond.range_2_label_seq_id 
_pdbx_struct_sheet_hbond.range_2_PDB_ins_code 
_pdbx_struct_sheet_hbond.range_2_auth_atom_id 
_pdbx_struct_sheet_hbond.range_2_auth_comp_id 
_pdbx_struct_sheet_hbond.range_2_auth_asym_id 
_pdbx_struct_sheet_hbond.range_2_auth_seq_id 
A 1 2 O ARG A 67  ? O ARG A 67  N SER A 49  ? N SER A 49  
A 2 3 N PHE A 48  ? N PHE A 48  O PHE A 131 ? O PHE A 131 
A 3 4 O LEU A 130 ? O LEU A 130 N TRP A 4   ? N TRP A 4   
A 4 5 N LEU A 5   ? N LEU A 5   O VAL A 156 ? O VAL A 156 
A 5 6 N ALA A 157 ? N ALA A 157 O VAL A 166 ? O VAL A 166 
# 
_atom_sites.entry_id                    1V7Q 
_atom_sites.fract_transf_matrix[1][1]   -0.01130406 
_atom_sites.fract_transf_matrix[1][2]   -0.00899775 
_atom_sites.fract_transf_matrix[1][3]   -0.01834852 
_atom_sites.fract_transf_matrix[2][1]   -0.01622116 
_atom_sites.fract_transf_matrix[2][2]   0.01670437 
_atom_sites.fract_transf_matrix[2][3]   0.00180195 
_atom_sites.fract_transf_matrix[3][1]   0.00340046 
_atom_sites.fract_transf_matrix[3][2]   0.00372514 
_atom_sites.fract_transf_matrix[3][3]   -0.00392167 
_atom_sites.fract_transf_vector[1]      0.492961 
_atom_sites.fract_transf_vector[2]      0.008375 
_atom_sites.fract_transf_vector[3]      0.220410 
# 
loop_
_atom_type.symbol 
C 
N 
O 
S 
# 
loop_
_atom_site.group_PDB 
_atom_site.id 
_atom_site.type_symbol 
_atom_site.label_atom_id 
_atom_site.label_alt_id 
_atom_site.label_comp_id 
_atom_site.label_asym_id 
_atom_site.label_entity_id 
_atom_site.label_seq_id 
_atom_site.pdbx_PDB_ins_code 
_atom_site.Cartn_x 
_atom_site.Cartn_y 
_atom_site.Cartn_z 
_atom_site.occupancy 
_atom_site.B_iso_or_equiv 
_atom_site.pdbx_formal_charge 
_atom_site.auth_seq_id 
_atom_site.auth_comp_id 
_atom_site.auth_asym_id 
_atom_site.auth_atom_id 
_atom_site.pdbx_PDB_model_num 
ATOM   1    N N   . MET A 1 1   ? -14.402 7.248   10.702  1.00 28.86 ? 1   MET A N   1 
ATOM   2    C CA  . MET A 1 1   ? -14.739 6.331   9.572   1.00 27.60 ? 1   MET A CA  1 
ATOM   3    C C   . MET A 1 1   ? -13.802 5.126   9.583   1.00 26.06 ? 1   MET A C   1 
ATOM   4    O O   . MET A 1 1   ? -12.595 5.265   9.386   1.00 24.65 ? 1   MET A O   1 
ATOM   5    C CB  . MET A 1 1   ? -14.602 7.068   8.237   1.00 30.60 ? 1   MET A CB  1 
ATOM   6    C CG  . MET A 1 1   ? -15.054 6.261   7.034   1.00 33.73 ? 1   MET A CG  1 
ATOM   7    S SD  . MET A 1 1   ? -16.815 5.885   7.099   1.00 37.03 ? 1   MET A SD  1 
ATOM   8    C CE  . MET A 1 1   ? -17.479 7.341   6.291   1.00 38.12 ? 1   MET A CE  1 
ATOM   9    N N   . GLU A 1 2   ? -14.363 3.943   9.808   1.00 23.89 ? 2   GLU A N   1 
ATOM   10   C CA  . GLU A 1 2   ? -13.566 2.723   9.847   1.00 22.11 ? 2   GLU A CA  1 
ATOM   11   C C   . GLU A 1 2   ? -13.108 2.333   8.451   1.00 21.50 ? 2   GLU A C   1 
ATOM   12   O O   . GLU A 1 2   ? -13.926 2.083   7.563   1.00 20.19 ? 2   GLU A O   1 
ATOM   13   C CB  . GLU A 1 2   ? -14.383 1.582   10.450  1.00 23.14 ? 2   GLU A CB  1 
ATOM   14   C CG  . GLU A 1 2   ? -13.575 0.327   10.752  1.00 24.00 ? 2   GLU A CG  1 
ATOM   15   C CD  . GLU A 1 2   ? -14.437 -0.778  11.337  1.00 27.61 ? 2   GLU A CD  1 
ATOM   16   O OE1 . GLU A 1 2   ? -15.237 -0.479  12.252  1.00 27.68 ? 2   GLU A OE1 1 
ATOM   17   O OE2 . GLU A 1 2   ? -14.310 -1.937  10.890  1.00 27.57 ? 2   GLU A OE2 1 
ATOM   18   N N   . LEU A 1 3   ? -11.796 2.282   8.262   1.00 19.67 ? 3   LEU A N   1 
ATOM   19   C CA  . LEU A 1 3   ? -11.232 1.911   6.972   1.00 20.23 ? 3   LEU A CA  1 
ATOM   20   C C   . LEU A 1 3   ? -10.181 0.838   7.192   1.00 19.17 ? 3   LEU A C   1 
ATOM   21   O O   . LEU A 1 3   ? -9.347  0.945   8.091   1.00 20.07 ? 3   LEU A O   1 
ATOM   22   C CB  . LEU A 1 3   ? -10.583 3.123   6.287   1.00 20.14 ? 3   LEU A CB  1 
ATOM   23   C CG  . LEU A 1 3   ? -11.444 4.346   5.948   1.00 20.90 ? 3   LEU A CG  1 
ATOM   24   C CD1 . LEU A 1 3   ? -10.546 5.427   5.360   1.00 22.47 ? 3   LEU A CD1 1 
ATOM   25   C CD2 . LEU A 1 3   ? -12.553 3.980   4.972   1.00 20.61 ? 3   LEU A CD2 1 
ATOM   26   N N   . TRP A 1 4   ? -10.241 -0.212  6.386   1.00 17.08 ? 4   TRP A N   1 
ATOM   27   C CA  . TRP A 1 4   ? -9.275  -1.289  6.479   1.00 16.99 ? 4   TRP A CA  1 
ATOM   28   C C   . TRP A 1 4   ? -8.289  -1.116  5.337   1.00 16.58 ? 4   TRP A C   1 
ATOM   29   O O   . TRP A 1 4   ? -8.680  -1.046  4.173   1.00 18.63 ? 4   TRP A O   1 
ATOM   30   C CB  . TRP A 1 4   ? -9.964  -2.650  6.382   1.00 17.94 ? 4   TRP A CB  1 
ATOM   31   C CG  . TRP A 1 4   ? -10.668 -3.023  7.640   1.00 17.45 ? 4   TRP A CG  1 
ATOM   32   C CD1 . TRP A 1 4   ? -11.830 -2.494  8.117   1.00 18.81 ? 4   TRP A CD1 1 
ATOM   33   C CD2 . TRP A 1 4   ? -10.224 -3.968  8.621   1.00 18.51 ? 4   TRP A CD2 1 
ATOM   34   N NE1 . TRP A 1 4   ? -12.137 -3.046  9.336   1.00 19.27 ? 4   TRP A NE1 1 
ATOM   35   C CE2 . TRP A 1 4   ? -11.169 -3.956  9.670   1.00 19.20 ? 4   TRP A CE2 1 
ATOM   36   C CE3 . TRP A 1 4   ? -9.117  -4.822  8.717   1.00 19.82 ? 4   TRP A CE3 1 
ATOM   37   C CZ2 . TRP A 1 4   ? -11.041 -4.764  10.802  1.00 19.91 ? 4   TRP A CZ2 1 
ATOM   38   C CZ3 . TRP A 1 4   ? -8.990  -5.628  9.846   1.00 23.46 ? 4   TRP A CZ3 1 
ATOM   39   C CH2 . TRP A 1 4   ? -9.948  -5.591  10.871  1.00 21.59 ? 4   TRP A CH2 1 
ATOM   40   N N   . LEU A 1 5   ? -7.015  -1.019  5.686   1.00 15.55 ? 5   LEU A N   1 
ATOM   41   C CA  . LEU A 1 5   ? -5.966  -0.849  4.694   1.00 16.80 ? 5   LEU A CA  1 
ATOM   42   C C   . LEU A 1 5   ? -5.244  -2.182  4.610   1.00 15.03 ? 5   LEU A C   1 
ATOM   43   O O   . LEU A 1 5   ? -4.652  -2.630  5.588   1.00 16.36 ? 5   LEU A O   1 
ATOM   44   C CB  . LEU A 1 5   ? -4.991  0.236   5.146   1.00 19.04 ? 5   LEU A CB  1 
ATOM   45   C CG  . LEU A 1 5   ? -5.666  1.493   5.693   1.00 21.48 ? 5   LEU A CG  1 
ATOM   46   C CD1 . LEU A 1 5   ? -4.621  2.398   6.315   1.00 24.98 ? 5   LEU A CD1 1 
ATOM   47   C CD2 . LEU A 1 5   ? -6.426  2.188   4.587   1.00 26.69 ? 5   LEU A CD2 1 
ATOM   48   N N   . VAL A 1 6   ? -5.309  -2.815  3.445   1.00 14.40 ? 6   VAL A N   1 
ATOM   49   C CA  . VAL A 1 6   ? -4.657  -4.101  3.240   1.00 14.80 ? 6   VAL A CA  1 
ATOM   50   C C   . VAL A 1 6   ? -3.432  -3.963  2.340   1.00 14.34 ? 6   VAL A C   1 
ATOM   51   O O   . VAL A 1 6   ? -3.532  -3.520  1.198   1.00 14.75 ? 6   VAL A O   1 
ATOM   52   C CB  . VAL A 1 6   ? -5.630  -5.120  2.594   1.00 16.33 ? 6   VAL A CB  1 
ATOM   53   C CG1 . VAL A 1 6   ? -4.908  -6.438  2.328   1.00 15.40 ? 6   VAL A CG1 1 
ATOM   54   C CG2 . VAL A 1 6   ? -6.829  -5.351  3.516   1.00 18.72 ? 6   VAL A CG2 1 
ATOM   55   N N   . ARG A 1 7   ? -2.272  -4.327  2.870   1.00 15.25 ? 7   ARG A N   1 
ATOM   56   C CA  . ARG A 1 7   ? -1.047  -4.283  2.090   1.00 16.16 ? 7   ARG A CA  1 
ATOM   57   C C   . ARG A 1 7   ? -1.002  -5.600  1.318   1.00 18.11 ? 7   ARG A C   1 
ATOM   58   O O   . ARG A 1 7   ? -1.161  -6.668  1.911   1.00 18.89 ? 7   ARG A O   1 
ATOM   59   C CB  . ARG A 1 7   ? 0.167   -4.177  3.016   1.00 19.25 ? 7   ARG A CB  1 
ATOM   60   C CG  . ARG A 1 7   ? 1.495   -4.132  2.292   1.00 21.77 ? 7   ARG A CG  1 
ATOM   61   C CD  . ARG A 1 7   ? 2.645   -3.941  3.272   1.00 25.44 ? 7   ARG A CD  1 
ATOM   62   N NE  . ARG A 1 7   ? 3.916   -3.804  2.572   1.00 29.21 ? 7   ARG A NE  1 
ATOM   63   C CZ  . ARG A 1 7   ? 5.084   -3.574  3.167   1.00 32.90 ? 7   ARG A CZ  1 
ATOM   64   N NH1 . ARG A 1 7   ? 5.155   -3.455  4.486   1.00 34.46 ? 7   ARG A NH1 1 
ATOM   65   N NH2 . ARG A 1 7   ? 6.185   -3.456  2.439   1.00 32.88 ? 7   ARG A NH2 1 
ATOM   66   N N   . HIS A 1 8   ? -0.800  -5.528  0.004   1.00 16.42 ? 8   HIS A N   1 
ATOM   67   C CA  . HIS A 1 8   ? -0.761  -6.737  -0.806  1.00 17.41 ? 8   HIS A CA  1 
ATOM   68   C C   . HIS A 1 8   ? 0.368   -7.657  -0.369  1.00 19.08 ? 8   HIS A C   1 
ATOM   69   O O   . HIS A 1 8   ? 1.327   -7.230  0.277   1.00 19.13 ? 8   HIS A O   1 
ATOM   70   C CB  . HIS A 1 8   ? -0.607  -6.393  -2.291  1.00 18.17 ? 8   HIS A CB  1 
ATOM   71   C CG  . HIS A 1 8   ? 0.678   -5.701  -2.620  1.00 16.54 ? 8   HIS A CG  1 
ATOM   72   N ND1 . HIS A 1 8   ? 1.893   -6.353  -2.636  1.00 15.63 ? 8   HIS A ND1 1 
ATOM   73   C CD2 . HIS A 1 8   ? 0.939   -4.409  -2.923  1.00 17.39 ? 8   HIS A CD2 1 
ATOM   74   C CE1 . HIS A 1 8   ? 2.847   -5.489  -2.934  1.00 18.01 ? 8   HIS A CE1 1 
ATOM   75   N NE2 . HIS A 1 8   ? 2.294   -4.302  -3.112  1.00 17.49 ? 8   HIS A NE2 1 
ATOM   76   N N   . GLY A 1 9   ? 0.236   -8.926  -0.732  1.00 20.59 ? 9   GLY A N   1 
ATOM   77   C CA  . GLY A 1 9   ? 1.232   -9.913  -0.373  1.00 22.12 ? 9   GLY A CA  1 
ATOM   78   C C   . GLY A 1 9   ? 2.563   -9.752  -1.076  1.00 20.12 ? 9   GLY A C   1 
ATOM   79   O O   . GLY A 1 9   ? 2.799   -8.795  -1.809  1.00 22.05 ? 9   GLY A O   1 
ATOM   80   N N   . GLU A 1 10  ? 3.437   -10.718 -0.845  1.00 18.85 ? 10  GLU A N   1 
ATOM   81   C CA  . GLU A 1 10  ? 4.772   -10.715 -1.412  1.00 19.47 ? 10  GLU A CA  1 
ATOM   82   C C   . GLU A 1 10  ? 4.876   -10.802 -2.937  1.00 18.75 ? 10  GLU A C   1 
ATOM   83   O O   . GLU A 1 10  ? 4.116   -11.524 -3.594  1.00 16.65 ? 10  GLU A O   1 
ATOM   84   C CB  . GLU A 1 10  ? 5.563   -11.870 -0.789  1.00 21.01 ? 10  GLU A CB  1 
ATOM   85   C CG  . GLU A 1 10  ? 6.860   -12.237 -1.496  1.00 22.15 ? 10  GLU A CG  1 
ATOM   86   C CD  . GLU A 1 10  ? 7.455   -13.510 -0.938  1.00 23.56 ? 10  GLU A CD  1 
ATOM   87   O OE1 . GLU A 1 10  ? 8.102   -13.450 0.127   1.00 24.45 ? 10  GLU A OE1 1 
ATOM   88   O OE2 . GLU A 1 10  ? 7.251   -14.578 -1.553  1.00 20.83 ? 10  GLU A OE2 1 
ATOM   89   N N   . THR A 1 11  ? 5.817   -10.033 -3.481  1.00 18.87 ? 11  THR A N   1 
ATOM   90   C CA  . THR A 1 11  ? 6.145   -10.059 -4.906  1.00 18.08 ? 11  THR A CA  1 
ATOM   91   C C   . THR A 1 11  ? 7.639   -10.337 -4.832  1.00 18.33 ? 11  THR A C   1 
ATOM   92   O O   . THR A 1 11  ? 8.240   -10.190 -3.768  1.00 18.63 ? 11  THR A O   1 
ATOM   93   C CB  . THR A 1 11  ? 5.960   -8.706  -5.630  1.00 18.98 ? 11  THR A CB  1 
ATOM   94   O OG1 . THR A 1 11  ? 6.880   -7.744  -5.099  1.00 19.04 ? 11  THR A OG1 1 
ATOM   95   C CG2 . THR A 1 11  ? 4.531   -8.203  -5.487  1.00 19.13 ? 11  THR A CG2 1 
ATOM   96   N N   . LEU A 1 12  ? 8.252   -10.728 -5.937  1.00 17.78 ? 12  LEU A N   1 
ATOM   97   C CA  . LEU A 1 12  ? 9.677   -11.021 -5.893  1.00 18.38 ? 12  LEU A CA  1 
ATOM   98   C C   . LEU A 1 12  ? 10.540  -9.864  -5.372  1.00 19.75 ? 12  LEU A C   1 
ATOM   99   O O   . LEU A 1 12  ? 11.468  -10.087 -4.609  1.00 18.95 ? 12  LEU A O   1 
ATOM   100  C CB  . LEU A 1 12  ? 10.179  -11.445 -7.268  1.00 20.54 ? 12  LEU A CB  1 
ATOM   101  C CG  . LEU A 1 12  ? 11.661  -11.836 -7.242  1.00 22.29 ? 12  LEU A CG  1 
ATOM   102  C CD1 . LEU A 1 12  ? 11.846  -13.071 -6.389  1.00 21.53 ? 12  LEU A CD1 1 
ATOM   103  C CD2 . LEU A 1 12  ? 12.155  -12.082 -8.659  1.00 22.95 ? 12  LEU A CD2 1 
ATOM   104  N N   . TRP A 1 13  ? 10.238  -8.632  -5.771  1.00 21.16 ? 13  TRP A N   1 
ATOM   105  C CA  . TRP A 1 13  ? 11.042  -7.502  -5.305  1.00 23.75 ? 13  TRP A CA  1 
ATOM   106  C C   . TRP A 1 13  ? 10.878  -7.191  -3.820  1.00 26.15 ? 13  TRP A C   1 
ATOM   107  O O   . TRP A 1 13  ? 11.795  -6.662  -3.194  1.00 26.90 ? 13  TRP A O   1 
ATOM   108  C CB  . TRP A 1 13  ? 10.741  -6.256  -6.138  1.00 22.48 ? 13  TRP A CB  1 
ATOM   109  C CG  . TRP A 1 13  ? 11.244  -6.363  -7.545  1.00 20.28 ? 13  TRP A CG  1 
ATOM   110  C CD1 . TRP A 1 13  ? 11.924  -7.411  -8.096  1.00 21.53 ? 13  TRP A CD1 1 
ATOM   111  C CD2 . TRP A 1 13  ? 11.103  -5.386  -8.583  1.00 21.30 ? 13  TRP A CD2 1 
ATOM   112  N NE1 . TRP A 1 13  ? 12.218  -7.150  -9.410  1.00 22.90 ? 13  TRP A NE1 1 
ATOM   113  C CE2 . TRP A 1 13  ? 11.725  -5.913  -9.738  1.00 21.83 ? 13  TRP A CE2 1 
ATOM   114  C CE3 . TRP A 1 13  ? 10.511  -4.117  -8.650  1.00 18.86 ? 13  TRP A CE3 1 
ATOM   115  C CZ2 . TRP A 1 13  ? 11.772  -5.215  -10.949 1.00 22.22 ? 13  TRP A CZ2 1 
ATOM   116  C CZ3 . TRP A 1 13  ? 10.556  -3.421  -9.853  1.00 19.63 ? 13  TRP A CZ3 1 
ATOM   117  C CH2 . TRP A 1 13  ? 11.184  -3.974  -10.988 1.00 21.64 ? 13  TRP A CH2 1 
ATOM   118  N N   . ASN A 1 14  ? 9.718   -7.518  -3.259  1.00 27.19 ? 14  ASN A N   1 
ATOM   119  C CA  . ASN A 1 14  ? 9.472   -7.270  -1.843  1.00 31.21 ? 14  ASN A CA  1 
ATOM   120  C C   . ASN A 1 14  ? 10.389  -8.135  -0.984  1.00 33.26 ? 14  ASN A C   1 
ATOM   121  O O   . ASN A 1 14  ? 10.708  -7.776  0.148   1.00 34.07 ? 14  ASN A O   1 
ATOM   122  C CB  . ASN A 1 14  ? 8.010   -7.560  -1.486  1.00 30.48 ? 14  ASN A CB  1 
ATOM   123  C CG  . ASN A 1 14  ? 7.067   -6.478  -1.969  1.00 32.55 ? 14  ASN A CG  1 
ATOM   124  O OD1 . ASN A 1 14  ? 7.170   -5.323  -1.556  1.00 33.91 ? 14  ASN A OD1 1 
ATOM   125  N ND2 . ASN A 1 14  ? 6.140   -6.844  -2.842  1.00 28.47 ? 14  ASN A ND2 1 
ATOM   126  N N   . ARG A 1 15  ? 10.814  -9.276  -1.517  1.00 36.00 ? 15  ARG A N   1 
ATOM   127  C CA  . ARG A 1 15  ? 11.694  -10.155 -0.760  1.00 38.74 ? 15  ARG A CA  1 
ATOM   128  C C   . ARG A 1 15  ? 13.165  -9.991  -1.144  1.00 39.58 ? 15  ARG A C   1 
ATOM   129  O O   . ARG A 1 15  ? 14.044  -10.483 -0.436  1.00 42.16 ? 15  ARG A O   1 
ATOM   130  C CB  . ARG A 1 15  ? 11.269  -11.625 -0.917  1.00 39.63 ? 15  ARG A CB  1 
ATOM   131  C CG  . ARG A 1 15  ? 11.476  -12.219 -2.297  1.00 40.90 ? 15  ARG A CG  1 
ATOM   132  C CD  . ARG A 1 15  ? 11.008  -13.680 -2.370  1.00 41.35 ? 15  ARG A CD  1 
ATOM   133  N NE  . ARG A 1 15  ? 11.833  -14.596 -1.580  1.00 41.46 ? 15  ARG A NE  1 
ATOM   134  C CZ  . ARG A 1 15  ? 11.534  -15.025 -0.357  1.00 40.35 ? 15  ARG A CZ  1 
ATOM   135  N NH1 . ARG A 1 15  ? 10.421  -14.628 0.244   1.00 41.91 ? 15  ARG A NH1 1 
ATOM   136  N NH2 . ARG A 1 15  ? 12.350  -15.863 0.269   1.00 43.22 ? 15  ARG A NH2 1 
ATOM   137  N N   . GLU A 1 16  ? 13.436  -9.288  -2.243  1.00 39.17 ? 16  GLU A N   1 
ATOM   138  C CA  . GLU A 1 16  ? 14.815  -9.085  -2.693  1.00 39.09 ? 16  GLU A CA  1 
ATOM   139  C C   . GLU A 1 16  ? 15.339  -7.652  -2.589  1.00 39.23 ? 16  GLU A C   1 
ATOM   140  O O   . GLU A 1 16  ? 16.282  -7.279  -3.293  1.00 38.54 ? 16  GLU A O   1 
ATOM   141  C CB  . GLU A 1 16  ? 14.985  -9.570  -4.133  1.00 39.06 ? 16  GLU A CB  1 
ATOM   142  C CG  . GLU A 1 16  ? 14.673  -11.041 -4.327  1.00 41.07 ? 16  GLU A CG  1 
ATOM   143  C CD  . GLU A 1 16  ? 15.242  -11.595 -5.616  1.00 41.33 ? 16  GLU A CD  1 
ATOM   144  O OE1 . GLU A 1 16  ? 15.046  -10.960 -6.672  1.00 41.29 ? 16  GLU A OE1 1 
ATOM   145  O OE2 . GLU A 1 16  ? 15.883  -12.669 -5.572  1.00 41.20 ? 16  GLU A OE2 1 
ATOM   146  N N   . GLY A 1 17  ? 14.727  -6.855  -1.719  1.00 38.98 ? 17  GLY A N   1 
ATOM   147  C CA  . GLY A 1 17  ? 15.163  -5.480  -1.527  1.00 37.46 ? 17  GLY A CA  1 
ATOM   148  C C   . GLY A 1 17  ? 15.205  -4.570  -2.744  1.00 36.25 ? 17  GLY A C   1 
ATOM   149  O O   . GLY A 1 17  ? 16.217  -3.909  -3.002  1.00 35.98 ? 17  GLY A O   1 
ATOM   150  N N   . ARG A 1 18  ? 14.113  -4.527  -3.500  1.00 32.69 ? 18  ARG A N   1 
ATOM   151  C CA  . ARG A 1 18  ? 14.043  -3.665  -4.671  1.00 29.11 ? 18  ARG A CA  1 
ATOM   152  C C   . ARG A 1 18  ? 12.799  -2.785  -4.597  1.00 25.34 ? 18  ARG A C   1 
ATOM   153  O O   . ARG A 1 18  ? 11.724  -3.248  -4.226  1.00 23.10 ? 18  ARG A O   1 
ATOM   154  C CB  . ARG A 1 18  ? 14.020  -4.496  -5.961  1.00 31.59 ? 18  ARG A CB  1 
ATOM   155  C CG  . ARG A 1 18  ? 15.370  -5.100  -6.347  1.00 33.59 ? 18  ARG A CG  1 
ATOM   156  C CD  . ARG A 1 18  ? 15.279  -5.823  -7.684  1.00 37.83 ? 18  ARG A CD  1 
ATOM   157  N NE  . ARG A 1 18  ? 16.561  -6.377  -8.122  1.00 41.60 ? 18  ARG A NE  1 
ATOM   158  C CZ  . ARG A 1 18  ? 17.616  -5.647  -8.474  1.00 43.15 ? 18  ARG A CZ  1 
ATOM   159  N NH1 . ARG A 1 18  ? 17.554  -4.323  -8.445  1.00 44.62 ? 18  ARG A NH1 1 
ATOM   160  N NH2 . ARG A 1 18  ? 18.734  -6.243  -8.863  1.00 45.51 ? 18  ARG A NH2 1 
ATOM   161  N N   . LEU A 1 19  ? 12.953  -1.508  -4.931  1.00 20.47 ? 19  LEU A N   1 
ATOM   162  C CA  . LEU A 1 19  ? 11.824  -0.583  -4.902  1.00 19.55 ? 19  LEU A CA  1 
ATOM   163  C C   . LEU A 1 19  ? 10.782  -1.008  -5.930  1.00 18.04 ? 19  LEU A C   1 
ATOM   164  O O   . LEU A 1 19  ? 11.098  -1.206  -7.103  1.00 19.85 ? 19  LEU A O   1 
ATOM   165  C CB  . LEU A 1 19  ? 12.299  0.844   -5.199  1.00 19.35 ? 19  LEU A CB  1 
ATOM   166  C CG  . LEU A 1 19  ? 13.281  1.435   -4.186  1.00 19.10 ? 19  LEU A CG  1 
ATOM   167  C CD1 . LEU A 1 19  ? 13.625  2.864   -4.590  1.00 19.49 ? 19  LEU A CD1 1 
ATOM   168  C CD2 . LEU A 1 19  ? 12.671  1.415   -2.797  1.00 20.50 ? 19  LEU A CD2 1 
ATOM   169  N N   . LEU A 1 20  ? 9.540   -1.143  -5.477  1.00 16.20 ? 20  LEU A N   1 
ATOM   170  C CA  . LEU A 1 20  ? 8.435   -1.557  -6.338  1.00 16.51 ? 20  LEU A CA  1 
ATOM   171  C C   . LEU A 1 20  ? 7.292   -0.547  -6.263  1.00 17.28 ? 20  LEU A C   1 
ATOM   172  O O   . LEU A 1 20  ? 6.604   -0.448  -5.246  1.00 19.40 ? 20  LEU A O   1 
ATOM   173  C CB  . LEU A 1 20  ? 7.925   -2.941  -5.909  1.00 17.93 ? 20  LEU A CB  1 
ATOM   174  C CG  . LEU A 1 20  ? 6.688   -3.472  -6.647  1.00 17.06 ? 20  LEU A CG  1 
ATOM   175  C CD1 . LEU A 1 20  ? 6.970   -3.548  -8.139  1.00 19.98 ? 20  LEU A CD1 1 
ATOM   176  C CD2 . LEU A 1 20  ? 6.313   -4.840  -6.107  1.00 19.57 ? 20  LEU A CD2 1 
ATOM   177  N N   . GLY A 1 21  ? 7.084   0.189   -7.351  1.00 16.24 ? 21  GLY A N   1 
ATOM   178  C CA  . GLY A 1 21  ? 6.025   1.182   -7.375  1.00 16.06 ? 21  GLY A CA  1 
ATOM   179  C C   . GLY A 1 21  ? 4.973   0.888   -8.430  1.00 16.17 ? 21  GLY A C   1 
ATOM   180  O O   . GLY A 1 21  ? 4.021   0.142   -8.181  1.00 16.37 ? 21  GLY A O   1 
ATOM   181  N N   . TRP A 1 22  ? 5.145   1.463   -9.619  1.00 16.58 ? 22  TRP A N   1 
ATOM   182  C CA  . TRP A 1 22  ? 4.180   1.233   -10.687 1.00 16.06 ? 22  TRP A CA  1 
ATOM   183  C C   . TRP A 1 22  ? 4.506   0.044   -11.578 1.00 16.40 ? 22  TRP A C   1 
ATOM   184  O O   . TRP A 1 22  ? 3.698   -0.324  -12.428 1.00 17.08 ? 22  TRP A O   1 
ATOM   185  C CB  . TRP A 1 22  ? 4.009   2.495   -11.532 1.00 15.91 ? 22  TRP A CB  1 
ATOM   186  C CG  . TRP A 1 22  ? 3.172   3.532   -10.860 1.00 17.48 ? 22  TRP A CG  1 
ATOM   187  C CD1 . TRP A 1 22  ? 2.805   3.565   -9.542  1.00 17.80 ? 22  TRP A CD1 1 
ATOM   188  C CD2 . TRP A 1 22  ? 2.637   4.718   -11.454 1.00 18.37 ? 22  TRP A CD2 1 
ATOM   189  N NE1 . TRP A 1 22  ? 2.077   4.700   -9.281  1.00 17.16 ? 22  TRP A NE1 1 
ATOM   190  C CE2 . TRP A 1 22  ? 1.959   5.427   -10.438 1.00 18.79 ? 22  TRP A CE2 1 
ATOM   191  C CE3 . TRP A 1 22  ? 2.666   5.253   -12.750 1.00 20.18 ? 22  TRP A CE3 1 
ATOM   192  C CZ2 . TRP A 1 22  ? 1.315   6.646   -10.677 1.00 19.76 ? 22  TRP A CZ2 1 
ATOM   193  C CZ3 . TRP A 1 22  ? 2.028   6.463   -12.987 1.00 20.63 ? 22  TRP A CZ3 1 
ATOM   194  C CH2 . TRP A 1 22  ? 1.360   7.146   -11.953 1.00 20.75 ? 22  TRP A CH2 1 
ATOM   195  N N   . THR A 1 23  ? 5.689   -0.545  -11.403 1.00 16.28 ? 23  THR A N   1 
ATOM   196  C CA  . THR A 1 23  ? 6.049   -1.724  -12.181 1.00 16.46 ? 23  THR A CA  1 
ATOM   197  C C   . THR A 1 23  ? 4.956   -2.715  -11.780 1.00 17.95 ? 23  THR A C   1 
ATOM   198  O O   . THR A 1 23  ? 4.698   -2.913  -10.592 1.00 16.69 ? 23  THR A O   1 
ATOM   199  C CB  . THR A 1 23  ? 7.448   -2.248  -11.784 1.00 18.26 ? 23  THR A CB  1 
ATOM   200  O OG1 . THR A 1 23  ? 8.420   -1.221  -12.023 1.00 17.72 ? 23  THR A OG1 1 
ATOM   201  C CG2 . THR A 1 23  ? 7.820   -3.470  -12.607 1.00 16.83 ? 23  THR A CG2 1 
ATOM   202  N N   . ASP A 1 24  ? 4.305   -3.314  -12.771 1.00 16.81 ? 24  ASP A N   1 
ATOM   203  C CA  . ASP A 1 24  ? 3.190   -4.221  -12.531 1.00 18.90 ? 24  ASP A CA  1 
ATOM   204  C C   . ASP A 1 24  ? 3.560   -5.676  -12.253 1.00 18.08 ? 24  ASP A C   1 
ATOM   205  O O   . ASP A 1 24  ? 3.125   -6.586  -12.964 1.00 20.02 ? 24  ASP A O   1 
ATOM   206  C CB  . ASP A 1 24  ? 2.235   -4.143  -13.727 1.00 21.29 ? 24  ASP A CB  1 
ATOM   207  C CG  . ASP A 1 24  ? 0.784   -4.327  -13.335 1.00 21.51 ? 24  ASP A CG  1 
ATOM   208  O OD1 . ASP A 1 24  ? 0.499   -4.561  -12.141 1.00 20.41 ? 24  ASP A OD1 1 
ATOM   209  O OD2 . ASP A 1 24  ? -0.076  -4.235  -14.233 1.00 24.54 ? 24  ASP A OD2 1 
ATOM   210  N N   . LEU A 1 25  ? 4.347   -5.898  -11.207 1.00 18.57 ? 25  LEU A N   1 
ATOM   211  C CA  . LEU A 1 25  ? 4.768   -7.246  -10.848 1.00 18.66 ? 25  LEU A CA  1 
ATOM   212  C C   . LEU A 1 25  ? 3.661   -8.059  -10.194 1.00 18.03 ? 25  LEU A C   1 
ATOM   213  O O   . LEU A 1 25  ? 2.833   -7.530  -9.445  1.00 18.00 ? 25  LEU A O   1 
ATOM   214  C CB  . LEU A 1 25  ? 5.962   -7.212  -9.895  1.00 21.22 ? 25  LEU A CB  1 
ATOM   215  C CG  . LEU A 1 25  ? 7.340   -6.873  -10.457 1.00 24.31 ? 25  LEU A CG  1 
ATOM   216  C CD1 . LEU A 1 25  ? 8.361   -7.022  -9.341  1.00 27.66 ? 25  LEU A CD1 1 
ATOM   217  C CD2 . LEU A 1 25  ? 7.687   -7.799  -11.615 1.00 25.00 ? 25  LEU A CD2 1 
ATOM   218  N N   . PRO A 1 26  ? 3.647   -9.370  -10.454 1.00 17.89 ? 26  PRO A N   1 
ATOM   219  C CA  . PRO A 1 26  ? 2.632   -10.247 -9.874  1.00 16.77 ? 26  PRO A CA  1 
ATOM   220  C C   . PRO A 1 26  ? 3.050   -10.740 -8.492  1.00 15.97 ? 26  PRO A C   1 
ATOM   221  O O   . PRO A 1 26  ? 4.222   -10.658 -8.114  1.00 17.67 ? 26  PRO A O   1 
ATOM   222  C CB  . PRO A 1 26  ? 2.573   -11.389 -10.878 1.00 16.81 ? 26  PRO A CB  1 
ATOM   223  C CG  . PRO A 1 26  ? 4.031   -11.544 -11.235 1.00 17.07 ? 26  PRO A CG  1 
ATOM   224  C CD  . PRO A 1 26  ? 4.472   -10.103 -11.439 1.00 17.38 ? 26  PRO A CD  1 
ATOM   225  N N   . LEU A 1 27  ? 2.085   -11.256 -7.738  1.00 16.34 ? 27  LEU A N   1 
ATOM   226  C CA  . LEU A 1 27  ? 2.369   -11.806 -6.420  1.00 14.85 ? 27  LEU A CA  1 
ATOM   227  C C   . LEU A 1 27  ? 3.122   -13.120 -6.624  1.00 15.13 ? 27  LEU A C   1 
ATOM   228  O O   . LEU A 1 27  ? 2.945   -13.783 -7.643  1.00 15.44 ? 27  LEU A O   1 
ATOM   229  C CB  . LEU A 1 27  ? 1.070   -12.134 -5.683  1.00 15.29 ? 27  LEU A CB  1 
ATOM   230  C CG  . LEU A 1 27  ? 0.095   -11.027 -5.302  1.00 15.39 ? 27  LEU A CG  1 
ATOM   231  C CD1 . LEU A 1 27  ? -1.170  -11.653 -4.750  1.00 16.31 ? 27  LEU A CD1 1 
ATOM   232  C CD2 . LEU A 1 27  ? 0.736   -10.118 -4.254  1.00 17.20 ? 27  LEU A CD2 1 
ATOM   233  N N   . THR A 1 28  ? 3.961   -13.494 -5.663  1.00 14.42 ? 28  THR A N   1 
ATOM   234  C CA  . THR A 1 28  ? 4.657   -14.777 -5.744  1.00 15.09 ? 28  THR A CA  1 
ATOM   235  C C   . THR A 1 28  ? 3.636   -15.803 -5.244  1.00 14.57 ? 28  THR A C   1 
ATOM   236  O O   . THR A 1 28  ? 2.528   -15.435 -4.855  1.00 15.76 ? 28  THR A O   1 
ATOM   237  C CB  . THR A 1 28  ? 5.864   -14.835 -4.806  1.00 15.71 ? 28  THR A CB  1 
ATOM   238  O OG1 . THR A 1 28  ? 5.428   -14.578 -3.463  1.00 16.36 ? 28  THR A OG1 1 
ATOM   239  C CG2 . THR A 1 28  ? 6.917   -13.806 -5.224  1.00 15.88 ? 28  THR A CG2 1 
ATOM   240  N N   . ALA A 1 29  ? 4.000   -17.081 -5.250  1.00 15.39 ? 29  ALA A N   1 
ATOM   241  C CA  . ALA A 1 29  ? 3.078   -18.104 -4.766  1.00 17.95 ? 29  ALA A CA  1 
ATOM   242  C C   . ALA A 1 29  ? 2.740   -17.849 -3.293  1.00 17.56 ? 29  ALA A C   1 
ATOM   243  O O   . ALA A 1 29  ? 1.584   -18.001 -2.877  1.00 18.46 ? 29  ALA A O   1 
ATOM   244  C CB  . ALA A 1 29  ? 3.688   -19.492 -4.947  1.00 19.95 ? 29  ALA A CB  1 
ATOM   245  N N   . GLU A 1 30  ? 3.736   -17.453 -2.503  1.00 18.14 ? 30  GLU A N   1 
ATOM   246  C CA  . GLU A 1 30  ? 3.491   -17.175 -1.093  1.00 18.72 ? 30  GLU A CA  1 
ATOM   247  C C   . GLU A 1 30  ? 2.624   -15.918 -0.974  1.00 16.99 ? 30  GLU A C   1 
ATOM   248  O O   . GLU A 1 30  ? 1.767   -15.829 -0.096  1.00 18.27 ? 30  GLU A O   1 
ATOM   249  C CB  . GLU A 1 30  ? 4.820   -17.004 -0.343  1.00 20.28 ? 30  GLU A CB  1 
ATOM   250  C CG  . GLU A 1 30  ? 4.694   -16.719 1.161   1.00 23.64 ? 30  GLU A CG  1 
ATOM   251  C CD  . GLU A 1 30  ? 3.822   -17.725 1.907   1.00 27.36 ? 30  GLU A CD  1 
ATOM   252  O OE1 . GLU A 1 30  ? 3.760   -18.904 1.501   1.00 29.43 ? 30  GLU A OE1 1 
ATOM   253  O OE2 . GLU A 1 30  ? 3.203   -17.333 2.920   1.00 29.97 ? 30  GLU A OE2 1 
ATOM   254  N N   . GLY A 1 31  ? 2.844   -14.954 -1.868  1.00 15.65 ? 31  GLY A N   1 
ATOM   255  C CA  . GLY A 1 31  ? 2.045   -13.741 -1.852  1.00 16.23 ? 31  GLY A CA  1 
ATOM   256  C C   . GLY A 1 31  ? 0.578   -14.096 -2.036  1.00 16.69 ? 31  GLY A C   1 
ATOM   257  O O   . GLY A 1 31  ? -0.297  -13.505 -1.401  1.00 17.29 ? 31  GLY A O   1 
ATOM   258  N N   . GLU A 1 32  ? 0.302   -15.070 -2.903  1.00 16.56 ? 32  GLU A N   1 
ATOM   259  C CA  . GLU A 1 32  ? -1.076  -15.490 -3.138  1.00 16.61 ? 32  GLU A CA  1 
ATOM   260  C C   . GLU A 1 32  ? -1.611  -16.191 -1.892  1.00 16.42 ? 32  GLU A C   1 
ATOM   261  O O   . GLU A 1 32  ? -2.770  -16.007 -1.520  1.00 18.98 ? 32  GLU A O   1 
ATOM   262  C CB  . GLU A 1 32  ? -1.174  -16.428 -4.353  1.00 16.48 ? 32  GLU A CB  1 
ATOM   263  C CG  . GLU A 1 32  ? -0.707  -15.795 -5.660  1.00 18.51 ? 32  GLU A CG  1 
ATOM   264  C CD  . GLU A 1 32  ? -1.516  -16.240 -6.867  1.00 21.46 ? 32  GLU A CD  1 
ATOM   265  O OE1 . GLU A 1 32  ? -2.161  -17.308 -6.797  1.00 24.30 ? 32  GLU A OE1 1 
ATOM   266  O OE2 . GLU A 1 32  ? -1.496  -15.520 -7.890  1.00 22.57 ? 32  GLU A OE2 1 
ATOM   267  N N   . ALA A 1 33  ? -0.762  -16.986 -1.246  1.00 18.17 ? 33  ALA A N   1 
ATOM   268  C CA  . ALA A 1 33  ? -1.153  -17.700 -0.035  1.00 17.97 ? 33  ALA A CA  1 
ATOM   269  C C   . ALA A 1 33  ? -1.490  -16.705 1.076   1.00 17.71 ? 33  ALA A C   1 
ATOM   270  O O   . ALA A 1 33  ? -2.423  -16.916 1.857   1.00 18.35 ? 33  ALA A O   1 
ATOM   271  C CB  . ALA A 1 33  ? -0.027  -18.629 0.414   1.00 19.74 ? 33  ALA A CB  1 
ATOM   272  N N   . GLN A 1 34  ? -0.732  -15.617 1.145   1.00 17.12 ? 34  GLN A N   1 
ATOM   273  C CA  . GLN A 1 34  ? -0.986  -14.601 2.161   1.00 16.94 ? 34  GLN A CA  1 
ATOM   274  C C   . GLN A 1 34  ? -2.346  -13.970 1.892   1.00 17.30 ? 34  GLN A C   1 
ATOM   275  O O   . GLN A 1 34  ? -3.100  -13.678 2.820   1.00 18.62 ? 34  GLN A O   1 
ATOM   276  C CB  . GLN A 1 34  ? 0.096   -13.523 2.121   1.00 16.06 ? 34  GLN A CB  1 
ATOM   277  C CG  . GLN A 1 34  ? 1.493   -14.068 2.342   1.00 19.07 ? 34  GLN A CG  1 
ATOM   278  C CD  . GLN A 1 34  ? 2.555   -13.012 2.152   1.00 19.70 ? 34  GLN A CD  1 
ATOM   279  O OE1 . GLN A 1 34  ? 2.476   -12.204 1.232   1.00 20.63 ? 34  GLN A OE1 1 
ATOM   280  N NE2 . GLN A 1 34  ? 3.563   -13.021 3.010   1.00 24.14 ? 34  GLN A NE2 1 
ATOM   281  N N   . ALA A 1 35  ? -2.662  -13.764 0.618   1.00 17.24 ? 35  ALA A N   1 
ATOM   282  C CA  . ALA A 1 35  ? -3.940  -13.176 0.258   1.00 15.38 ? 35  ALA A CA  1 
ATOM   283  C C   . ALA A 1 35  ? -5.092  -14.108 0.629   1.00 16.34 ? 35  ALA A C   1 
ATOM   284  O O   . ALA A 1 35  ? -6.106  -13.659 1.159   1.00 17.22 ? 35  ALA A O   1 
ATOM   285  C CB  . ALA A 1 35  ? -3.982  -12.859 -1.250  1.00 15.69 ? 35  ALA A CB  1 
ATOM   286  N N   . ARG A 1 36  ? -4.943  -15.400 0.350   1.00 16.42 ? 36  ARG A N   1 
ATOM   287  C CA  . ARG A 1 36  ? -6.013  -16.337 0.667   1.00 18.12 ? 36  ARG A CA  1 
ATOM   288  C C   . ARG A 1 36  ? -6.284  -16.422 2.166   1.00 18.10 ? 36  ARG A C   1 
ATOM   289  O O   . ARG A 1 36  ? -7.419  -16.643 2.580   1.00 19.36 ? 36  ARG A O   1 
ATOM   290  C CB  . ARG A 1 36  ? -5.702  -17.734 0.105   1.00 18.55 ? 36  ARG A CB  1 
ATOM   291  C CG  . ARG A 1 36  ? -5.763  -17.818 -1.424  1.00 18.72 ? 36  ARG A CG  1 
ATOM   292  C CD  . ARG A 1 36  ? -5.556  -19.258 -1.899  1.00 21.67 ? 36  ARG A CD  1 
ATOM   293  N NE  . ARG A 1 36  ? -5.511  -19.384 -3.356  1.00 23.98 ? 36  ARG A NE  1 
ATOM   294  C CZ  . ARG A 1 36  ? -6.577  -19.498 -4.143  1.00 23.84 ? 36  ARG A CZ  1 
ATOM   295  N NH1 . ARG A 1 36  ? -7.800  -19.506 -3.622  1.00 25.84 ? 36  ARG A NH1 1 
ATOM   296  N NH2 . ARG A 1 36  ? -6.419  -19.612 -5.459  1.00 24.32 ? 36  ARG A NH2 1 
ATOM   297  N N   . ARG A 1 37  ? -5.253  -16.239 2.987   1.00 18.26 ? 37  ARG A N   1 
ATOM   298  C CA  . ARG A 1 37  ? -5.446  -16.302 4.431   1.00 19.33 ? 37  ARG A CA  1 
ATOM   299  C C   . ARG A 1 37  ? -6.280  -15.131 4.953   1.00 19.42 ? 37  ARG A C   1 
ATOM   300  O O   . ARG A 1 37  ? -6.767  -15.164 6.084   1.00 21.39 ? 37  ARG A O   1 
ATOM   301  C CB  . ARG A 1 37  ? -4.096  -16.374 5.155   1.00 22.89 ? 37  ARG A CB  1 
ATOM   302  C CG  . ARG A 1 37  ? -3.431  -17.746 5.044   1.00 25.06 ? 37  ARG A CG  1 
ATOM   303  C CD  . ARG A 1 37  ? -2.295  -17.910 6.041   1.00 28.83 ? 37  ARG A CD  1 
ATOM   304  N NE  . ARG A 1 37  ? -1.059  -17.266 5.609   1.00 30.69 ? 37  ARG A NE  1 
ATOM   305  C CZ  . ARG A 1 37  ? -0.251  -17.749 4.668   1.00 31.22 ? 37  ARG A CZ  1 
ATOM   306  N NH1 . ARG A 1 37  ? -0.544  -18.885 4.055   1.00 32.10 ? 37  ARG A NH1 1 
ATOM   307  N NH2 . ARG A 1 37  ? 0.857   -17.095 4.346   1.00 30.40 ? 37  ARG A NH2 1 
ATOM   308  N N   . LEU A 1 38  ? -6.453  -14.105 4.124   1.00 19.33 ? 38  LEU A N   1 
ATOM   309  C CA  . LEU A 1 38  ? -7.254  -12.948 4.503   1.00 19.23 ? 38  LEU A CA  1 
ATOM   310  C C   . LEU A 1 38  ? -8.750  -13.194 4.287   1.00 19.41 ? 38  LEU A C   1 
ATOM   311  O O   . LEU A 1 38  ? -9.588  -12.520 4.886   1.00 19.71 ? 38  LEU A O   1 
ATOM   312  C CB  . LEU A 1 38  ? -6.842  -11.721 3.692   1.00 19.04 ? 38  LEU A CB  1 
ATOM   313  C CG  . LEU A 1 38  ? -5.464  -11.135 3.983   1.00 18.49 ? 38  LEU A CG  1 
ATOM   314  C CD1 . LEU A 1 38  ? -5.151  -10.085 2.930   1.00 19.91 ? 38  LEU A CD1 1 
ATOM   315  C CD2 . LEU A 1 38  ? -5.432  -10.547 5.394   1.00 21.23 ? 38  LEU A CD2 1 
ATOM   316  N N   . LYS A 1 39  ? -9.088  -14.152 3.427   1.00 19.88 ? 39  LYS A N   1 
ATOM   317  C CA  . LYS A 1 39  ? -10.491 -14.435 3.150   1.00 19.43 ? 39  LYS A CA  1 
ATOM   318  C C   . LYS A 1 39  ? -11.203 -14.924 4.403   1.00 19.66 ? 39  LYS A C   1 
ATOM   319  O O   . LYS A 1 39  ? -10.791 -15.904 5.014   1.00 20.51 ? 39  LYS A O   1 
ATOM   320  C CB  . LYS A 1 39  ? -10.628 -15.484 2.042   1.00 19.94 ? 39  LYS A CB  1 
ATOM   321  C CG  . LYS A 1 39  ? -12.079 -15.778 1.688   1.00 21.51 ? 39  LYS A CG  1 
ATOM   322  C CD  . LYS A 1 39  ? -12.199 -16.590 0.411   1.00 24.36 ? 39  LYS A CD  1 
ATOM   323  C CE  . LYS A 1 39  ? -13.662 -16.790 0.034   1.00 26.13 ? 39  LYS A CE  1 
ATOM   324  N NZ  . LYS A 1 39  ? -13.809 -17.505 -1.260  1.00 29.33 ? 39  LYS A NZ  1 
ATOM   325  N N   . GLY A 1 40  ? -12.268 -14.225 4.777   1.00 20.28 ? 40  GLY A N   1 
ATOM   326  C CA  . GLY A 1 40  ? -13.015 -14.590 5.965   1.00 20.64 ? 40  GLY A CA  1 
ATOM   327  C C   . GLY A 1 40  ? -12.546 -13.834 7.197   1.00 21.68 ? 40  GLY A C   1 
ATOM   328  O O   . GLY A 1 40  ? -13.307 -13.672 8.149   1.00 21.63 ? 40  GLY A O   1 
ATOM   329  N N   . ALA A 1 41  ? -11.299 -13.373 7.182   1.00 19.92 ? 41  ALA A N   1 
ATOM   330  C CA  . ALA A 1 41  ? -10.737 -12.640 8.313   1.00 20.41 ? 41  ALA A CA  1 
ATOM   331  C C   . ALA A 1 41  ? -11.040 -11.141 8.242   1.00 19.49 ? 41  ALA A C   1 
ATOM   332  O O   . ALA A 1 41  ? -11.187 -10.483 9.275   1.00 21.33 ? 41  ALA A O   1 
ATOM   333  C CB  . ALA A 1 41  ? -9.239  -12.863 8.382   1.00 20.62 ? 41  ALA A CB  1 
ATOM   334  N N   . LEU A 1 42  ? -11.105 -10.604 7.028   1.00 18.28 ? 42  LEU A N   1 
ATOM   335  C CA  . LEU A 1 42  ? -11.414 -9.193  6.825   1.00 18.15 ? 42  LEU A CA  1 
ATOM   336  C C   . LEU A 1 42  ? -12.933 -9.055  6.784   1.00 17.21 ? 42  LEU A C   1 
ATOM   337  O O   . LEU A 1 42  ? -13.623 -9.951  6.311   1.00 18.35 ? 42  LEU A O   1 
ATOM   338  C CB  . LEU A 1 42  ? -10.844 -8.703  5.490   1.00 17.18 ? 42  LEU A CB  1 
ATOM   339  C CG  . LEU A 1 42  ? -9.326  -8.679  5.312   1.00 19.44 ? 42  LEU A CG  1 
ATOM   340  C CD1 . LEU A 1 42  ? -8.985  -8.461  3.844   1.00 21.25 ? 42  LEU A CD1 1 
ATOM   341  C CD2 . LEU A 1 42  ? -8.731  -7.563  6.169   1.00 22.65 ? 42  LEU A CD2 1 
ATOM   342  N N   . PRO A 1 43  ? -13.474 -7.931  7.276   1.00 17.88 ? 43  PRO A N   1 
ATOM   343  C CA  . PRO A 1 43  ? -14.929 -7.752  7.250   1.00 18.54 ? 43  PRO A CA  1 
ATOM   344  C C   . PRO A 1 43  ? -15.406 -7.593  5.804   1.00 19.57 ? 43  PRO A C   1 
ATOM   345  O O   . PRO A 1 43  ? -14.720 -6.988  4.970   1.00 17.70 ? 43  PRO A O   1 
ATOM   346  C CB  . PRO A 1 43  ? -15.127 -6.482  8.068   1.00 18.72 ? 43  PRO A CB  1 
ATOM   347  C CG  . PRO A 1 43  ? -13.916 -5.678  7.672   1.00 18.33 ? 43  PRO A CG  1 
ATOM   348  C CD  . PRO A 1 43  ? -12.807 -6.713  7.772   1.00 18.40 ? 43  PRO A CD  1 
ATOM   349  N N   . SER A 1 44  ? -16.583 -8.131  5.512   1.00 20.21 ? 44  SER A N   1 
ATOM   350  C CA  . SER A 1 44  ? -17.136 -8.063  4.167   1.00 23.78 ? 44  SER A CA  1 
ATOM   351  C C   . SER A 1 44  ? -17.747 -6.705  3.841   1.00 23.66 ? 44  SER A C   1 
ATOM   352  O O   . SER A 1 44  ? -18.932 -6.599  3.526   1.00 26.64 ? 44  SER A O   1 
ATOM   353  C CB  . SER A 1 44  ? -18.178 -9.169  3.978   1.00 24.72 ? 44  SER A CB  1 
ATOM   354  O OG  . SER A 1 44  ? -17.574 -10.449 4.063   1.00 29.56 ? 44  SER A OG  1 
ATOM   355  N N   . LEU A 1 45  ? -16.921 -5.666  3.912   1.00 22.40 ? 45  LEU A N   1 
ATOM   356  C CA  . LEU A 1 45  ? -17.355 -4.305  3.617   1.00 21.70 ? 45  LEU A CA  1 
ATOM   357  C C   . LEU A 1 45  ? -17.107 -4.025  2.136   1.00 21.94 ? 45  LEU A C   1 
ATOM   358  O O   . LEU A 1 45  ? -16.454 -4.812  1.449   1.00 21.08 ? 45  LEU A O   1 
ATOM   359  C CB  . LEU A 1 45  ? -16.540 -3.307  4.438   1.00 22.55 ? 45  LEU A CB  1 
ATOM   360  C CG  . LEU A 1 45  ? -16.388 -3.515  5.944   1.00 23.62 ? 45  LEU A CG  1 
ATOM   361  C CD1 . LEU A 1 45  ? -15.309 -2.581  6.478   1.00 21.98 ? 45  LEU A CD1 1 
ATOM   362  C CD2 . LEU A 1 45  ? -17.723 -3.258  6.639   1.00 24.74 ? 45  LEU A CD2 1 
ATOM   363  N N   . PRO A 1 46  ? -17.639 -2.905  1.622   1.00 23.10 ? 46  PRO A N   1 
ATOM   364  C CA  . PRO A 1 46  ? -17.415 -2.581  0.210   1.00 22.95 ? 46  PRO A CA  1 
ATOM   365  C C   . PRO A 1 46  ? -15.900 -2.498  0.002   1.00 20.85 ? 46  PRO A C   1 
ATOM   366  O O   . PRO A 1 46  ? -15.187 -1.988  0.871   1.00 20.26 ? 46  PRO A O   1 
ATOM   367  C CB  . PRO A 1 46  ? -18.095 -1.227  0.063   1.00 24.93 ? 46  PRO A CB  1 
ATOM   368  C CG  . PRO A 1 46  ? -19.247 -1.339  1.015   1.00 26.67 ? 46  PRO A CG  1 
ATOM   369  C CD  . PRO A 1 46  ? -18.607 -1.973  2.230   1.00 23.40 ? 46  PRO A CD  1 
ATOM   370  N N   . ALA A 1 47  ? -15.415 -2.990  -1.135  1.00 21.56 ? 47  ALA A N   1 
ATOM   371  C CA  . ALA A 1 47  ? -13.977 -2.987  -1.401  1.00 19.79 ? 47  ALA A CA  1 
ATOM   372  C C   . ALA A 1 47  ? -13.518 -2.139  -2.579  1.00 20.46 ? 47  ALA A C   1 
ATOM   373  O O   . ALA A 1 47  ? -14.163 -2.089  -3.627  1.00 20.44 ? 47  ALA A O   1 
ATOM   374  C CB  . ALA A 1 47  ? -13.485 -4.422  -1.587  1.00 20.53 ? 47  ALA A CB  1 
ATOM   375  N N   . PHE A 1 48  ? -12.380 -1.484  -2.387  1.00 19.24 ? 48  PHE A N   1 
ATOM   376  C CA  . PHE A 1 48  ? -11.765 -0.645  -3.404  1.00 21.58 ? 48  PHE A CA  1 
ATOM   377  C C   . PHE A 1 48  ? -10.360 -1.193  -3.562  1.00 20.84 ? 48  PHE A C   1 
ATOM   378  O O   . PHE A 1 48  ? -9.816  -1.778  -2.626  1.00 20.92 ? 48  PHE A O   1 
ATOM   379  C CB  . PHE A 1 48  ? -11.709 0.803   -2.932  1.00 22.66 ? 48  PHE A CB  1 
ATOM   380  C CG  . PHE A 1 48  ? -13.062 1.421   -2.743  1.00 24.87 ? 48  PHE A CG  1 
ATOM   381  C CD1 . PHE A 1 48  ? -13.730 1.996   -3.816  1.00 24.71 ? 48  PHE A CD1 1 
ATOM   382  C CD2 . PHE A 1 48  ? -13.686 1.394   -1.500  1.00 24.82 ? 48  PHE A CD2 1 
ATOM   383  C CE1 . PHE A 1 48  ? -15.003 2.537   -3.656  1.00 27.66 ? 48  PHE A CE1 1 
ATOM   384  C CE2 . PHE A 1 48  ? -14.960 1.931   -1.328  1.00 27.68 ? 48  PHE A CE2 1 
ATOM   385  C CZ  . PHE A 1 48  ? -15.619 2.504   -2.409  1.00 26.31 ? 48  PHE A CZ  1 
ATOM   386  N N   . SER A 1 49  ? -9.769  -1.013  -4.734  1.00 19.56 ? 49  SER A N   1 
ATOM   387  C CA  . SER A 1 49  ? -8.432  -1.536  -4.947  1.00 19.04 ? 49  SER A CA  1 
ATOM   388  C C   . SER A 1 49  ? -7.627  -0.771  -5.969  1.00 19.78 ? 49  SER A C   1 
ATOM   389  O O   . SER A 1 49  ? -8.167  -0.187  -6.902  1.00 19.63 ? 49  SER A O   1 
ATOM   390  C CB  . SER A 1 49  ? -8.509  -3.000  -5.389  1.00 18.95 ? 49  SER A CB  1 
ATOM   391  O OG  . SER A 1 49  ? -7.223  -3.533  -5.672  1.00 19.84 ? 49  SER A OG  1 
ATOM   392  N N   . SER A 1 50  ? -6.319  -0.788  -5.771  1.00 19.08 ? 50  SER A N   1 
ATOM   393  C CA  . SER A 1 50  ? -5.402  -0.168  -6.698  1.00 19.73 ? 50  SER A CA  1 
ATOM   394  C C   . SER A 1 50  ? -5.581  -0.992  -7.974  1.00 18.54 ? 50  SER A C   1 
ATOM   395  O O   . SER A 1 50  ? -5.951  -2.164  -7.908  1.00 20.17 ? 50  SER A O   1 
ATOM   396  C CB  . SER A 1 50  ? -3.979  -0.312  -6.162  1.00 21.55 ? 50  SER A CB  1 
ATOM   397  O OG  . SER A 1 50  ? -3.024  -0.230  -7.198  1.00 21.60 ? 50  SER A OG  1 
ATOM   398  N N   . ASP A 1 51  ? -5.323  -0.400  -9.130  1.00 18.92 ? 51  ASP A N   1 
ATOM   399  C CA  . ASP A 1 51  ? -5.487  -1.141  -10.375 1.00 19.98 ? 51  ASP A CA  1 
ATOM   400  C C   . ASP A 1 51  ? -4.279  -2.023  -10.711 1.00 20.01 ? 51  ASP A C   1 
ATOM   401  O O   . ASP A 1 51  ? -4.297  -2.777  -11.686 1.00 21.20 ? 51  ASP A O   1 
ATOM   402  C CB  . ASP A 1 51  ? -5.777  -0.169  -11.519 1.00 21.31 ? 51  ASP A CB  1 
ATOM   403  C CG  . ASP A 1 51  ? -4.643  0.786   -11.765 1.00 22.29 ? 51  ASP A CG  1 
ATOM   404  O OD1 . ASP A 1 51  ? -4.148  1.379   -10.782 1.00 23.07 ? 51  ASP A OD1 1 
ATOM   405  O OD2 . ASP A 1 51  ? -4.253  0.947   -12.939 1.00 25.58 ? 51  ASP A OD2 1 
ATOM   406  N N   . LEU A 1 52  ? -3.224  -1.930  -9.908  1.00 18.93 ? 52  LEU A N   1 
ATOM   407  C CA  . LEU A 1 52  ? -2.041  -2.757  -10.140 1.00 17.20 ? 52  LEU A CA  1 
ATOM   408  C C   . LEU A 1 52  ? -2.379  -4.226  -9.855  1.00 17.61 ? 52  LEU A C   1 
ATOM   409  O O   . LEU A 1 52  ? -3.077  -4.547  -8.890  1.00 16.52 ? 52  LEU A O   1 
ATOM   410  C CB  . LEU A 1 52  ? -0.878  -2.284  -9.259  1.00 17.95 ? 52  LEU A CB  1 
ATOM   411  C CG  . LEU A 1 52  ? -0.338  -0.902  -9.642  1.00 17.84 ? 52  LEU A CG  1 
ATOM   412  C CD1 . LEU A 1 52  ? 0.572   -0.370  -8.548  1.00 20.40 ? 52  LEU A CD1 1 
ATOM   413  C CD2 . LEU A 1 52  ? 0.396   -0.990  -10.973 1.00 20.89 ? 52  LEU A CD2 1 
ATOM   414  N N   . LEU A 1 53  ? -1.878  -5.114  -10.709 1.00 17.73 ? 53  LEU A N   1 
ATOM   415  C CA  . LEU A 1 53  ? -2.132  -6.539  -10.595 1.00 17.71 ? 53  LEU A CA  1 
ATOM   416  C C   . LEU A 1 53  ? -1.990  -7.133  -9.194  1.00 17.15 ? 53  LEU A C   1 
ATOM   417  O O   . LEU A 1 53  ? -2.881  -7.836  -8.722  1.00 19.69 ? 53  LEU A O   1 
ATOM   418  C CB  . LEU A 1 53  ? -1.214  -7.300  -11.560 1.00 19.77 ? 53  LEU A CB  1 
ATOM   419  C CG  . LEU A 1 53  ? -1.358  -8.819  -11.606 1.00 24.03 ? 53  LEU A CG  1 
ATOM   420  C CD1 . LEU A 1 53  ? -2.675  -9.189  -12.284 1.00 26.22 ? 53  LEU A CD1 1 
ATOM   421  C CD2 . LEU A 1 53  ? -0.180  -9.418  -12.371 1.00 24.66 ? 53  LEU A CD2 1 
ATOM   422  N N   . ARG A 1 54  ? -0.881  -6.853  -8.521  1.00 16.21 ? 54  ARG A N   1 
ATOM   423  C CA  . ARG A 1 54  ? -0.671  -7.430  -7.199  1.00 15.90 ? 54  ARG A CA  1 
ATOM   424  C C   . ARG A 1 54  ? -1.760  -7.086  -6.188  1.00 15.66 ? 54  ARG A C   1 
ATOM   425  O O   . ARG A 1 54  ? -2.065  -7.893  -5.305  1.00 16.66 ? 54  ARG A O   1 
ATOM   426  C CB  . ARG A 1 54  ? 0.699   -7.032  -6.656  1.00 16.43 ? 54  ARG A CB  1 
ATOM   427  C CG  . ARG A 1 54  ? 0.925   -5.542  -6.494  1.00 15.77 ? 54  ARG A CG  1 
ATOM   428  C CD  . ARG A 1 54  ? 2.416   -5.307  -6.319  1.00 16.32 ? 54  ARG A CD  1 
ATOM   429  N NE  . ARG A 1 54  ? 2.798   -3.942  -5.970  1.00 13.92 ? 54  ARG A NE  1 
ATOM   430  C CZ  . ARG A 1 54  ? 3.091   -2.979  -6.845  1.00 15.05 ? 54  ARG A CZ  1 
ATOM   431  N NH1 . ARG A 1 54  ? 3.032   -3.210  -8.148  1.00 14.57 ? 54  ARG A NH1 1 
ATOM   432  N NH2 . ARG A 1 54  ? 3.510   -1.796  -6.408  1.00 14.52 ? 54  ARG A NH2 1 
ATOM   433  N N   . ALA A 1 55  ? -2.341  -5.897  -6.313  1.00 14.32 ? 55  ALA A N   1 
ATOM   434  C CA  . ALA A 1 55  ? -3.400  -5.490  -5.396  1.00 16.26 ? 55  ALA A CA  1 
ATOM   435  C C   . ALA A 1 55  ? -4.719  -6.138  -5.811  1.00 16.39 ? 55  ALA A C   1 
ATOM   436  O O   . ALA A 1 55  ? -5.444  -6.680  -4.974  1.00 16.80 ? 55  ALA A O   1 
ATOM   437  C CB  . ALA A 1 55  ? -3.535  -3.979  -5.382  1.00 16.16 ? 55  ALA A CB  1 
ATOM   438  N N   . ARG A 1 56  ? -5.022  -6.086  -7.105  1.00 17.41 ? 56  ARG A N   1 
ATOM   439  C CA  . ARG A 1 56  ? -6.257  -6.682  -7.608  1.00 18.03 ? 56  ARG A CA  1 
ATOM   440  C C   . ARG A 1 56  ? -6.297  -8.169  -7.295  1.00 18.90 ? 56  ARG A C   1 
ATOM   441  O O   . ARG A 1 56  ? -7.337  -8.696  -6.898  1.00 17.90 ? 56  ARG A O   1 
ATOM   442  C CB  . ARG A 1 56  ? -6.384  -6.470  -9.121  1.00 21.12 ? 56  ARG A CB  1 
ATOM   443  C CG  . ARG A 1 56  ? -6.590  -5.023  -9.517  1.00 24.56 ? 56  ARG A CG  1 
ATOM   444  C CD  . ARG A 1 56  ? -6.896  -4.858  -11.007 1.00 29.83 ? 56  ARG A CD  1 
ATOM   445  N NE  . ARG A 1 56  ? -5.795  -5.280  -11.869 1.00 34.26 ? 56  ARG A NE  1 
ATOM   446  C CZ  . ARG A 1 56  ? -5.622  -6.519  -12.322 1.00 36.55 ? 56  ARG A CZ  1 
ATOM   447  N NH1 . ARG A 1 56  ? -6.484  -7.474  -12.001 1.00 37.79 ? 56  ARG A NH1 1 
ATOM   448  N NH2 . ARG A 1 56  ? -4.581  -6.800  -13.098 1.00 38.44 ? 56  ARG A NH2 1 
ATOM   449  N N   . ARG A 1 57  ? -5.164  -8.848  -7.469  1.00 17.66 ? 57  ARG A N   1 
ATOM   450  C CA  . ARG A 1 57  ? -5.109  -10.277 -7.199  1.00 17.48 ? 57  ARG A CA  1 
ATOM   451  C C   . ARG A 1 57  ? -5.289  -10.555 -5.705  1.00 17.05 ? 57  ARG A C   1 
ATOM   452  O O   . ARG A 1 57  ? -5.899  -11.551 -5.315  1.00 17.14 ? 57  ARG A O   1 
ATOM   453  C CB  . ARG A 1 57  ? -3.785  -10.861 -7.713  1.00 17.87 ? 57  ARG A CB  1 
ATOM   454  C CG  . ARG A 1 57  ? -3.600  -12.359 -7.487  1.00 19.96 ? 57  ARG A CG  1 
ATOM   455  C CD  . ARG A 1 57  ? -4.623  -13.201 -8.248  1.00 23.03 ? 57  ARG A CD  1 
ATOM   456  N NE  . ARG A 1 57  ? -4.271  -14.618 -8.193  1.00 22.94 ? 57  ARG A NE  1 
ATOM   457  C CZ  . ARG A 1 57  ? -5.083  -15.620 -8.512  1.00 23.69 ? 57  ARG A CZ  1 
ATOM   458  N NH1 . ARG A 1 57  ? -6.324  -15.378 -8.914  1.00 23.06 ? 57  ARG A NH1 1 
ATOM   459  N NH2 . ARG A 1 57  ? -4.645  -16.871 -8.435  1.00 23.68 ? 57  ARG A NH2 1 
ATOM   460  N N   . THR A 1 58  ? -4.763  -9.675  -4.861  1.00 16.10 ? 58  THR A N   1 
ATOM   461  C CA  . THR A 1 58  ? -4.913  -9.855  -3.426  1.00 15.61 ? 58  THR A CA  1 
ATOM   462  C C   . THR A 1 58  ? -6.394  -9.733  -3.069  1.00 15.79 ? 58  THR A C   1 
ATOM   463  O O   . THR A 1 58  ? -6.922  -10.542 -2.307  1.00 15.08 ? 58  THR A O   1 
ATOM   464  C CB  . THR A 1 58  ? -4.088  -8.810  -2.646  1.00 16.32 ? 58  THR A CB  1 
ATOM   465  O OG1 . THR A 1 58  ? -2.691  -9.040  -2.887  1.00 14.72 ? 58  THR A OG1 1 
ATOM   466  C CG2 . THR A 1 58  ? -4.354  -8.919  -1.148  1.00 16.07 ? 58  THR A CG2 1 
ATOM   467  N N   . ALA A 1 59  ? -7.062  -8.730  -3.632  1.00 16.62 ? 59  ALA A N   1 
ATOM   468  C CA  . ALA A 1 59  ? -8.485  -8.528  -3.374  1.00 16.46 ? 59  ALA A CA  1 
ATOM   469  C C   . ALA A 1 59  ? -9.278  -9.768  -3.790  1.00 18.02 ? 59  ALA A C   1 
ATOM   470  O O   . ALA A 1 59  ? -10.105 -10.275 -3.030  1.00 17.24 ? 59  ALA A O   1 
ATOM   471  C CB  . ALA A 1 59  ? -8.987  -7.314  -4.137  1.00 14.97 ? 59  ALA A CB  1 
ATOM   472  N N   . GLU A 1 60  ? -9.009  -10.254 -4.994  1.00 17.70 ? 60  GLU A N   1 
ATOM   473  C CA  . GLU A 1 60  ? -9.694  -11.423 -5.524  1.00 18.88 ? 60  GLU A CA  1 
ATOM   474  C C   . GLU A 1 60  ? -9.544  -12.660 -4.638  1.00 18.52 ? 60  GLU A C   1 
ATOM   475  O O   . GLU A 1 60  ? -10.532 -13.317 -4.312  1.00 18.98 ? 60  GLU A O   1 
ATOM   476  C CB  . GLU A 1 60  ? -9.178  -11.726 -6.933  1.00 21.06 ? 60  GLU A CB  1 
ATOM   477  C CG  . GLU A 1 60  ? -9.726  -13.004 -7.527  1.00 24.56 ? 60  GLU A CG  1 
ATOM   478  C CD  . GLU A 1 60  ? -9.240  -13.248 -8.940  1.00 29.43 ? 60  GLU A CD  1 
ATOM   479  O OE1 . GLU A 1 60  ? -8.020  -13.113 -9.190  1.00 29.92 ? 60  GLU A OE1 1 
ATOM   480  O OE2 . GLU A 1 60  ? -10.081 -13.585 -9.801  1.00 33.12 ? 60  GLU A OE2 1 
ATOM   481  N N   . LEU A 1 61  ? -8.312  -12.973 -4.247  1.00 16.73 ? 61  LEU A N   1 
ATOM   482  C CA  . LEU A 1 61  ? -8.052  -14.139 -3.411  1.00 16.99 ? 61  LEU A CA  1 
ATOM   483  C C   . LEU A 1 61  ? -8.621  -13.953 -2.006  1.00 17.12 ? 61  LEU A C   1 
ATOM   484  O O   . LEU A 1 61  ? -8.935  -14.924 -1.321  1.00 17.29 ? 61  LEU A O   1 
ATOM   485  C CB  . LEU A 1 61  ? -6.542  -14.416 -3.348  1.00 19.47 ? 61  LEU A CB  1 
ATOM   486  C CG  . LEU A 1 61  ? -5.912  -14.866 -4.674  1.00 21.06 ? 61  LEU A CG  1 
ATOM   487  C CD1 . LEU A 1 61  ? -4.403  -14.943 -4.535  1.00 21.35 ? 61  LEU A CD1 1 
ATOM   488  C CD2 . LEU A 1 61  ? -6.480  -16.221 -5.072  1.00 21.86 ? 61  LEU A CD2 1 
ATOM   489  N N   . ALA A 1 62  ? -8.759  -12.701 -1.582  1.00 17.56 ? 62  ALA A N   1 
ATOM   490  C CA  . ALA A 1 62  ? -9.306  -12.419 -0.258  1.00 17.19 ? 62  ALA A CA  1 
ATOM   491  C C   . ALA A 1 62  ? -10.832 -12.542 -0.286  1.00 18.51 ? 62  ALA A C   1 
ATOM   492  O O   . ALA A 1 62  ? -11.499 -12.364 0.737   1.00 17.70 ? 62  ALA A O   1 
ATOM   493  C CB  . ALA A 1 62  ? -8.889  -11.020 0.207   1.00 17.04 ? 62  ALA A CB  1 
ATOM   494  N N   . GLY A 1 63  ? -11.368 -12.844 -1.465  1.00 18.98 ? 63  GLY A N   1 
ATOM   495  C CA  . GLY A 1 63  ? -12.803 -13.021 -1.617  1.00 20.87 ? 63  GLY A CA  1 
ATOM   496  C C   . GLY A 1 63  ? -13.607 -11.769 -1.904  1.00 20.70 ? 63  GLY A C   1 
ATOM   497  O O   . GLY A 1 63  ? -14.817 -11.753 -1.680  1.00 23.36 ? 63  GLY A O   1 
ATOM   498  N N   . PHE A 1 64  ? -12.951 -10.730 -2.416  1.00 19.93 ? 64  PHE A N   1 
ATOM   499  C CA  . PHE A 1 64  ? -13.617 -9.466  -2.722  1.00 19.18 ? 64  PHE A CA  1 
ATOM   500  C C   . PHE A 1 64  ? -13.667 -9.170  -4.215  1.00 19.86 ? 64  PHE A C   1 
ATOM   501  O O   . PHE A 1 64  ? -12.883 -9.709  -4.995  1.00 19.50 ? 64  PHE A O   1 
ATOM   502  C CB  . PHE A 1 64  ? -12.895 -8.304  -2.030  1.00 18.97 ? 64  PHE A CB  1 
ATOM   503  C CG  . PHE A 1 64  ? -12.994 -8.322  -0.535  1.00 17.71 ? 64  PHE A CG  1 
ATOM   504  C CD1 . PHE A 1 64  ? -13.903 -7.502  0.127   1.00 18.30 ? 64  PHE A CD1 1 
ATOM   505  C CD2 . PHE A 1 64  ? -12.171 -9.156  0.219   1.00 17.07 ? 64  PHE A CD2 1 
ATOM   506  C CE1 . PHE A 1 64  ? -13.990 -7.512  1.519   1.00 17.82 ? 64  PHE A CE1 1 
ATOM   507  C CE2 . PHE A 1 64  ? -12.250 -9.176  1.607   1.00 18.17 ? 64  PHE A CE2 1 
ATOM   508  C CZ  . PHE A 1 64  ? -13.160 -8.351  2.261   1.00 18.01 ? 64  PHE A CZ  1 
ATOM   509  N N   . SER A 1 65  ? -14.598 -8.298  -4.597  1.00 21.19 ? 65  SER A N   1 
ATOM   510  C CA  . SER A 1 65  ? -14.765 -7.859  -5.983  1.00 23.52 ? 65  SER A CA  1 
ATOM   511  C C   . SER A 1 65  ? -14.712 -6.345  -5.842  1.00 23.27 ? 65  SER A C   1 
ATOM   512  O O   . SER A 1 65  ? -15.742 -5.678  -5.739  1.00 24.37 ? 65  SER A O   1 
ATOM   513  C CB  . SER A 1 65  ? -16.129 -8.293  -6.537  1.00 23.41 ? 65  SER A CB  1 
ATOM   514  O OG  . SER A 1 65  ? -16.261 -9.703  -6.523  1.00 29.04 ? 65  SER A OG  1 
ATOM   515  N N   . PRO A 1 66  ? -13.498 -5.781  -5.832  1.00 23.39 ? 66  PRO A N   1 
ATOM   516  C CA  . PRO A 1 66  ? -13.305 -4.341  -5.679  1.00 23.34 ? 66  PRO A CA  1 
ATOM   517  C C   . PRO A 1 66  ? -13.497 -3.456  -6.891  1.00 23.99 ? 66  PRO A C   1 
ATOM   518  O O   . PRO A 1 66  ? -13.414 -3.893  -8.038  1.00 23.01 ? 66  PRO A O   1 
ATOM   519  C CB  . PRO A 1 66  ? -11.878 -4.258  -5.165  1.00 23.62 ? 66  PRO A CB  1 
ATOM   520  C CG  . PRO A 1 66  ? -11.208 -5.288  -6.000  1.00 22.01 ? 66  PRO A CG  1 
ATOM   521  C CD  . PRO A 1 66  ? -12.197 -6.461  -5.972  1.00 22.42 ? 66  PRO A CD  1 
ATOM   522  N N   . ARG A 1 67  ? -13.748 -2.188  -6.599  1.00 26.26 ? 67  ARG A N   1 
ATOM   523  C CA  . ARG A 1 67  ? -13.894 -1.165  -7.613  1.00 26.75 ? 67  ARG A CA  1 
ATOM   524  C C   . ARG A 1 67  ? -12.457 -0.666  -7.746  1.00 26.61 ? 67  ARG A C   1 
ATOM   525  O O   . ARG A 1 67  ? -11.812 -0.347  -6.741  1.00 25.34 ? 67  ARG A O   1 
ATOM   526  C CB  . ARG A 1 67  ? -14.821 -0.062  -7.105  1.00 30.49 ? 67  ARG A CB  1 
ATOM   527  C CG  . ARG A 1 67  ? -16.241 -0.551  -6.826  1.00 34.53 ? 67  ARG A CG  1 
ATOM   528  C CD  . ARG A 1 67  ? -17.033 0.451   -6.002  1.00 37.96 ? 67  ARG A CD  1 
ATOM   529  N NE  . ARG A 1 67  ? -17.058 1.778   -6.613  1.00 40.90 ? 67  ARG A NE  1 
ATOM   530  C CZ  . ARG A 1 67  ? -17.733 2.813   -6.121  1.00 42.78 ? 67  ARG A CZ  1 
ATOM   531  N NH1 . ARG A 1 67  ? -18.442 2.678   -5.009  1.00 43.69 ? 67  ARG A NH1 1 
ATOM   532  N NH2 . ARG A 1 67  ? -17.697 3.985   -6.741  1.00 44.25 ? 67  ARG A NH2 1 
ATOM   533  N N   . LEU A 1 68  ? -11.955 -0.619  -8.974  1.00 26.14 ? 68  LEU A N   1 
ATOM   534  C CA  . LEU A 1 68  ? -10.578 -0.200  -9.226  1.00 26.02 ? 68  LEU A CA  1 
ATOM   535  C C   . LEU A 1 68  ? -10.369 1.310   -9.305  1.00 25.39 ? 68  LEU A C   1 
ATOM   536  O O   . LEU A 1 68  ? -11.081 2.015   -10.022 1.00 26.90 ? 68  LEU A O   1 
ATOM   537  C CB  . LEU A 1 68  ? -10.068 -0.860  -10.512 1.00 25.26 ? 68  LEU A CB  1 
ATOM   538  C CG  . LEU A 1 68  ? -10.148 -2.390  -10.557 1.00 26.97 ? 68  LEU A CG  1 
ATOM   539  C CD1 . LEU A 1 68  ? -9.550  -2.890  -11.854 1.00 26.40 ? 68  LEU A CD1 1 
ATOM   540  C CD2 . LEU A 1 68  ? -9.410  -2.988  -9.363  1.00 23.42 ? 68  LEU A CD2 1 
ATOM   541  N N   . TYR A 1 69  ? -9.377  1.794   -8.564  1.00 23.62 ? 69  TYR A N   1 
ATOM   542  C CA  . TYR A 1 69  ? -9.041  3.213   -8.523  1.00 24.20 ? 69  TYR A CA  1 
ATOM   543  C C   . TYR A 1 69  ? -7.531  3.409   -8.515  1.00 23.89 ? 69  TYR A C   1 
ATOM   544  O O   . TYR A 1 69  ? -6.830  2.910   -7.636  1.00 22.90 ? 69  TYR A O   1 
ATOM   545  C CB  . TYR A 1 69  ? -9.655  3.869   -7.283  1.00 23.82 ? 69  TYR A CB  1 
ATOM   546  C CG  . TYR A 1 69  ? -11.149 4.066   -7.385  1.00 26.96 ? 69  TYR A CG  1 
ATOM   547  C CD1 . TYR A 1 69  ? -11.682 5.107   -8.146  1.00 27.14 ? 69  TYR A CD1 1 
ATOM   548  C CD2 . TYR A 1 69  ? -12.034 3.193   -6.754  1.00 26.99 ? 69  TYR A CD2 1 
ATOM   549  C CE1 . TYR A 1 69  ? -13.060 5.275   -8.273  1.00 27.97 ? 69  TYR A CE1 1 
ATOM   550  C CE2 . TYR A 1 69  ? -13.412 3.350   -6.876  1.00 29.77 ? 69  TYR A CE2 1 
ATOM   551  C CZ  . TYR A 1 69  ? -13.919 4.394   -7.637  1.00 28.22 ? 69  TYR A CZ  1 
ATOM   552  O OH  . TYR A 1 69  ? -15.282 4.551   -7.761  1.00 29.29 ? 69  TYR A OH  1 
ATOM   553  N N   . PRO A 1 70  ? -7.010  4.156   -9.499  1.00 23.35 ? 70  PRO A N   1 
ATOM   554  C CA  . PRO A 1 70  ? -5.572  4.418   -9.604  1.00 22.73 ? 70  PRO A CA  1 
ATOM   555  C C   . PRO A 1 70  ? -5.024  5.221   -8.430  1.00 20.74 ? 70  PRO A C   1 
ATOM   556  O O   . PRO A 1 70  ? -3.831  5.170   -8.136  1.00 18.52 ? 70  PRO A O   1 
ATOM   557  C CB  . PRO A 1 70  ? -5.456  5.206   -10.910 1.00 21.66 ? 70  PRO A CB  1 
ATOM   558  C CG  . PRO A 1 70  ? -6.697  4.829   -11.675 1.00 25.41 ? 70  PRO A CG  1 
ATOM   559  C CD  . PRO A 1 70  ? -7.742  4.798   -10.601 1.00 23.60 ? 70  PRO A CD  1 
ATOM   560  N N   . GLU A 1 71  ? -5.894  5.974   -7.765  1.00 18.85 ? 71  GLU A N   1 
ATOM   561  C CA  . GLU A 1 71  ? -5.467  6.800   -6.647  1.00 19.31 ? 71  GLU A CA  1 
ATOM   562  C C   . GLU A 1 71  ? -4.911  5.967   -5.496  1.00 17.95 ? 71  GLU A C   1 
ATOM   563  O O   . GLU A 1 71  ? -4.201  6.489   -4.633  1.00 17.70 ? 71  GLU A O   1 
ATOM   564  C CB  . GLU A 1 71  ? -6.624  7.682   -6.159  1.00 18.57 ? 71  GLU A CB  1 
ATOM   565  C CG  . GLU A 1 71  ? -7.161  8.641   -7.223  1.00 21.03 ? 71  GLU A CG  1 
ATOM   566  C CD  . GLU A 1 71  ? -8.458  8.160   -7.858  1.00 22.38 ? 71  GLU A CD  1 
ATOM   567  O OE1 . GLU A 1 71  ? -8.555  6.959   -8.181  1.00 22.23 ? 71  GLU A OE1 1 
ATOM   568  O OE2 . GLU A 1 71  ? -9.378  8.993   -8.039  1.00 22.23 ? 71  GLU A OE2 1 
ATOM   569  N N   . LEU A 1 72  ? -5.227  4.672   -5.496  1.00 17.26 ? 72  LEU A N   1 
ATOM   570  C CA  . LEU A 1 72  ? -4.744  3.760   -4.459  1.00 15.16 ? 72  LEU A CA  1 
ATOM   571  C C   . LEU A 1 72  ? -3.406  3.098   -4.800  1.00 15.04 ? 72  LEU A C   1 
ATOM   572  O O   . LEU A 1 72  ? -2.919  2.257   -4.047  1.00 14.43 ? 72  LEU A O   1 
ATOM   573  C CB  . LEU A 1 72  ? -5.781  2.673   -4.175  1.00 16.41 ? 72  LEU A CB  1 
ATOM   574  C CG  . LEU A 1 72  ? -6.990  3.110   -3.342  1.00 18.30 ? 72  LEU A CG  1 
ATOM   575  C CD1 . LEU A 1 72  ? -8.014  1.984   -3.288  1.00 19.34 ? 72  LEU A CD1 1 
ATOM   576  C CD2 . LEU A 1 72  ? -6.524  3.496   -1.942  1.00 17.58 ? 72  LEU A CD2 1 
ATOM   577  N N   . ARG A 1 73  ? -2.815  3.472   -5.928  1.00 14.29 ? 73  ARG A N   1 
ATOM   578  C CA  . ARG A 1 73  ? -1.528  2.900   -6.330  1.00 15.23 ? 73  ARG A CA  1 
ATOM   579  C C   . ARG A 1 73  ? -0.387  3.278   -5.400  1.00 14.87 ? 73  ARG A C   1 
ATOM   580  O O   . ARG A 1 73  ? -0.440  4.286   -4.702  1.00 15.29 ? 73  ARG A O   1 
ATOM   581  C CB  . ARG A 1 73  ? -1.116  3.391   -7.720  1.00 16.78 ? 73  ARG A CB  1 
ATOM   582  C CG  . ARG A 1 73  ? -1.866  2.814   -8.884  1.00 16.26 ? 73  ARG A CG  1 
ATOM   583  C CD  . ARG A 1 73  ? -1.278  3.386   -10.163 1.00 19.19 ? 73  ARG A CD  1 
ATOM   584  N NE  . ARG A 1 73  ? -1.976  2.919   -11.352 1.00 23.03 ? 73  ARG A NE  1 
ATOM   585  C CZ  . ARG A 1 73  ? -1.714  3.357   -12.578 1.00 27.69 ? 73  ARG A CZ  1 
ATOM   586  N NH1 . ARG A 1 73  ? -0.767  4.272   -12.763 1.00 29.40 ? 73  ARG A NH1 1 
ATOM   587  N NH2 . ARG A 1 73  ? -2.397  2.888   -13.614 1.00 29.14 ? 73  ARG A NH2 1 
ATOM   588  N N   . GLU A 1 74  ? 0.654   2.453   -5.418  1.00 14.75 ? 74  GLU A N   1 
ATOM   589  C CA  . GLU A 1 74  ? 1.876   2.727   -4.673  1.00 14.00 ? 74  GLU A CA  1 
ATOM   590  C C   . GLU A 1 74  ? 2.455   3.989   -5.341  1.00 14.30 ? 74  GLU A C   1 
ATOM   591  O O   . GLU A 1 74  ? 2.008   4.378   -6.417  1.00 15.94 ? 74  GLU A O   1 
ATOM   592  C CB  . GLU A 1 74  ? 2.860   1.564   -4.862  1.00 12.06 ? 74  GLU A CB  1 
ATOM   593  C CG  . GLU A 1 74  ? 4.212   1.778   -4.211  1.00 13.26 ? 74  GLU A CG  1 
ATOM   594  C CD  . GLU A 1 74  ? 4.102   1.993   -2.719  1.00 15.96 ? 74  GLU A CD  1 
ATOM   595  O OE1 . GLU A 1 74  ? 4.061   0.989   -1.979  1.00 14.43 ? 74  GLU A OE1 1 
ATOM   596  O OE2 . GLU A 1 74  ? 4.039   3.165   -2.289  1.00 17.25 ? 74  GLU A OE2 1 
ATOM   597  N N   . ILE A 1 75  ? 3.434   4.631   -4.711  1.00 14.76 ? 75  ILE A N   1 
ATOM   598  C CA  . ILE A 1 75  ? 4.059   5.808   -5.310  1.00 15.41 ? 75  ILE A CA  1 
ATOM   599  C C   . ILE A 1 75  ? 4.853   5.352   -6.537  1.00 15.50 ? 75  ILE A C   1 
ATOM   600  O O   . ILE A 1 75  ? 5.373   4.230   -6.570  1.00 16.31 ? 75  ILE A O   1 
ATOM   601  C CB  . ILE A 1 75  ? 5.022   6.498   -4.306  1.00 14.94 ? 75  ILE A CB  1 
ATOM   602  C CG1 . ILE A 1 75  ? 5.571   7.801   -4.895  1.00 16.24 ? 75  ILE A CG1 1 
ATOM   603  C CG2 . ILE A 1 75  ? 6.181   5.551   -3.963  1.00 14.97 ? 75  ILE A CG2 1 
ATOM   604  C CD1 . ILE A 1 75  ? 6.427   8.597   -3.917  1.00 19.39 ? 75  ILE A CD1 1 
ATOM   605  N N   . HIS A 1 76  ? 4.931   6.208   -7.551  1.00 15.61 ? 76  HIS A N   1 
ATOM   606  C CA  . HIS A 1 76  ? 5.697   5.885   -8.754  1.00 17.34 ? 76  HIS A CA  1 
ATOM   607  C C   . HIS A 1 76  ? 7.165   6.217   -8.466  1.00 16.59 ? 76  HIS A C   1 
ATOM   608  O O   . HIS A 1 76  ? 7.493   7.344   -8.104  1.00 15.62 ? 76  HIS A O   1 
ATOM   609  C CB  . HIS A 1 76  ? 5.203   6.717   -9.942  1.00 19.23 ? 76  HIS A CB  1 
ATOM   610  C CG  . HIS A 1 76  ? 5.839   6.345   -11.245 1.00 22.93 ? 76  HIS A CG  1 
ATOM   611  N ND1 . HIS A 1 76  ? 5.796   7.164   -12.354 1.00 25.92 ? 76  HIS A ND1 1 
ATOM   612  C CD2 . HIS A 1 76  ? 6.515   5.233   -11.624 1.00 23.73 ? 76  HIS A CD2 1 
ATOM   613  C CE1 . HIS A 1 76  ? 6.419   6.573   -13.359 1.00 25.33 ? 76  HIS A CE1 1 
ATOM   614  N NE2 . HIS A 1 76  ? 6.863   5.401   -12.943 1.00 24.23 ? 76  HIS A NE2 1 
ATOM   615  N N   . PHE A 1 77  ? 8.049   5.234   -8.618  1.00 16.63 ? 77  PHE A N   1 
ATOM   616  C CA  . PHE A 1 77  ? 9.465   5.458   -8.354  1.00 17.64 ? 77  PHE A CA  1 
ATOM   617  C C   . PHE A 1 77  ? 10.233  5.946   -9.584  1.00 19.07 ? 77  PHE A C   1 
ATOM   618  O O   . PHE A 1 77  ? 11.419  6.259   -9.494  1.00 21.22 ? 77  PHE A O   1 
ATOM   619  C CB  . PHE A 1 77  ? 10.105  4.176   -7.806  1.00 17.44 ? 77  PHE A CB  1 
ATOM   620  C CG  . PHE A 1 77  ? 9.729   3.872   -6.378  1.00 18.39 ? 77  PHE A CG  1 
ATOM   621  C CD1 . PHE A 1 77  ? 10.174  4.688   -5.345  1.00 17.78 ? 77  PHE A CD1 1 
ATOM   622  C CD2 . PHE A 1 77  ? 8.942   2.768   -6.068  1.00 16.70 ? 77  PHE A CD2 1 
ATOM   623  C CE1 . PHE A 1 77  ? 9.843   4.412   -4.016  1.00 19.16 ? 77  PHE A CE1 1 
ATOM   624  C CE2 . PHE A 1 77  ? 8.602   2.479   -4.742  1.00 18.73 ? 77  PHE A CE2 1 
ATOM   625  C CZ  . PHE A 1 77  ? 9.058   3.307   -3.715  1.00 18.08 ? 77  PHE A CZ  1 
ATOM   626  N N   . GLY A 1 78  ? 9.552   6.015   -10.724 1.00 18.55 ? 78  GLY A N   1 
ATOM   627  C CA  . GLY A 1 78  ? 10.196  6.476   -11.943 1.00 21.91 ? 78  GLY A CA  1 
ATOM   628  C C   . GLY A 1 78  ? 11.462  5.713   -12.289 1.00 21.82 ? 78  GLY A C   1 
ATOM   629  O O   . GLY A 1 78  ? 11.443  4.491   -12.431 1.00 23.24 ? 78  GLY A O   1 
ATOM   630  N N   . ALA A 1 79  ? 12.567  6.439   -12.423 1.00 24.86 ? 79  ALA A N   1 
ATOM   631  C CA  . ALA A 1 79  ? 13.850  5.833   -12.763 1.00 24.96 ? 79  ALA A CA  1 
ATOM   632  C C   . ALA A 1 79  ? 14.369  4.889   -11.681 1.00 25.52 ? 79  ALA A C   1 
ATOM   633  O O   . ALA A 1 79  ? 15.307  4.124   -11.917 1.00 25.62 ? 79  ALA A O   1 
ATOM   634  C CB  . ALA A 1 79  ? 14.887  6.927   -13.045 1.00 25.85 ? 79  ALA A CB  1 
ATOM   635  N N   . LEU A 1 80  ? 13.767  4.930   -10.494 1.00 22.91 ? 80  LEU A N   1 
ATOM   636  C CA  . LEU A 1 80  ? 14.213  4.060   -9.414  1.00 22.22 ? 80  LEU A CA  1 
ATOM   637  C C   . LEU A 1 80  ? 13.399  2.778   -9.282  1.00 20.98 ? 80  LEU A C   1 
ATOM   638  O O   . LEU A 1 80  ? 13.606  2.008   -8.345  1.00 20.48 ? 80  LEU A O   1 
ATOM   639  C CB  . LEU A 1 80  ? 14.210  4.806   -8.078  1.00 22.71 ? 80  LEU A CB  1 
ATOM   640  C CG  . LEU A 1 80  ? 15.023  6.102   -8.005  1.00 24.18 ? 80  LEU A CG  1 
ATOM   641  C CD1 . LEU A 1 80  ? 15.041  6.594   -6.573  1.00 24.95 ? 80  LEU A CD1 1 
ATOM   642  C CD2 . LEU A 1 80  ? 16.442  5.864   -8.498  1.00 25.99 ? 80  LEU A CD2 1 
ATOM   643  N N   . GLU A 1 81  ? 12.465  2.551   -10.203 1.00 21.10 ? 81  GLU A N   1 
ATOM   644  C CA  . GLU A 1 81  ? 11.668  1.326   -10.161 1.00 21.07 ? 81  GLU A CA  1 
ATOM   645  C C   . GLU A 1 81  ? 12.649  0.165   -10.261 1.00 21.93 ? 81  GLU A C   1 
ATOM   646  O O   . GLU A 1 81  ? 13.523  0.159   -11.131 1.00 22.04 ? 81  GLU A O   1 
ATOM   647  C CB  . GLU A 1 81  ? 10.689  1.259   -11.341 1.00 21.43 ? 81  GLU A CB  1 
ATOM   648  C CG  . GLU A 1 81  ? 9.506   2.225   -11.292 1.00 19.10 ? 81  GLU A CG  1 
ATOM   649  C CD  . GLU A 1 81  ? 8.406   1.791   -10.335 1.00 19.56 ? 81  GLU A CD  1 
ATOM   650  O OE1 . GLU A 1 81  ? 8.275   0.576   -10.074 1.00 18.42 ? 81  GLU A OE1 1 
ATOM   651  O OE2 . GLU A 1 81  ? 7.658   2.674   -9.865  1.00 18.88 ? 81  GLU A OE2 1 
ATOM   652  N N   . GLY A 1 82  ? 12.504  -0.808  -9.367  1.00 22.35 ? 82  GLY A N   1 
ATOM   653  C CA  . GLY A 1 82  ? 13.384  -1.962  -9.364  1.00 25.41 ? 82  GLY A CA  1 
ATOM   654  C C   . GLY A 1 82  ? 14.744  -1.677  -8.754  1.00 27.17 ? 82  GLY A C   1 
ATOM   655  O O   . GLY A 1 82  ? 15.507  -2.601  -8.458  1.00 27.52 ? 82  GLY A O   1 
ATOM   656  N N   . ALA A 1 83  ? 15.039  -0.396  -8.558  1.00 27.65 ? 83  ALA A N   1 
ATOM   657  C CA  . ALA A 1 83  ? 16.314  0.022   -7.996  1.00 29.50 ? 83  ALA A CA  1 
ATOM   658  C C   . ALA A 1 83  ? 16.729  -0.811  -6.800  1.00 29.03 ? 83  ALA A C   1 
ATOM   659  O O   . ALA A 1 83  ? 15.953  -1.045  -5.868  1.00 26.57 ? 83  ALA A O   1 
ATOM   660  C CB  . ALA A 1 83  ? 16.263  1.491   -7.604  1.00 28.89 ? 83  ALA A CB  1 
ATOM   661  N N   . LEU A 1 84  ? 17.973  -1.262  -6.842  1.00 30.87 ? 84  LEU A N   1 
ATOM   662  C CA  . LEU A 1 84  ? 18.529  -2.056  -5.768  1.00 32.35 ? 84  LEU A CA  1 
ATOM   663  C C   . LEU A 1 84  ? 18.702  -1.114  -4.578  1.00 33.46 ? 84  LEU A C   1 
ATOM   664  O O   . LEU A 1 84  ? 19.483  -0.160  -4.637  1.00 33.31 ? 84  LEU A O   1 
ATOM   665  C CB  . LEU A 1 84  ? 19.882  -2.619  -6.203  1.00 34.74 ? 84  LEU A CB  1 
ATOM   666  C CG  . LEU A 1 84  ? 20.565  -3.656  -5.314  1.00 37.05 ? 84  LEU A CG  1 
ATOM   667  C CD1 . LEU A 1 84  ? 19.764  -4.955  -5.335  1.00 37.65 ? 84  LEU A CD1 1 
ATOM   668  C CD2 . LEU A 1 84  ? 21.983  -3.894  -5.819  1.00 37.39 ? 84  LEU A CD2 1 
ATOM   669  N N   . TRP A 1 85  ? 17.962  -1.375  -3.507  1.00 31.76 ? 85  TRP A N   1 
ATOM   670  C CA  . TRP A 1 85  ? 18.034  -0.550  -2.310  1.00 34.38 ? 85  TRP A CA  1 
ATOM   671  C C   . TRP A 1 85  ? 19.462  -0.475  -1.764  1.00 34.81 ? 85  TRP A C   1 
ATOM   672  O O   . TRP A 1 85  ? 19.886  0.562   -1.251  1.00 34.03 ? 85  TRP A O   1 
ATOM   673  C CB  . TRP A 1 85  ? 17.074  -1.107  -1.252  1.00 35.59 ? 85  TRP A CB  1 
ATOM   674  C CG  . TRP A 1 85  ? 17.048  -0.350  0.044   1.00 38.17 ? 85  TRP A CG  1 
ATOM   675  C CD1 . TRP A 1 85  ? 17.781  -0.618  1.163   1.00 39.71 ? 85  TRP A CD1 1 
ATOM   676  C CD2 . TRP A 1 85  ? 16.243  0.795   0.357   1.00 39.82 ? 85  TRP A CD2 1 
ATOM   677  N NE1 . TRP A 1 85  ? 17.481  0.286   2.156   1.00 40.07 ? 85  TRP A NE1 1 
ATOM   678  C CE2 . TRP A 1 85  ? 16.541  1.165   1.688   1.00 40.30 ? 85  TRP A CE2 1 
ATOM   679  C CE3 . TRP A 1 85  ? 15.300  1.546   -0.357  1.00 40.40 ? 85  TRP A CE3 1 
ATOM   680  C CZ2 . TRP A 1 85  ? 15.928  2.251   2.322   1.00 40.36 ? 85  TRP A CZ2 1 
ATOM   681  C CZ3 . TRP A 1 85  ? 14.690  2.629   0.273   1.00 40.89 ? 85  TRP A CZ3 1 
ATOM   682  C CH2 . TRP A 1 85  ? 15.008  2.970   1.601   1.00 40.97 ? 85  TRP A CH2 1 
ATOM   683  N N   . GLU A 1 86  ? 20.204  -1.572  -1.893  1.00 34.77 ? 86  GLU A N   1 
ATOM   684  C CA  . GLU A 1 86  ? 21.583  -1.632  -1.415  1.00 35.76 ? 86  GLU A CA  1 
ATOM   685  C C   . GLU A 1 86  ? 22.463  -0.523  -1.987  1.00 35.05 ? 86  GLU A C   1 
ATOM   686  O O   . GLU A 1 86  ? 23.148  0.176   -1.245  1.00 35.46 ? 86  GLU A O   1 
ATOM   687  C CB  . GLU A 1 86  ? 22.213  -2.986  -1.762  1.00 36.05 ? 86  GLU A CB  1 
ATOM   688  C CG  . GLU A 1 86  ? 23.709  -3.053  -1.474  1.00 38.69 ? 86  GLU A CG  1 
ATOM   689  C CD  . GLU A 1 86  ? 24.361  -4.326  -1.985  1.00 39.13 ? 86  GLU A CD  1 
ATOM   690  O OE1 . GLU A 1 86  ? 24.183  -4.652  -3.177  1.00 37.98 ? 86  GLU A OE1 1 
ATOM   691  O OE2 . GLU A 1 86  ? 25.061  -4.995  -1.195  1.00 41.60 ? 86  GLU A OE2 1 
ATOM   692  N N   . THR A 1 87  ? 22.449  -0.372  -3.308  1.00 35.85 ? 87  THR A N   1 
ATOM   693  C CA  . THR A 1 87  ? 23.265  0.643   -3.967  1.00 35.94 ? 87  THR A CA  1 
ATOM   694  C C   . THR A 1 87  ? 22.531  1.960   -4.196  1.00 35.42 ? 87  THR A C   1 
ATOM   695  O O   . THR A 1 87  ? 23.049  2.850   -4.875  1.00 35.93 ? 87  THR A O   1 
ATOM   696  C CB  . THR A 1 87  ? 23.787  0.139   -5.331  1.00 36.28 ? 87  THR A CB  1 
ATOM   697  O OG1 . THR A 1 87  ? 22.679  -0.239  -6.158  1.00 36.72 ? 87  THR A OG1 1 
ATOM   698  C CG2 . THR A 1 87  ? 24.710  -1.062  -5.144  1.00 36.67 ? 87  THR A CG2 1 
ATOM   699  N N   . LEU A 1 88  ? 21.333  2.085   -3.635  1.00 35.36 ? 88  LEU A N   1 
ATOM   700  C CA  . LEU A 1 88  ? 20.540  3.299   -3.791  1.00 34.45 ? 88  LEU A CA  1 
ATOM   701  C C   . LEU A 1 88  ? 21.258  4.486   -3.152  1.00 32.99 ? 88  LEU A C   1 
ATOM   702  O O   . LEU A 1 88  ? 21.638  4.439   -1.980  1.00 32.13 ? 88  LEU A O   1 
ATOM   703  C CB  . LEU A 1 88  ? 19.161  3.119   -3.153  1.00 35.29 ? 88  LEU A CB  1 
ATOM   704  C CG  . LEU A 1 88  ? 18.187  4.294   -3.287  1.00 36.22 ? 88  LEU A CG  1 
ATOM   705  C CD1 . LEU A 1 88  ? 17.928  4.583   -4.761  1.00 35.90 ? 88  LEU A CD1 1 
ATOM   706  C CD2 . LEU A 1 88  ? 16.887  3.970   -2.565  1.00 35.78 ? 88  LEU A CD2 1 
ATOM   707  N N   . ASP A 1 89  ? 21.443  5.546   -3.932  1.00 32.02 ? 89  ASP A N   1 
ATOM   708  C CA  . ASP A 1 89  ? 22.123  6.739   -3.445  1.00 31.38 ? 89  ASP A CA  1 
ATOM   709  C C   . ASP A 1 89  ? 21.558  7.151   -2.086  1.00 30.33 ? 89  ASP A C   1 
ATOM   710  O O   . ASP A 1 89  ? 20.346  7.243   -1.911  1.00 28.61 ? 89  ASP A O   1 
ATOM   711  C CB  . ASP A 1 89  ? 21.963  7.883   -4.446  1.00 33.44 ? 89  ASP A CB  1 
ATOM   712  C CG  . ASP A 1 89  ? 22.860  9.058   -4.127  1.00 35.25 ? 89  ASP A CG  1 
ATOM   713  O OD1 . ASP A 1 89  ? 22.699  9.648   -3.040  1.00 35.03 ? 89  ASP A OD1 1 
ATOM   714  O OD2 . ASP A 1 89  ? 23.733  9.383   -4.962  1.00 38.31 ? 89  ASP A OD2 1 
ATOM   715  N N   . PRO A 1 90  ? 22.437  7.397   -1.103  1.00 30.02 ? 90  PRO A N   1 
ATOM   716  C CA  . PRO A 1 90  ? 22.030  7.795   0.247   1.00 30.94 ? 90  PRO A CA  1 
ATOM   717  C C   . PRO A 1 90  ? 20.986  8.908   0.299   1.00 31.57 ? 90  PRO A C   1 
ATOM   718  O O   . PRO A 1 90  ? 20.134  8.919   1.186   1.00 32.74 ? 90  PRO A O   1 
ATOM   719  C CB  . PRO A 1 90  ? 23.351  8.208   0.891   1.00 31.39 ? 90  PRO A CB  1 
ATOM   720  C CG  . PRO A 1 90  ? 24.320  7.270   0.258   1.00 30.97 ? 90  PRO A CG  1 
ATOM   721  C CD  . PRO A 1 90  ? 23.905  7.317   -1.200  1.00 31.12 ? 90  PRO A CD  1 
ATOM   722  N N   . ARG A 1 91  ? 21.042  9.836   -0.649  1.00 31.07 ? 91  ARG A N   1 
ATOM   723  C CA  . ARG A 1 91  ? 20.093  10.944  -0.659  1.00 31.57 ? 91  ARG A CA  1 
ATOM   724  C C   . ARG A 1 91  ? 18.651  10.457  -0.760  1.00 30.80 ? 91  ARG A C   1 
ATOM   725  O O   . ARG A 1 91  ? 17.775  10.942  -0.042  1.00 30.52 ? 91  ARG A O   1 
ATOM   726  C CB  . ARG A 1 91  ? 20.408  11.910  -1.807  1.00 33.66 ? 91  ARG A CB  1 
ATOM   727  C CG  . ARG A 1 91  ? 20.136  11.380  -3.206  1.00 35.61 ? 91  ARG A CG  1 
ATOM   728  C CD  . ARG A 1 91  ? 20.728  12.324  -4.241  1.00 37.49 ? 91  ARG A CD  1 
ATOM   729  N NE  . ARG A 1 91  ? 22.187  12.306  -4.193  1.00 38.39 ? 91  ARG A NE  1 
ATOM   730  C CZ  . ARG A 1 91  ? 22.969  13.260  -4.686  1.00 40.24 ? 91  ARG A CZ  1 
ATOM   731  N NH1 . ARG A 1 91  ? 22.439  14.326  -5.269  1.00 42.23 ? 91  ARG A NH1 1 
ATOM   732  N NH2 . ARG A 1 91  ? 24.289  13.147  -4.597  1.00 42.16 ? 91  ARG A NH2 1 
ATOM   733  N N   . TYR A 1 92  ? 18.407  9.493   -1.643  1.00 28.83 ? 92  TYR A N   1 
ATOM   734  C CA  . TYR A 1 92  ? 17.062  8.956   -1.812  1.00 27.29 ? 92  TYR A CA  1 
ATOM   735  C C   . TYR A 1 92  ? 16.727  8.026   -0.656  1.00 26.13 ? 92  TYR A C   1 
ATOM   736  O O   . TYR A 1 92  ? 15.606  8.020   -0.144  1.00 24.48 ? 92  TYR A O   1 
ATOM   737  C CB  . TYR A 1 92  ? 16.959  8.191   -3.134  1.00 27.93 ? 92  TYR A CB  1 
ATOM   738  C CG  . TYR A 1 92  ? 17.238  9.039   -4.353  1.00 28.19 ? 92  TYR A CG  1 
ATOM   739  C CD1 . TYR A 1 92  ? 16.505  10.198  -4.600  1.00 30.50 ? 92  TYR A CD1 1 
ATOM   740  C CD2 . TYR A 1 92  ? 18.233  8.681   -5.262  1.00 29.74 ? 92  TYR A CD2 1 
ATOM   741  C CE1 . TYR A 1 92  ? 16.756  10.982  -5.722  1.00 31.51 ? 92  TYR A CE1 1 
ATOM   742  C CE2 . TYR A 1 92  ? 18.492  9.459   -6.387  1.00 30.43 ? 92  TYR A CE2 1 
ATOM   743  C CZ  . TYR A 1 92  ? 17.751  10.606  -6.610  1.00 30.96 ? 92  TYR A CZ  1 
ATOM   744  O OH  . TYR A 1 92  ? 18.003  11.378  -7.717  1.00 32.23 ? 92  TYR A OH  1 
ATOM   745  N N   . LYS A 1 93  ? 17.717  7.247   -0.241  1.00 26.10 ? 93  LYS A N   1 
ATOM   746  C CA  . LYS A 1 93  ? 17.543  6.297   0.845   1.00 28.16 ? 93  LYS A CA  1 
ATOM   747  C C   . LYS A 1 93  ? 17.127  7.004   2.135   1.00 27.97 ? 93  LYS A C   1 
ATOM   748  O O   . LYS A 1 93  ? 16.169  6.600   2.798   1.00 27.49 ? 93  LYS A O   1 
ATOM   749  C CB  . LYS A 1 93  ? 18.849  5.530   1.051   1.00 31.00 ? 93  LYS A CB  1 
ATOM   750  C CG  . LYS A 1 93  ? 18.728  4.270   1.876   1.00 35.27 ? 93  LYS A CG  1 
ATOM   751  C CD  . LYS A 1 93  ? 20.058  3.533   1.893   1.00 39.18 ? 93  LYS A CD  1 
ATOM   752  C CE  . LYS A 1 93  ? 19.948  2.192   2.592   1.00 41.40 ? 93  LYS A CE  1 
ATOM   753  N NZ  . LYS A 1 93  ? 21.259  1.484   2.591   1.00 43.57 ? 93  LYS A NZ  1 
ATOM   754  N N   . GLU A 1 94  ? 17.848  8.063   2.489   1.00 27.26 ? 94  GLU A N   1 
ATOM   755  C CA  . GLU A 1 94  ? 17.546  8.816   3.700   1.00 28.21 ? 94  GLU A CA  1 
ATOM   756  C C   . GLU A 1 94  ? 16.167  9.473   3.596   1.00 27.86 ? 94  GLU A C   1 
ATOM   757  O O   . GLU A 1 94  ? 15.414  9.512   4.570   1.00 27.54 ? 94  GLU A O   1 
ATOM   758  C CB  . GLU A 1 94  ? 18.611  9.893   3.926   1.00 30.83 ? 94  GLU A CB  1 
ATOM   759  C CG  . GLU A 1 94  ? 20.033  9.356   3.967   1.00 34.77 ? 94  GLU A CG  1 
ATOM   760  C CD  . GLU A 1 94  ? 21.079  10.444  3.772   1.00 37.10 ? 94  GLU A CD  1 
ATOM   761  O OE1 . GLU A 1 94  ? 22.264  10.099  3.570   1.00 38.17 ? 94  GLU A OE1 1 
ATOM   762  O OE2 . GLU A 1 94  ? 20.716  11.641  3.824   1.00 38.37 ? 94  GLU A OE2 1 
ATOM   763  N N   . ALA A 1 95  ? 15.845  9.978   2.409   1.00 27.11 ? 95  ALA A N   1 
ATOM   764  C CA  . ALA A 1 95  ? 14.568  10.642  2.175   1.00 26.95 ? 95  ALA A CA  1 
ATOM   765  C C   . ALA A 1 95  ? 13.379  9.705   2.349   1.00 27.46 ? 95  ALA A C   1 
ATOM   766  O O   . ALA A 1 95  ? 12.372  10.072  2.951   1.00 26.08 ? 95  ALA A O   1 
ATOM   767  C CB  . ALA A 1 95  ? 14.546  11.249  0.781   1.00 27.25 ? 95  ALA A CB  1 
ATOM   768  N N   . LEU A 1 96  ? 13.490  8.497   1.809   1.00 27.59 ? 96  LEU A N   1 
ATOM   769  C CA  . LEU A 1 96  ? 12.406  7.528   1.918   1.00 29.63 ? 96  LEU A CA  1 
ATOM   770  C C   . LEU A 1 96  ? 12.208  7.098   3.367   1.00 31.05 ? 96  LEU A C   1 
ATOM   771  O O   . LEU A 1 96  ? 11.078  7.010   3.848   1.00 30.85 ? 96  LEU A O   1 
ATOM   772  C CB  . LEU A 1 96  ? 12.701  6.295   1.057   1.00 30.70 ? 96  LEU A CB  1 
ATOM   773  C CG  . LEU A 1 96  ? 11.614  5.883   0.060   1.00 33.04 ? 96  LEU A CG  1 
ATOM   774  C CD1 . LEU A 1 96  ? 11.991  4.547   -0.562  1.00 34.46 ? 96  LEU A CD1 1 
ATOM   775  C CD2 . LEU A 1 96  ? 10.268  5.775   0.754   1.00 31.43 ? 96  LEU A CD2 1 
ATOM   776  N N   . LEU A 1 97  ? 13.309  6.839   4.064   1.00 31.83 ? 97  LEU A N   1 
ATOM   777  C CA  . LEU A 1 97  ? 13.240  6.414   5.456   1.00 33.69 ? 97  LEU A CA  1 
ATOM   778  C C   . LEU A 1 97  ? 12.574  7.448   6.357   1.00 33.31 ? 97  LEU A C   1 
ATOM   779  O O   . LEU A 1 97  ? 11.839  7.091   7.274   1.00 33.55 ? 97  LEU A O   1 
ATOM   780  C CB  . LEU A 1 97  ? 14.643  6.096   5.979   1.00 35.53 ? 97  LEU A CB  1 
ATOM   781  C CG  . LEU A 1 97  ? 15.337  4.909   5.310   1.00 37.65 ? 97  LEU A CG  1 
ATOM   782  C CD1 . LEU A 1 97  ? 16.733  4.745   5.885   1.00 40.27 ? 97  LEU A CD1 1 
ATOM   783  C CD2 . LEU A 1 97  ? 14.516  3.645   5.524   1.00 38.77 ? 97  LEU A CD2 1 
ATOM   784  N N   . ARG A 1 98  ? 12.826  8.727   6.095   1.00 33.46 ? 98  ARG A N   1 
ATOM   785  C CA  . ARG A 1 98  ? 12.232  9.794   6.897   1.00 34.46 ? 98  ARG A CA  1 
ATOM   786  C C   . ARG A 1 98  ? 10.827  10.119  6.401   1.00 33.71 ? 98  ARG A C   1 
ATOM   787  O O   . ARG A 1 98  ? 10.011  10.680  7.130   1.00 34.03 ? 98  ARG A O   1 
ATOM   788  C CB  . ARG A 1 98  ? 13.106  11.048  6.834   1.00 36.60 ? 98  ARG A CB  1 
ATOM   789  C CG  . ARG A 1 98  ? 14.495  10.853  7.414   1.00 41.31 ? 98  ARG A CG  1 
ATOM   790  C CD  . ARG A 1 98  ? 15.360  12.084  7.209   1.00 45.12 ? 98  ARG A CD  1 
ATOM   791  N NE  . ARG A 1 98  ? 16.716  11.884  7.718   1.00 48.47 ? 98  ARG A NE  1 
ATOM   792  C CZ  . ARG A 1 98  ? 17.710  12.752  7.559   1.00 49.77 ? 98  ARG A CZ  1 
ATOM   793  N NH1 . ARG A 1 98  ? 17.506  13.886  6.901   1.00 51.06 ? 98  ARG A NH1 1 
ATOM   794  N NH2 . ARG A 1 98  ? 18.909  12.487  8.061   1.00 50.72 ? 98  ARG A NH2 1 
ATOM   795  N N   . PHE A 1 99  ? 10.560  9.754   5.151   1.00 32.23 ? 99  PHE A N   1 
ATOM   796  C CA  . PHE A 1 99  ? 9.269   9.989   4.512   1.00 31.09 ? 99  PHE A CA  1 
ATOM   797  C C   . PHE A 1 99  ? 8.977   11.472  4.306   1.00 32.09 ? 99  PHE A C   1 
ATOM   798  O O   . PHE A 1 99  ? 7.941   11.983  4.732   1.00 32.46 ? 99  PHE A O   1 
ATOM   799  C CB  . PHE A 1 99  ? 8.131   9.333   5.312   1.00 28.49 ? 99  PHE A CB  1 
ATOM   800  C CG  . PHE A 1 99  ? 7.024   8.770   4.448   1.00 24.74 ? 99  PHE A CG  1 
ATOM   801  C CD1 . PHE A 1 99  ? 7.265   7.693   3.597   1.00 23.95 ? 99  PHE A CD1 1 
ATOM   802  C CD2 . PHE A 1 99  ? 5.743   9.316   4.482   1.00 23.63 ? 99  PHE A CD2 1 
ATOM   803  C CE1 . PHE A 1 99  ? 6.245   7.166   2.793   1.00 21.67 ? 99  PHE A CE1 1 
ATOM   804  C CE2 . PHE A 1 99  ? 4.718   8.794   3.683   1.00 22.15 ? 99  PHE A CE2 1 
ATOM   805  C CZ  . PHE A 1 99  ? 4.969   7.721   2.840   1.00 22.03 ? 99  PHE A CZ  1 
ATOM   806  N N   . GLN A 1 100 ? 9.914   12.155  3.654   1.00 31.86 ? 100 GLN A N   1 
ATOM   807  C CA  . GLN A 1 100 ? 9.779   13.568  3.317   1.00 32.36 ? 100 GLN A CA  1 
ATOM   808  C C   . GLN A 1 100 ? 10.946  14.019  2.451   1.00 31.42 ? 100 GLN A C   1 
ATOM   809  O O   . GLN A 1 100 ? 12.030  13.436  2.509   1.00 31.03 ? 100 GLN A O   1 
ATOM   810  C CB  . GLN A 1 100 ? 9.667   14.453  4.569   1.00 34.76 ? 100 GLN A CB  1 
ATOM   811  C CG  . GLN A 1 100 ? 10.720  14.263  5.637   1.00 36.14 ? 100 GLN A CG  1 
ATOM   812  C CD  . GLN A 1 100 ? 10.698  15.399  6.657   1.00 38.06 ? 100 GLN A CD  1 
ATOM   813  O OE1 . GLN A 1 100 ? 11.083  15.224  7.816   1.00 39.51 ? 100 GLN A OE1 1 
ATOM   814  N NE2 . GLN A 1 100 ? 10.255  16.574  6.220   1.00 36.78 ? 100 GLN A NE2 1 
ATOM   815  N N   . GLY A 1 101 ? 10.709  15.042  1.636   1.00 30.26 ? 101 GLY A N   1 
ATOM   816  C CA  . GLY A 1 101 ? 11.743  15.545  0.750   1.00 29.60 ? 101 GLY A CA  1 
ATOM   817  C C   . GLY A 1 101 ? 12.164  14.460  -0.219  1.00 29.80 ? 101 GLY A C   1 
ATOM   818  O O   . GLY A 1 101 ? 13.330  14.360  -0.603  1.00 30.79 ? 101 GLY A O   1 
ATOM   819  N N   . PHE A 1 102 ? 11.200  13.645  -0.627  1.00 27.88 ? 102 PHE A N   1 
ATOM   820  C CA  . PHE A 1 102 ? 11.482  12.545  -1.528  1.00 25.12 ? 102 PHE A CA  1 
ATOM   821  C C   . PHE A 1 102 ? 10.733  12.625  -2.850  1.00 25.27 ? 102 PHE A C   1 
ATOM   822  O O   . PHE A 1 102 ? 9.504   12.575  -2.887  1.00 24.81 ? 102 PHE A O   1 
ATOM   823  C CB  . PHE A 1 102 ? 11.151  11.217  -0.832  1.00 25.86 ? 102 PHE A CB  1 
ATOM   824  C CG  . PHE A 1 102 ? 11.412  10.001  -1.681  1.00 26.63 ? 102 PHE A CG  1 
ATOM   825  C CD1 . PHE A 1 102 ? 12.667  9.782   -2.241  1.00 27.80 ? 102 PHE A CD1 1 
ATOM   826  C CD2 . PHE A 1 102 ? 10.402  9.068   -1.908  1.00 27.98 ? 102 PHE A CD2 1 
ATOM   827  C CE1 . PHE A 1 102 ? 12.916  8.649   -3.018  1.00 28.63 ? 102 PHE A CE1 1 
ATOM   828  C CE2 . PHE A 1 102 ? 10.639  7.929   -2.685  1.00 28.88 ? 102 PHE A CE2 1 
ATOM   829  C CZ  . PHE A 1 102 ? 11.898  7.721   -3.240  1.00 29.36 ? 102 PHE A CZ  1 
ATOM   830  N N   . HIS A 1 103 ? 11.484  12.775  -3.933  1.00 23.08 ? 103 HIS A N   1 
ATOM   831  C CA  . HIS A 1 103 ? 10.898  12.801  -5.260  1.00 22.93 ? 103 HIS A CA  1 
ATOM   832  C C   . HIS A 1 103 ? 11.802  11.949  -6.128  1.00 22.74 ? 103 HIS A C   1 
ATOM   833  O O   . HIS A 1 103 ? 12.806  12.431  -6.653  1.00 22.31 ? 103 HIS A O   1 
ATOM   834  C CB  . HIS A 1 103 ? 10.814  14.226  -5.830  1.00 21.35 ? 103 HIS A CB  1 
ATOM   835  C CG  . HIS A 1 103 ? 10.025  14.312  -7.104  1.00 19.52 ? 103 HIS A CG  1 
ATOM   836  N ND1 . HIS A 1 103 ? 9.586   15.507  -7.632  1.00 18.32 ? 103 HIS A ND1 1 
ATOM   837  C CD2 . HIS A 1 103 ? 9.570   13.344  -7.936  1.00 19.18 ? 103 HIS A CD2 1 
ATOM   838  C CE1 . HIS A 1 103 ? 8.889   15.272  -8.729  1.00 17.78 ? 103 HIS A CE1 1 
ATOM   839  N NE2 . HIS A 1 103 ? 8.865   13.968  -8.937  1.00 18.19 ? 103 HIS A NE2 1 
ATOM   840  N N   . PRO A 1 104 ? 11.482  10.651  -6.260  1.00 23.33 ? 104 PRO A N   1 
ATOM   841  C CA  . PRO A 1 104 ? 12.322  9.785   -7.088  1.00 24.76 ? 104 PRO A CA  1 
ATOM   842  C C   . PRO A 1 104 ? 12.394  10.329  -8.510  1.00 26.01 ? 104 PRO A C   1 
ATOM   843  O O   . PRO A 1 104 ? 11.370  10.662  -9.110  1.00 24.17 ? 104 PRO A O   1 
ATOM   844  C CB  . PRO A 1 104 ? 11.626  8.426   -6.992  1.00 24.99 ? 104 PRO A CB  1 
ATOM   845  C CG  . PRO A 1 104 ? 10.193  8.788   -6.699  1.00 23.93 ? 104 PRO A CG  1 
ATOM   846  C CD  . PRO A 1 104 ? 10.337  9.906   -5.707  1.00 23.93 ? 104 PRO A CD  1 
ATOM   847  N N   . PRO A 1 105 ? 13.609  10.438  -9.063  1.00 28.18 ? 105 PRO A N   1 
ATOM   848  C CA  . PRO A 1 105 ? 13.787  10.955  -10.424 1.00 28.50 ? 105 PRO A CA  1 
ATOM   849  C C   . PRO A 1 105 ? 12.875  10.295  -11.451 1.00 27.15 ? 105 PRO A C   1 
ATOM   850  O O   . PRO A 1 105 ? 12.949  9.090   -11.677 1.00 26.58 ? 105 PRO A O   1 
ATOM   851  C CB  . PRO A 1 105 ? 15.272  10.701  -10.702 1.00 29.50 ? 105 PRO A CB  1 
ATOM   852  C CG  . PRO A 1 105 ? 15.597  9.530   -9.822  1.00 30.68 ? 105 PRO A CG  1 
ATOM   853  C CD  . PRO A 1 105 ? 14.868  9.870   -8.549  1.00 29.71 ? 105 PRO A CD  1 
ATOM   854  N N   . GLY A 1 106 ? 12.001  11.093  -12.058 1.00 25.84 ? 106 GLY A N   1 
ATOM   855  C CA  . GLY A 1 106 ? 11.094  10.568  -13.060 1.00 24.91 ? 106 GLY A CA  1 
ATOM   856  C C   . GLY A 1 106 ? 9.773   10.047  -12.522 1.00 25.07 ? 106 GLY A C   1 
ATOM   857  O O   . GLY A 1 106 ? 8.864   9.761   -13.293 1.00 26.32 ? 106 GLY A O   1 
ATOM   858  N N   . GLY A 1 107 ? 9.668   9.920   -11.202 1.00 23.92 ? 107 GLY A N   1 
ATOM   859  C CA  . GLY A 1 107 ? 8.441   9.427   -10.603 1.00 22.19 ? 107 GLY A CA  1 
ATOM   860  C C   . GLY A 1 107 ? 7.596   10.513  -9.959  1.00 21.47 ? 107 GLY A C   1 
ATOM   861  O O   . GLY A 1 107 ? 7.646   11.679  -10.362 1.00 20.99 ? 107 GLY A O   1 
ATOM   862  N N   . GLU A 1 108 ? 6.814   10.123  -8.953  1.00 19.89 ? 108 GLU A N   1 
ATOM   863  C CA  . GLU A 1 108 ? 5.935   11.046  -8.231  1.00 19.82 ? 108 GLU A CA  1 
ATOM   864  C C   . GLU A 1 108 ? 6.597   11.611  -6.985  1.00 18.25 ? 108 GLU A C   1 
ATOM   865  O O   . GLU A 1 108 ? 7.331   10.908  -6.293  1.00 18.30 ? 108 GLU A O   1 
ATOM   866  C CB  . GLU A 1 108 ? 4.665   10.335  -7.761  1.00 20.94 ? 108 GLU A CB  1 
ATOM   867  C CG  . GLU A 1 108 ? 3.603   10.069  -8.789  1.00 24.86 ? 108 GLU A CG  1 
ATOM   868  C CD  . GLU A 1 108 ? 2.420   9.357   -8.162  1.00 26.59 ? 108 GLU A CD  1 
ATOM   869  O OE1 . GLU A 1 108 ? 2.631   8.270   -7.586  1.00 21.68 ? 108 GLU A OE1 1 
ATOM   870  O OE2 . GLU A 1 108 ? 1.289   9.882   -8.239  1.00 27.28 ? 108 GLU A OE2 1 
ATOM   871  N N   . SER A 1 109 ? 6.320   12.878  -6.689  1.00 15.85 ? 109 SER A N   1 
ATOM   872  C CA  . SER A 1 109 ? 6.860   13.482  -5.482  1.00 14.87 ? 109 SER A CA  1 
ATOM   873  C C   . SER A 1 109 ? 6.047   12.904  -4.323  1.00 14.44 ? 109 SER A C   1 
ATOM   874  O O   . SER A 1 109 ? 4.889   12.517  -4.493  1.00 16.30 ? 109 SER A O   1 
ATOM   875  C CB  . SER A 1 109 ? 6.704   15.003  -5.509  1.00 18.48 ? 109 SER A CB  1 
ATOM   876  O OG  . SER A 1 109 ? 5.338   15.379  -5.473  1.00 18.11 ? 109 SER A OG  1 
ATOM   877  N N   . LEU A 1 110 ? 6.656   12.838  -3.150  1.00 15.37 ? 110 LEU A N   1 
ATOM   878  C CA  . LEU A 1 110 ? 5.964   12.306  -1.994  1.00 14.69 ? 110 LEU A CA  1 
ATOM   879  C C   . LEU A 1 110 ? 4.752   13.179  -1.677  1.00 15.39 ? 110 LEU A C   1 
ATOM   880  O O   . LEU A 1 110 ? 3.717   12.670  -1.262  1.00 14.86 ? 110 LEU A O   1 
ATOM   881  C CB  . LEU A 1 110 ? 6.908   12.248  -0.794  1.00 17.08 ? 110 LEU A CB  1 
ATOM   882  C CG  . LEU A 1 110 ? 6.397   11.439  0.400   1.00 17.92 ? 110 LEU A CG  1 
ATOM   883  C CD1 . LEU A 1 110 ? 6.340   9.969   0.016   1.00 19.96 ? 110 LEU A CD1 1 
ATOM   884  C CD2 . LEU A 1 110 ? 7.319   11.622  1.598   1.00 20.07 ? 110 LEU A CD2 1 
ATOM   885  N N   . SER A 1 111 ? 4.876   14.486  -1.895  1.00 14.42 ? 111 SER A N   1 
ATOM   886  C CA  . SER A 1 111 ? 3.772   15.399  -1.616  1.00 15.20 ? 111 SER A CA  1 
ATOM   887  C C   . SER A 1 111 ? 2.589   15.109  -2.537  1.00 15.89 ? 111 SER A C   1 
ATOM   888  O O   . SER A 1 111 ? 1.448   15.088  -2.085  1.00 15.82 ? 111 SER A O   1 
ATOM   889  C CB  . SER A 1 111 ? 4.222   16.861  -1.751  1.00 18.10 ? 111 SER A CB  1 
ATOM   890  O OG  . SER A 1 111 ? 4.637   17.174  -3.068  1.00 20.52 ? 111 SER A OG  1 
ATOM   891  N N   . ALA A 1 112 ? 2.857   14.873  -3.819  1.00 14.72 ? 112 ALA A N   1 
ATOM   892  C CA  . ALA A 1 112 ? 1.787   14.559  -4.769  1.00 13.00 ? 112 ALA A CA  1 
ATOM   893  C C   . ALA A 1 112 ? 1.169   13.211  -4.423  1.00 14.67 ? 112 ALA A C   1 
ATOM   894  O O   . ALA A 1 112 ? -0.045  13.027  -4.508  1.00 13.63 ? 112 ALA A O   1 
ATOM   895  C CB  . ALA A 1 112 ? 2.332   14.514  -6.183  1.00 17.14 ? 112 ALA A CB  1 
ATOM   896  N N   . PHE A 1 113 ? 2.019   12.263  -4.048  1.00 13.05 ? 113 PHE A N   1 
ATOM   897  C CA  . PHE A 1 113 ? 1.556   10.933  -3.696  1.00 13.95 ? 113 PHE A CA  1 
ATOM   898  C C   . PHE A 1 113 ? 0.632   10.979  -2.484  1.00 13.38 ? 113 PHE A C   1 
ATOM   899  O O   . PHE A 1 113 ? -0.473  10.425  -2.504  1.00 12.75 ? 113 PHE A O   1 
ATOM   900  C CB  . PHE A 1 113 ? 2.759   10.029  -3.405  1.00 13.16 ? 113 PHE A CB  1 
ATOM   901  C CG  . PHE A 1 113 ? 2.399   8.726   -2.745  1.00 13.77 ? 113 PHE A CG  1 
ATOM   902  C CD1 . PHE A 1 113 ? 1.641   7.770   -3.418  1.00 13.41 ? 113 PHE A CD1 1 
ATOM   903  C CD2 . PHE A 1 113 ? 2.818   8.457   -1.448  1.00 14.16 ? 113 PHE A CD2 1 
ATOM   904  C CE1 . PHE A 1 113 ? 1.307   6.563   -2.801  1.00 15.80 ? 113 PHE A CE1 1 
ATOM   905  C CE2 . PHE A 1 113 ? 2.488   7.251   -0.822  1.00 14.65 ? 113 PHE A CE2 1 
ATOM   906  C CZ  . PHE A 1 113 ? 1.732   6.304   -1.501  1.00 16.55 ? 113 PHE A CZ  1 
ATOM   907  N N   . GLN A 1 114 ? 1.075   11.654  -1.430  1.00 13.62 ? 114 GLN A N   1 
ATOM   908  C CA  . GLN A 1 114 ? 0.265   11.723  -0.225  1.00 13.83 ? 114 GLN A CA  1 
ATOM   909  C C   . GLN A 1 114 ? -1.020  12.499  -0.428  1.00 13.45 ? 114 GLN A C   1 
ATOM   910  O O   . GLN A 1 114 ? -2.026  12.185  0.193   1.00 16.16 ? 114 GLN A O   1 
ATOM   911  C CB  . GLN A 1 114 ? 1.070   12.309  0.932   1.00 13.22 ? 114 GLN A CB  1 
ATOM   912  C CG  . GLN A 1 114 ? 2.252   11.433  1.316   1.00 14.34 ? 114 GLN A CG  1 
ATOM   913  C CD  . GLN A 1 114 ? 2.809   11.752  2.677   1.00 16.59 ? 114 GLN A CD  1 
ATOM   914  O OE1 . GLN A 1 114 ? 2.292   11.288  3.699   1.00 19.99 ? 114 GLN A OE1 1 
ATOM   915  N NE2 . GLN A 1 114 ? 3.863   12.552  2.706   1.00 19.05 ? 114 GLN A NE2 1 
ATOM   916  N N   . GLU A 1 115 ? -0.995  13.502  -1.300  1.00 14.11 ? 115 GLU A N   1 
ATOM   917  C CA  . GLU A 1 115 ? -2.202  14.270  -1.560  1.00 16.59 ? 115 GLU A CA  1 
ATOM   918  C C   . GLU A 1 115 ? -3.259  13.396  -2.233  1.00 16.50 ? 115 GLU A C   1 
ATOM   919  O O   . GLU A 1 115 ? -4.424  13.446  -1.848  1.00 17.18 ? 115 GLU A O   1 
ATOM   920  C CB  . GLU A 1 115 ? -1.909  15.499  -2.430  1.00 18.23 ? 115 GLU A CB  1 
ATOM   921  C CG  . GLU A 1 115 ? -3.180  16.233  -2.871  1.00 21.75 ? 115 GLU A CG  1 
ATOM   922  C CD  . GLU A 1 115 ? -2.937  17.671  -3.293  1.00 24.35 ? 115 GLU A CD  1 
ATOM   923  O OE1 . GLU A 1 115 ? -1.834  17.987  -3.779  1.00 23.98 ? 115 GLU A OE1 1 
ATOM   924  O OE2 . GLU A 1 115 ? -3.870  18.489  -3.151  1.00 28.60 ? 115 GLU A OE2 1 
ATOM   925  N N   . ARG A 1 116 ? -2.874  12.583  -3.216  1.00 15.12 ? 116 ARG A N   1 
ATOM   926  C CA  . ARG A 1 116 ? -3.880  11.749  -3.867  1.00 15.91 ? 116 ARG A CA  1 
ATOM   927  C C   . ARG A 1 116 ? -4.387  10.654  -2.934  1.00 15.58 ? 116 ARG A C   1 
ATOM   928  O O   . ARG A 1 116 ? -5.548  10.259  -3.009  1.00 16.95 ? 116 ARG A O   1 
ATOM   929  C CB  . ARG A 1 116 ? -3.369  11.149  -5.190  1.00 15.89 ? 116 ARG A CB  1 
ATOM   930  C CG  . ARG A 1 116 ? -2.223  10.145  -5.108  1.00 15.59 ? 116 ARG A CG  1 
ATOM   931  C CD  . ARG A 1 116 ? -2.019  9.515   -6.491  1.00 16.36 ? 116 ARG A CD  1 
ATOM   932  N NE  . ARG A 1 116 ? -0.784  8.747   -6.628  1.00 15.67 ? 116 ARG A NE  1 
ATOM   933  C CZ  . ARG A 1 116 ? -0.617  7.480   -6.257  1.00 15.49 ? 116 ARG A CZ  1 
ATOM   934  N NH1 . ARG A 1 116 ? -1.615  6.793   -5.704  1.00 16.64 ? 116 ARG A NH1 1 
ATOM   935  N NH2 . ARG A 1 116 ? 0.556   6.893   -6.459  1.00 15.84 ? 116 ARG A NH2 1 
ATOM   936  N N   . VAL A 1 117 ? -3.526  10.155  -2.055  1.00 13.95 ? 117 VAL A N   1 
ATOM   937  C CA  . VAL A 1 117 ? -3.967  9.131   -1.109  1.00 13.86 ? 117 VAL A CA  1 
ATOM   938  C C   . VAL A 1 117 ? -5.002  9.702   -0.145  1.00 16.40 ? 117 VAL A C   1 
ATOM   939  O O   . VAL A 1 117 ? -6.092  9.154   -0.003  1.00 16.83 ? 117 VAL A O   1 
ATOM   940  C CB  . VAL A 1 117 ? -2.784  8.564   -0.295  1.00 14.72 ? 117 VAL A CB  1 
ATOM   941  C CG1 . VAL A 1 117 ? -3.300  7.722   0.886   1.00 13.84 ? 117 VAL A CG1 1 
ATOM   942  C CG2 . VAL A 1 117 ? -1.913  7.707   -1.199  1.00 15.85 ? 117 VAL A CG2 1 
ATOM   943  N N   . PHE A 1 118 ? -4.660  10.797  0.525   1.00 16.20 ? 118 PHE A N   1 
ATOM   944  C CA  . PHE A 1 118 ? -5.592  11.392  1.478   1.00 16.76 ? 118 PHE A CA  1 
ATOM   945  C C   . PHE A 1 118 ? -6.860  11.934  0.823   1.00 16.98 ? 118 PHE A C   1 
ATOM   946  O O   . PHE A 1 118 ? -7.931  11.902  1.425   1.00 17.25 ? 118 PHE A O   1 
ATOM   947  C CB  . PHE A 1 118 ? -4.891  12.482  2.302   1.00 17.19 ? 118 PHE A CB  1 
ATOM   948  C CG  . PHE A 1 118 ? -3.797  11.951  3.186   1.00 19.91 ? 118 PHE A CG  1 
ATOM   949  C CD1 . PHE A 1 118 ? -4.009  10.812  3.956   1.00 24.09 ? 118 PHE A CD1 1 
ATOM   950  C CD2 . PHE A 1 118 ? -2.561  12.576  3.249   1.00 21.13 ? 118 PHE A CD2 1 
ATOM   951  C CE1 . PHE A 1 118 ? -3.002  10.299  4.776   1.00 25.17 ? 118 PHE A CE1 1 
ATOM   952  C CE2 . PHE A 1 118 ? -1.543  12.066  4.070   1.00 21.52 ? 118 PHE A CE2 1 
ATOM   953  C CZ  . PHE A 1 118 ? -1.769  10.929  4.830   1.00 24.24 ? 118 PHE A CZ  1 
ATOM   954  N N   . ARG A 1 119 ? -6.749  12.417  -0.409  1.00 17.25 ? 119 ARG A N   1 
ATOM   955  C CA  . ARG A 1 119 ? -7.918  12.932  -1.107  1.00 18.44 ? 119 ARG A CA  1 
ATOM   956  C C   . ARG A 1 119 ? -8.868  11.765  -1.394  1.00 18.37 ? 119 ARG A C   1 
ATOM   957  O O   . ARG A 1 119 ? -10.092 11.902  -1.285  1.00 17.83 ? 119 ARG A O   1 
ATOM   958  C CB  . ARG A 1 119 ? -7.494  13.615  -2.414  1.00 20.88 ? 119 ARG A CB  1 
ATOM   959  C CG  . ARG A 1 119 ? -8.655  14.098  -3.279  1.00 26.61 ? 119 ARG A CG  1 
ATOM   960  C CD  . ARG A 1 119 ? -8.141  14.676  -4.587  1.00 29.17 ? 119 ARG A CD  1 
ATOM   961  N NE  . ARG A 1 119 ? -7.327  15.868  -4.368  1.00 33.62 ? 119 ARG A NE  1 
ATOM   962  C CZ  . ARG A 1 119 ? -7.819  17.060  -4.045  1.00 35.45 ? 119 ARG A CZ  1 
ATOM   963  N NH1 . ARG A 1 119 ? -9.130  17.221  -3.909  1.00 37.43 ? 119 ARG A NH1 1 
ATOM   964  N NH2 . ARG A 1 119 ? -7.003  18.089  -3.850  1.00 35.82 ? 119 ARG A NH2 1 
ATOM   965  N N   . PHE A 1 120 ? -8.309  10.610  -1.747  1.00 17.38 ? 120 PHE A N   1 
ATOM   966  C CA  . PHE A 1 120 ? -9.143  9.448   -2.034  1.00 18.26 ? 120 PHE A CA  1 
ATOM   967  C C   . PHE A 1 120 ? -9.919  9.048   -0.783  1.00 19.18 ? 120 PHE A C   1 
ATOM   968  O O   . PHE A 1 120 ? -11.101 8.714   -0.858  1.00 20.78 ? 120 PHE A O   1 
ATOM   969  C CB  . PHE A 1 120 ? -8.297  8.258   -2.505  1.00 17.44 ? 120 PHE A CB  1 
ATOM   970  C CG  . PHE A 1 120 ? -9.095  7.001   -2.717  1.00 19.57 ? 120 PHE A CG  1 
ATOM   971  C CD1 . PHE A 1 120 ? -9.801  6.797   -3.900  1.00 21.85 ? 120 PHE A CD1 1 
ATOM   972  C CD2 . PHE A 1 120 ? -9.176  6.036   -1.713  1.00 20.89 ? 120 PHE A CD2 1 
ATOM   973  C CE1 . PHE A 1 120 ? -10.579 5.649   -4.083  1.00 23.49 ? 120 PHE A CE1 1 
ATOM   974  C CE2 . PHE A 1 120 ? -9.950  4.886   -1.884  1.00 22.16 ? 120 PHE A CE2 1 
ATOM   975  C CZ  . PHE A 1 120 ? -10.653 4.695   -3.074  1.00 21.12 ? 120 PHE A CZ  1 
ATOM   976  N N   . LEU A 1 121 ? -9.253  9.086   0.368   1.00 18.74 ? 121 LEU A N   1 
ATOM   977  C CA  . LEU A 1 121 ? -9.899  8.717   1.619   1.00 18.52 ? 121 LEU A CA  1 
ATOM   978  C C   . LEU A 1 121 ? -11.061 9.647   1.947   1.00 19.04 ? 121 LEU A C   1 
ATOM   979  O O   . LEU A 1 121 ? -12.062 9.212   2.519   1.00 19.50 ? 121 LEU A O   1 
ATOM   980  C CB  . LEU A 1 121 ? -8.892  8.739   2.771   1.00 18.95 ? 121 LEU A CB  1 
ATOM   981  C CG  . LEU A 1 121 ? -7.733  7.745   2.723   1.00 21.35 ? 121 LEU A CG  1 
ATOM   982  C CD1 . LEU A 1 121 ? -6.926  7.874   4.006   1.00 24.01 ? 121 LEU A CD1 1 
ATOM   983  C CD2 . LEU A 1 121 ? -8.258  6.322   2.555   1.00 22.75 ? 121 LEU A CD2 1 
ATOM   984  N N   . GLU A 1 122 ? -10.929 10.919  1.573   1.00 19.47 ? 122 GLU A N   1 
ATOM   985  C CA  . GLU A 1 122 ? -11.964 11.920  1.839   1.00 22.02 ? 122 GLU A CA  1 
ATOM   986  C C   . GLU A 1 122 ? -13.257 11.629  1.073   1.00 22.21 ? 122 GLU A C   1 
ATOM   987  O O   . GLU A 1 122 ? -14.337 12.063  1.477   1.00 22.86 ? 122 GLU A O   1 
ATOM   988  C CB  . GLU A 1 122 ? -11.461 13.323  1.467   1.00 25.44 ? 122 GLU A CB  1 
ATOM   989  C CG  . GLU A 1 122 ? -10.050 13.664  1.951   1.00 32.48 ? 122 GLU A CG  1 
ATOM   990  C CD  . GLU A 1 122 ? -9.911  13.750  3.467   1.00 35.11 ? 122 GLU A CD  1 
ATOM   991  O OE1 . GLU A 1 122 ? -10.590 14.598  4.084   1.00 36.01 ? 122 GLU A OE1 1 
ATOM   992  O OE2 . GLU A 1 122 ? -9.106  12.977  4.040   1.00 37.79 ? 122 GLU A OE2 1 
ATOM   993  N N   . GLY A 1 123 ? -13.151 10.889  -0.026  1.00 21.78 ? 123 GLY A N   1 
ATOM   994  C CA  . GLY A 1 123 ? -14.329 10.573  -0.817  1.00 21.95 ? 123 GLY A CA  1 
ATOM   995  C C   . GLY A 1 123 ? -15.127 9.373   -0.339  1.00 22.99 ? 123 GLY A C   1 
ATOM   996  O O   . GLY A 1 123 ? -16.192 9.073   -0.887  1.00 23.90 ? 123 GLY A O   1 
ATOM   997  N N   . LEU A 1 124 ? -14.628 8.687   0.687   1.00 22.75 ? 124 LEU A N   1 
ATOM   998  C CA  . LEU A 1 124 ? -15.307 7.511   1.219   1.00 24.21 ? 124 LEU A CA  1 
ATOM   999  C C   . LEU A 1 124 ? -16.453 7.914   2.143   1.00 25.39 ? 124 LEU A C   1 
ATOM   1000 O O   . LEU A 1 124 ? -16.260 8.677   3.087   1.00 26.12 ? 124 LEU A O   1 
ATOM   1001 C CB  . LEU A 1 124 ? -14.301 6.625   1.952   1.00 24.24 ? 124 LEU A CB  1 
ATOM   1002 C CG  . LEU A 1 124 ? -13.176 6.111   1.047   1.00 24.85 ? 124 LEU A CG  1 
ATOM   1003 C CD1 . LEU A 1 124 ? -12.115 5.398   1.876   1.00 26.42 ? 124 LEU A CD1 1 
ATOM   1004 C CD2 . LEU A 1 124 ? -13.759 5.181   -0.004  1.00 26.21 ? 124 LEU A CD2 1 
ATOM   1005 N N   . LYS A 1 125 ? -17.640 7.380   1.861   1.00 26.34 ? 125 LYS A N   1 
ATOM   1006 C CA  . LYS A 1 125 ? -18.851 7.690   2.621   1.00 27.14 ? 125 LYS A CA  1 
ATOM   1007 C C   . LYS A 1 125 ? -19.208 6.680   3.715   1.00 27.10 ? 125 LYS A C   1 
ATOM   1008 O O   . LYS A 1 125 ? -20.028 6.970   4.586   1.00 28.61 ? 125 LYS A O   1 
ATOM   1009 C CB  . LYS A 1 125 ? -20.039 7.807   1.657   1.00 28.76 ? 125 LYS A CB  1 
ATOM   1010 C CG  . LYS A 1 125 ? -19.834 8.766   0.490   1.00 30.96 ? 125 LYS A CG  1 
ATOM   1011 C CD  . LYS A 1 125 ? -19.704 10.194  0.972   1.00 31.80 ? 125 LYS A CD  1 
ATOM   1012 C CE  . LYS A 1 125 ? -19.712 11.169  -0.189  1.00 32.89 ? 125 LYS A CE  1 
ATOM   1013 N NZ  . LYS A 1 125 ? -19.516 12.567  0.285   1.00 34.43 ? 125 LYS A NZ  1 
ATOM   1014 N N   . ALA A 1 126 ? -18.606 5.497   3.668   1.00 24.91 ? 126 ALA A N   1 
ATOM   1015 C CA  . ALA A 1 126 ? -18.889 4.461   4.659   1.00 24.14 ? 126 ALA A CA  1 
ATOM   1016 C C   . ALA A 1 126 ? -17.685 3.541   4.797   1.00 22.52 ? 126 ALA A C   1 
ATOM   1017 O O   . ALA A 1 126 ? -16.783 3.567   3.958   1.00 22.22 ? 126 ALA A O   1 
ATOM   1018 C CB  . ALA A 1 126 ? -20.112 3.651   4.229   1.00 23.68 ? 126 ALA A CB  1 
ATOM   1019 N N   . PRO A 1 127 ? -17.652 2.719   5.857   1.00 23.23 ? 127 PRO A N   1 
ATOM   1020 C CA  . PRO A 1 127 ? -16.528 1.800   6.062   1.00 21.76 ? 127 PRO A CA  1 
ATOM   1021 C C   . PRO A 1 127 ? -16.249 0.971   4.813   1.00 21.43 ? 127 PRO A C   1 
ATOM   1022 O O   . PRO A 1 127 ? -17.170 0.519   4.135   1.00 22.09 ? 127 PRO A O   1 
ATOM   1023 C CB  . PRO A 1 127 ? -16.997 0.949   7.235   1.00 22.21 ? 127 PRO A CB  1 
ATOM   1024 C CG  . PRO A 1 127 ? -17.791 1.941   8.044   1.00 22.57 ? 127 PRO A CG  1 
ATOM   1025 C CD  . PRO A 1 127 ? -18.602 2.640   6.981   1.00 23.00 ? 127 PRO A CD  1 
ATOM   1026 N N   . ALA A 1 128 ? -14.973 0.787   4.498   1.00 19.09 ? 128 ALA A N   1 
ATOM   1027 C CA  . ALA A 1 128 ? -14.603 0.021   3.318   1.00 17.97 ? 128 ALA A CA  1 
ATOM   1028 C C   . ALA A 1 128 ? -13.272 -0.684  3.517   1.00 15.58 ? 128 ALA A C   1 
ATOM   1029 O O   . ALA A 1 128 ? -12.546 -0.398  4.465   1.00 17.45 ? 128 ALA A O   1 
ATOM   1030 C CB  . ALA A 1 128 ? -14.523 0.944   2.105   1.00 18.96 ? 128 ALA A CB  1 
ATOM   1031 N N   . VAL A 1 129 ? -12.979 -1.628  2.628   1.00 16.42 ? 129 VAL A N   1 
ATOM   1032 C CA  . VAL A 1 129 ? -11.714 -2.350  2.672   1.00 16.04 ? 129 VAL A CA  1 
ATOM   1033 C C   . VAL A 1 129 ? -10.940 -1.860  1.457   1.00 15.15 ? 129 VAL A C   1 
ATOM   1034 O O   . VAL A 1 129 ? -11.452 -1.889  0.338   1.00 15.89 ? 129 VAL A O   1 
ATOM   1035 C CB  . VAL A 1 129 ? -11.912 -3.874  2.577   1.00 16.92 ? 129 VAL A CB  1 
ATOM   1036 C CG1 . VAL A 1 129 ? -10.561 -4.573  2.511   1.00 17.51 ? 129 VAL A CG1 1 
ATOM   1037 C CG2 . VAL A 1 129 ? -12.691 -4.366  3.779   1.00 16.67 ? 129 VAL A CG2 1 
ATOM   1038 N N   . LEU A 1 130 ? -9.715  -1.398  1.693   1.00 14.78 ? 130 LEU A N   1 
ATOM   1039 C CA  . LEU A 1 130 ? -8.867  -0.874  0.630   1.00 14.68 ? 130 LEU A CA  1 
ATOM   1040 C C   . LEU A 1 130 ? -7.663  -1.769  0.370   1.00 14.34 ? 130 LEU A C   1 
ATOM   1041 O O   . LEU A 1 130 ? -6.791  -1.918  1.227   1.00 14.66 ? 130 LEU A O   1 
ATOM   1042 C CB  . LEU A 1 130 ? -8.383  0.526   1.005   1.00 16.08 ? 130 LEU A CB  1 
ATOM   1043 C CG  . LEU A 1 130 ? -9.448  1.441   1.619   1.00 18.33 ? 130 LEU A CG  1 
ATOM   1044 C CD1 . LEU A 1 130 ? -8.834  2.797   1.943   1.00 19.31 ? 130 LEU A CD1 1 
ATOM   1045 C CD2 . LEU A 1 130 ? -10.619 1.586   0.663   1.00 18.69 ? 130 LEU A CD2 1 
ATOM   1046 N N   . PHE A 1 131 ? -7.637  -2.383  -0.806  1.00 15.22 ? 131 PHE A N   1 
ATOM   1047 C CA  . PHE A 1 131 ? -6.521  -3.239  -1.191  1.00 14.10 ? 131 PHE A CA  1 
ATOM   1048 C C   . PHE A 1 131 ? -5.524  -2.306  -1.845  1.00 14.71 ? 131 PHE A C   1 
ATOM   1049 O O   . PHE A 1 131 ? -5.744  -1.789  -2.934  1.00 14.31 ? 131 PHE A O   1 
ATOM   1050 C CB  . PHE A 1 131 ? -7.022  -4.338  -2.120  1.00 15.07 ? 131 PHE A CB  1 
ATOM   1051 C CG  . PHE A 1 131 ? -7.809  -5.391  -1.393  1.00 14.86 ? 131 PHE A CG  1 
ATOM   1052 C CD1 . PHE A 1 131 ? -7.152  -6.419  -0.723  1.00 15.54 ? 131 PHE A CD1 1 
ATOM   1053 C CD2 . PHE A 1 131 ? -9.196  -5.308  -1.297  1.00 16.54 ? 131 PHE A CD2 1 
ATOM   1054 C CE1 . PHE A 1 131 ? -7.858  -7.351  0.034   1.00 16.48 ? 131 PHE A CE1 1 
ATOM   1055 C CE2 . PHE A 1 131 ? -9.915  -6.236  -0.541  1.00 15.37 ? 131 PHE A CE2 1 
ATOM   1056 C CZ  . PHE A 1 131 ? -9.244  -7.259  0.126   1.00 17.23 ? 131 PHE A CZ  1 
ATOM   1057 N N   . THR A 1 132 ? -4.420  -2.089  -1.149  1.00 14.59 ? 132 THR A N   1 
ATOM   1058 C CA  . THR A 1 132 ? -3.450  -1.133  -1.605  1.00 14.77 ? 132 THR A CA  1 
ATOM   1059 C C   . THR A 1 132 ? -1.991  -1.537  -1.403  1.00 15.56 ? 132 THR A C   1 
ATOM   1060 O O   . THR A 1 132 ? -1.657  -2.726  -1.447  1.00 15.97 ? 132 THR A O   1 
ATOM   1061 C CB  . THR A 1 132 ? -3.791  0.241   -0.944  1.00 16.37 ? 132 THR A CB  1 
ATOM   1062 O OG1 . THR A 1 132 ? -2.950  1.275   -1.465  1.00 14.83 ? 132 THR A OG1 1 
ATOM   1063 C CG2 . THR A 1 132 ? -3.654  0.162   0.564   1.00 15.87 ? 132 THR A CG2 1 
ATOM   1064 N N   . HIS A 1 133 ? -1.132  -0.551  -1.161  1.00 14.41 ? 133 HIS A N   1 
ATOM   1065 C CA  . HIS A 1 133 ? 0.306   -0.786  -1.060  1.00 13.05 ? 133 HIS A CA  1 
ATOM   1066 C C   . HIS A 1 133 ? 0.984   -0.265  0.201   1.00 13.48 ? 133 HIS A C   1 
ATOM   1067 O O   . HIS A 1 133 ? 0.437   0.565   0.916   1.00 13.92 ? 133 HIS A O   1 
ATOM   1068 C CB  . HIS A 1 133 ? 0.958   -0.152  -2.288  1.00 13.17 ? 133 HIS A CB  1 
ATOM   1069 C CG  . HIS A 1 133 ? 0.337   -0.589  -3.580  1.00 14.90 ? 133 HIS A CG  1 
ATOM   1070 N ND1 . HIS A 1 133 ? 0.832   -1.641  -4.321  1.00 15.70 ? 133 HIS A ND1 1 
ATOM   1071 C CD2 . HIS A 1 133 ? -0.772  -0.159  -4.229  1.00 13.29 ? 133 HIS A CD2 1 
ATOM   1072 C CE1 . HIS A 1 133 ? 0.057   -1.836  -5.375  1.00 16.27 ? 133 HIS A CE1 1 
ATOM   1073 N NE2 . HIS A 1 133 ? -0.925  -0.952  -5.342  1.00 15.02 ? 133 HIS A NE2 1 
ATOM   1074 N N   . GLY A 1 134 ? 2.193   -0.757  0.453   1.00 14.73 ? 134 GLY A N   1 
ATOM   1075 C CA  . GLY A 1 134 ? 2.937   -0.340  1.631   1.00 15.97 ? 134 GLY A CA  1 
ATOM   1076 C C   . GLY A 1 134 ? 3.089   1.163   1.792   1.00 13.70 ? 134 GLY A C   1 
ATOM   1077 O O   . GLY A 1 134 ? 2.938   1.689   2.895   1.00 13.10 ? 134 GLY A O   1 
ATOM   1078 N N   . GLY A 1 135 ? 3.405   1.851   0.699   1.00 14.40 ? 135 GLY A N   1 
ATOM   1079 C CA  . GLY A 1 135 ? 3.577   3.290   0.756   1.00 15.07 ? 135 GLY A CA  1 
ATOM   1080 C C   . GLY A 1 135 ? 2.308   3.998   1.184   1.00 14.33 ? 135 GLY A C   1 
ATOM   1081 O O   . GLY A 1 135 ? 2.355   4.994   1.904   1.00 13.94 ? 135 GLY A O   1 
ATOM   1082 N N   . VAL A 1 136 ? 1.167   3.477   0.744   1.00 14.80 ? 136 VAL A N   1 
ATOM   1083 C CA  . VAL A 1 136 ? -0.121  4.063   1.086   1.00 15.02 ? 136 VAL A CA  1 
ATOM   1084 C C   . VAL A 1 136 ? -0.418  3.852   2.569   1.00 14.67 ? 136 VAL A C   1 
ATOM   1085 O O   . VAL A 1 136 ? -0.807  4.786   3.280   1.00 15.30 ? 136 VAL A O   1 
ATOM   1086 C CB  . VAL A 1 136 ? -1.240  3.442   0.225   1.00 14.53 ? 136 VAL A CB  1 
ATOM   1087 C CG1 . VAL A 1 136 ? -2.598  3.946   0.675   1.00 17.33 ? 136 VAL A CG1 1 
ATOM   1088 C CG2 . VAL A 1 136 ? -1.004  3.789   -1.241  1.00 15.65 ? 136 VAL A CG2 1 
ATOM   1089 N N   . VAL A 1 137 ? -0.225  2.622   3.034   1.00 15.06 ? 137 VAL A N   1 
ATOM   1090 C CA  . VAL A 1 137 ? -0.450  2.296   4.437   1.00 15.45 ? 137 VAL A CA  1 
ATOM   1091 C C   . VAL A 1 137 ? 0.453   3.154   5.323   1.00 15.84 ? 137 VAL A C   1 
ATOM   1092 O O   . VAL A 1 137 ? 0.008   3.706   6.332   1.00 16.50 ? 137 VAL A O   1 
ATOM   1093 C CB  . VAL A 1 137 ? -0.148  0.810   4.714   1.00 16.64 ? 137 VAL A CB  1 
ATOM   1094 C CG1 . VAL A 1 137 ? -0.209  0.530   6.213   1.00 16.92 ? 137 VAL A CG1 1 
ATOM   1095 C CG2 . VAL A 1 137 ? -1.142  -0.059  3.971   1.00 15.88 ? 137 VAL A CG2 1 
ATOM   1096 N N   . ARG A 1 138 ? 1.713   3.289   4.921   1.00 15.61 ? 138 ARG A N   1 
ATOM   1097 C CA  . ARG A 1 138 ? 2.662   4.073   5.691   1.00 15.91 ? 138 ARG A CA  1 
ATOM   1098 C C   . ARG A 1 138 ? 2.237   5.533   5.786   1.00 16.94 ? 138 ARG A C   1 
ATOM   1099 O O   . ARG A 1 138 ? 2.293   6.129   6.859   1.00 16.30 ? 138 ARG A O   1 
ATOM   1100 C CB  . ARG A 1 138 ? 4.056   3.981   5.069   1.00 19.67 ? 138 ARG A CB  1 
ATOM   1101 C CG  . ARG A 1 138 ? 5.136   4.600   5.925   1.00 23.33 ? 138 ARG A CG  1 
ATOM   1102 C CD  . ARG A 1 138 ? 6.508   4.334   5.340   1.00 26.35 ? 138 ARG A CD  1 
ATOM   1103 N NE  . ARG A 1 138 ? 7.559   4.953   6.140   1.00 29.96 ? 138 ARG A NE  1 
ATOM   1104 C CZ  . ARG A 1 138 ? 8.805   5.133   5.714   1.00 30.47 ? 138 ARG A CZ  1 
ATOM   1105 N NH1 . ARG A 1 138 ? 9.153   4.736   4.497   1.00 30.07 ? 138 ARG A NH1 1 
ATOM   1106 N NH2 . ARG A 1 138 ? 9.698   5.721   6.498   1.00 32.69 ? 138 ARG A NH2 1 
ATOM   1107 N N   . ALA A 1 139 ? 1.806   6.103   4.664   1.00 15.15 ? 139 ALA A N   1 
ATOM   1108 C CA  . ALA A 1 139 ? 1.384   7.501   4.647   1.00 15.81 ? 139 ALA A CA  1 
ATOM   1109 C C   . ALA A 1 139 ? 0.233   7.732   5.615   1.00 15.48 ? 139 ALA A C   1 
ATOM   1110 O O   . ALA A 1 139 ? 0.210   8.720   6.351   1.00 15.23 ? 139 ALA A O   1 
ATOM   1111 C CB  . ALA A 1 139 ? 0.972   7.909   3.239   1.00 15.08 ? 139 ALA A CB  1 
ATOM   1112 N N   . VAL A 1 140 ? -0.727  6.816   5.612   1.00 15.23 ? 140 VAL A N   1 
ATOM   1113 C CA  . VAL A 1 140 ? -1.869  6.945   6.503   1.00 15.70 ? 140 VAL A CA  1 
ATOM   1114 C C   . VAL A 1 140 ? -1.465  6.795   7.968   1.00 15.78 ? 140 VAL A C   1 
ATOM   1115 O O   . VAL A 1 140 ? -1.862  7.599   8.812   1.00 16.81 ? 140 VAL A O   1 
ATOM   1116 C CB  . VAL A 1 140 ? -2.963  5.907   6.160   1.00 13.69 ? 140 VAL A CB  1 
ATOM   1117 C CG1 . VAL A 1 140 ? -4.040  5.902   7.242   1.00 17.34 ? 140 VAL A CG1 1 
ATOM   1118 C CG2 . VAL A 1 140 ? -3.594  6.250   4.808   1.00 15.73 ? 140 VAL A CG2 1 
ATOM   1119 N N   . LEU A 1 141 ? -0.675  5.769   8.274   1.00 16.94 ? 141 LEU A N   1 
ATOM   1120 C CA  . LEU A 1 141 ? -0.253  5.551   9.652   1.00 18.10 ? 141 LEU A CA  1 
ATOM   1121 C C   . LEU A 1 141 ? 0.613   6.685   10.190  1.00 18.89 ? 141 LEU A C   1 
ATOM   1122 O O   . LEU A 1 141 ? 0.479   7.072   11.350  1.00 18.87 ? 141 LEU A O   1 
ATOM   1123 C CB  . LEU A 1 141 ? 0.477   4.209   9.777   1.00 20.43 ? 141 LEU A CB  1 
ATOM   1124 C CG  . LEU A 1 141 ? -0.432  3.003   9.535   1.00 23.09 ? 141 LEU A CG  1 
ATOM   1125 C CD1 . LEU A 1 141 ? 0.360   1.715   9.656   1.00 23.78 ? 141 LEU A CD1 1 
ATOM   1126 C CD2 . LEU A 1 141 ? -1.578  3.025   10.532  1.00 24.73 ? 141 LEU A CD2 1 
ATOM   1127 N N   . ARG A 1 142 ? 1.485   7.233   9.349   1.00 19.02 ? 142 ARG A N   1 
ATOM   1128 C CA  . ARG A 1 142 ? 2.344   8.332   9.775   1.00 20.06 ? 142 ARG A CA  1 
ATOM   1129 C C   . ARG A 1 142 ? 1.513   9.575   10.077  1.00 20.58 ? 142 ARG A C   1 
ATOM   1130 O O   . ARG A 1 142 ? 1.798   10.312  11.019  1.00 20.91 ? 142 ARG A O   1 
ATOM   1131 C CB  . ARG A 1 142 ? 3.383   8.642   8.693   1.00 22.60 ? 142 ARG A CB  1 
ATOM   1132 C CG  . ARG A 1 142 ? 4.213   9.886   8.950   1.00 29.68 ? 142 ARG A CG  1 
ATOM   1133 C CD  . ARG A 1 142 ? 5.295   10.037  7.893   1.00 33.84 ? 142 ARG A CD  1 
ATOM   1134 N NE  . ARG A 1 142 ? 6.377   9.076   8.088   1.00 38.79 ? 142 ARG A NE  1 
ATOM   1135 C CZ  . ARG A 1 142 ? 7.316   9.192   9.022   1.00 39.68 ? 142 ARG A CZ  1 
ATOM   1136 N NH1 . ARG A 1 142 ? 7.304   10.234  9.845   1.00 41.86 ? 142 ARG A NH1 1 
ATOM   1137 N NH2 . ARG A 1 142 ? 8.260   8.267   9.140   1.00 40.56 ? 142 ARG A NH2 1 
ATOM   1138 N N   . ALA A 1 143 ? 0.481   9.812   9.275   1.00 19.09 ? 143 ALA A N   1 
ATOM   1139 C CA  . ALA A 1 143 ? -0.374  10.972  9.487   1.00 19.87 ? 143 ALA A CA  1 
ATOM   1140 C C   . ALA A 1 143 ? -1.045  10.887  10.855  1.00 20.24 ? 143 ALA A C   1 
ATOM   1141 O O   . ALA A 1 143 ? -1.322  11.908  11.478  1.00 21.12 ? 143 ALA A O   1 
ATOM   1142 C CB  . ALA A 1 143 ? -1.426  11.060  8.389   1.00 19.31 ? 143 ALA A CB  1 
ATOM   1143 N N   . LEU A 1 144 ? -1.292  9.663   11.316  1.00 20.79 ? 144 LEU A N   1 
ATOM   1144 C CA  . LEU A 1 144 ? -1.930  9.437   12.609  1.00 22.19 ? 144 LEU A CA  1 
ATOM   1145 C C   . LEU A 1 144 ? -0.913  9.341   13.743  1.00 23.24 ? 144 LEU A C   1 
ATOM   1146 O O   . LEU A 1 144 ? -1.268  9.017   14.877  1.00 23.73 ? 144 LEU A O   1 
ATOM   1147 C CB  . LEU A 1 144 ? -2.776  8.164   12.561  1.00 21.70 ? 144 LEU A CB  1 
ATOM   1148 C CG  . LEU A 1 144 ? -3.911  8.180   11.534  1.00 21.32 ? 144 LEU A CG  1 
ATOM   1149 C CD1 . LEU A 1 144 ? -4.661  6.861   11.580  1.00 23.03 ? 144 LEU A CD1 1 
ATOM   1150 C CD2 . LEU A 1 144 ? -4.855  9.342   11.831  1.00 24.71 ? 144 LEU A CD2 1 
ATOM   1151 N N   . GLY A 1 145 ? 0.348   9.617   13.422  1.00 24.01 ? 145 GLY A N   1 
ATOM   1152 C CA  . GLY A 1 145 ? 1.402   9.582   14.420  1.00 26.78 ? 145 GLY A CA  1 
ATOM   1153 C C   . GLY A 1 145 ? 1.881   8.205   14.836  1.00 29.47 ? 145 GLY A C   1 
ATOM   1154 O O   . GLY A 1 145 ? 2.405   8.039   15.938  1.00 30.45 ? 145 GLY A O   1 
ATOM   1155 N N   . GLU A 1 146 ? 1.713   7.215   13.968  1.00 30.18 ? 146 GLU A N   1 
ATOM   1156 C CA  . GLU A 1 146 ? 2.153   5.866   14.298  1.00 35.21 ? 146 GLU A CA  1 
ATOM   1157 C C   . GLU A 1 146 ? 3.076   5.261   13.243  1.00 36.33 ? 146 GLU A C   1 
ATOM   1158 O O   . GLU A 1 146 ? 3.110   5.711   12.100  1.00 36.31 ? 146 GLU A O   1 
ATOM   1159 C CB  . GLU A 1 146 ? 0.937   4.966   14.530  1.00 36.88 ? 146 GLU A CB  1 
ATOM   1160 C CG  . GLU A 1 146 ? 0.132   5.359   15.764  1.00 40.03 ? 146 GLU A CG  1 
ATOM   1161 C CD  . GLU A 1 146 ? -1.005  4.402   16.059  1.00 41.86 ? 146 GLU A CD  1 
ATOM   1162 O OE1 . GLU A 1 146 ? -0.750  3.181   16.118  1.00 42.84 ? 146 GLU A OE1 1 
ATOM   1163 O OE2 . GLU A 1 146 ? -2.150  4.871   16.238  1.00 43.28 ? 146 GLU A OE2 1 
ATOM   1164 N N   . ASP A 1 147 ? 3.847   4.253   13.640  1.00 40.13 ? 147 ASP A N   1 
ATOM   1165 C CA  . ASP A 1 147 ? 4.761   3.588   12.717  1.00 42.31 ? 147 ASP A CA  1 
ATOM   1166 C C   . ASP A 1 147 ? 3.971   2.953   11.575  1.00 42.64 ? 147 ASP A C   1 
ATOM   1167 O O   . ASP A 1 147 ? 2.969   2.271   11.803  1.00 43.00 ? 147 ASP A O   1 
ATOM   1168 C CB  . ASP A 1 147 ? 5.573   2.524   13.462  1.00 45.45 ? 147 ASP A CB  1 
ATOM   1169 C CG  . ASP A 1 147 ? 4.736   1.749   14.463  1.00 47.83 ? 147 ASP A CG  1 
ATOM   1170 O OD1 . ASP A 1 147 ? 3.761   1.086   14.046  1.00 49.71 ? 147 ASP A OD1 1 
ATOM   1171 O OD2 . ASP A 1 147 ? 5.054   1.804   15.672  1.00 49.89 ? 147 ASP A OD2 1 
ATOM   1172 N N   . GLY A 1 148 ? 4.425   3.180   10.347  1.00 42.62 ? 148 GLY A N   1 
ATOM   1173 C CA  . GLY A 1 148 ? 3.727   2.645   9.191   1.00 42.23 ? 148 GLY A CA  1 
ATOM   1174 C C   . GLY A 1 148 ? 4.228   1.318   8.663   1.00 42.03 ? 148 GLY A C   1 
ATOM   1175 O O   . GLY A 1 148 ? 3.969   0.971   7.511   1.00 42.09 ? 148 GLY A O   1 
ATOM   1176 N N   . LEU A 1 149 ? 4.940   0.569   9.497   1.00 41.72 ? 149 LEU A N   1 
ATOM   1177 C CA  . LEU A 1 149 ? 5.459   -0.726  9.082   1.00 42.17 ? 149 LEU A CA  1 
ATOM   1178 C C   . LEU A 1 149 ? 4.445   -1.828  9.363   1.00 41.16 ? 149 LEU A C   1 
ATOM   1179 O O   . LEU A 1 149 ? 4.169   -2.160  10.515  1.00 41.21 ? 149 LEU A O   1 
ATOM   1180 C CB  . LEU A 1 149 ? 6.772   -1.027  9.807   1.00 43.59 ? 149 LEU A CB  1 
ATOM   1181 C CG  . LEU A 1 149 ? 7.892   -0.010  9.579   1.00 45.42 ? 149 LEU A CG  1 
ATOM   1182 C CD1 . LEU A 1 149 ? 9.132   -0.454  10.337  1.00 46.00 ? 149 LEU A CD1 1 
ATOM   1183 C CD2 . LEU A 1 149 ? 8.189   0.119   8.091   1.00 45.31 ? 149 LEU A CD2 1 
ATOM   1184 N N   . VAL A 1 150 ? 3.885   -2.381  8.292   1.00 39.70 ? 150 VAL A N   1 
ATOM   1185 C CA  . VAL A 1 150 ? 2.900   -3.449  8.387   1.00 38.15 ? 150 VAL A CA  1 
ATOM   1186 C C   . VAL A 1 150 ? 3.376   -4.566  7.461   1.00 36.56 ? 150 VAL A C   1 
ATOM   1187 O O   . VAL A 1 150 ? 3.797   -4.308  6.336   1.00 37.46 ? 150 VAL A O   1 
ATOM   1188 C CB  . VAL A 1 150 ? 1.510   -2.953  7.937   1.00 38.09 ? 150 VAL A CB  1 
ATOM   1189 C CG1 . VAL A 1 150 ? 0.469   -4.017  8.182   1.00 39.00 ? 150 VAL A CG1 1 
ATOM   1190 C CG2 . VAL A 1 150 ? 1.149   -1.683  8.685   1.00 39.03 ? 150 VAL A CG2 1 
ATOM   1191 N N   . PRO A 1 151 ? 3.331   -5.824  7.928   1.00 34.50 ? 151 PRO A N   1 
ATOM   1192 C CA  . PRO A 1 151 ? 3.769   -6.964  7.118   1.00 33.30 ? 151 PRO A CA  1 
ATOM   1193 C C   . PRO A 1 151 ? 3.042   -7.081  5.782   1.00 31.67 ? 151 PRO A C   1 
ATOM   1194 O O   . PRO A 1 151 ? 1.855   -6.786  5.683   1.00 30.23 ? 151 PRO A O   1 
ATOM   1195 C CB  . PRO A 1 151 ? 3.476   -8.161  8.022   1.00 33.89 ? 151 PRO A CB  1 
ATOM   1196 C CG  . PRO A 1 151 ? 3.597   -7.593  9.393   1.00 35.06 ? 151 PRO A CG  1 
ATOM   1197 C CD  . PRO A 1 151 ? 2.891   -6.270  9.260   1.00 35.01 ? 151 PRO A CD  1 
ATOM   1198 N N   . PRO A 1 152 ? 3.759   -7.483  4.725   1.00 31.06 ? 152 PRO A N   1 
ATOM   1199 C CA  . PRO A 1 152 ? 3.055   -7.610  3.450   1.00 28.77 ? 152 PRO A CA  1 
ATOM   1200 C C   . PRO A 1 152 ? 1.987   -8.683  3.643   1.00 27.07 ? 152 PRO A C   1 
ATOM   1201 O O   . PRO A 1 152 ? 2.214   -9.669  4.345   1.00 27.79 ? 152 PRO A O   1 
ATOM   1202 C CB  . PRO A 1 152 ? 4.161   -8.043  2.495   1.00 31.09 ? 152 PRO A CB  1 
ATOM   1203 C CG  . PRO A 1 152 ? 5.361   -7.319  3.050   1.00 30.80 ? 152 PRO A CG  1 
ATOM   1204 C CD  . PRO A 1 152 ? 5.219   -7.569  4.534   1.00 32.08 ? 152 PRO A CD  1 
ATOM   1205 N N   . GLY A 1 153 ? 0.820   -8.482  3.042   1.00 23.51 ? 153 GLY A N   1 
ATOM   1206 C CA  . GLY A 1 153 ? -0.250  -9.450  3.179   1.00 23.22 ? 153 GLY A CA  1 
ATOM   1207 C C   . GLY A 1 153 ? -1.056  -9.284  4.455   1.00 22.67 ? 153 GLY A C   1 
ATOM   1208 O O   . GLY A 1 153 ? -1.937  -10.094 4.739   1.00 24.75 ? 153 GLY A O   1 
ATOM   1209 N N   . SER A 1 154 ? -0.755  -8.247  5.233   1.00 21.59 ? 154 SER A N   1 
ATOM   1210 C CA  . SER A 1 154 ? -1.490  -7.997  6.469   1.00 21.45 ? 154 SER A CA  1 
ATOM   1211 C C   . SER A 1 154 ? -2.359  -6.761  6.298   1.00 20.19 ? 154 SER A C   1 
ATOM   1212 O O   . SER A 1 154 ? -2.310  -6.093  5.266   1.00 18.88 ? 154 SER A O   1 
ATOM   1213 C CB  . SER A 1 154 ? -0.535  -7.792  7.643   1.00 21.84 ? 154 SER A CB  1 
ATOM   1214 O OG  . SER A 1 154 ? 0.213   -6.599  7.486   1.00 27.93 ? 154 SER A OG  1 
ATOM   1215 N N   . ALA A 1 155 ? -3.151  -6.448  7.314   1.00 18.72 ? 155 ALA A N   1 
ATOM   1216 C CA  . ALA A 1 155 ? -4.031  -5.304  7.229   1.00 18.13 ? 155 ALA A CA  1 
ATOM   1217 C C   . ALA A 1 155 ? -4.116  -4.567  8.545   1.00 17.89 ? 155 ALA A C   1 
ATOM   1218 O O   . ALA A 1 155 ? -3.862  -5.132  9.607   1.00 19.80 ? 155 ALA A O   1 
ATOM   1219 C CB  . ALA A 1 155 ? -5.428  -5.753  6.797   1.00 17.58 ? 155 ALA A CB  1 
ATOM   1220 N N   . VAL A 1 156 ? -4.467  -3.294  8.460   1.00 17.38 ? 156 VAL A N   1 
ATOM   1221 C CA  . VAL A 1 156 ? -4.624  -2.477  9.647   1.00 19.59 ? 156 VAL A CA  1 
ATOM   1222 C C   . VAL A 1 156 ? -5.919  -1.702  9.496   1.00 19.09 ? 156 VAL A C   1 
ATOM   1223 O O   . VAL A 1 156 ? -6.202  -1.134  8.438   1.00 21.09 ? 156 VAL A O   1 
ATOM   1224 C CB  . VAL A 1 156 ? -3.439  -1.496  9.825   1.00 19.76 ? 156 VAL A CB  1 
ATOM   1225 C CG1 . VAL A 1 156 ? -3.342  -0.562  8.633   1.00 23.25 ? 156 VAL A CG1 1 
ATOM   1226 C CG2 . VAL A 1 156 ? -3.621  -0.699  11.108  1.00 22.49 ? 156 VAL A CG2 1 
ATOM   1227 N N   . ALA A 1 157 ? -6.727  -1.708  10.546  1.00 19.33 ? 157 ALA A N   1 
ATOM   1228 C CA  . ALA A 1 157 ? -7.983  -0.984  10.520  1.00 20.33 ? 157 ALA A CA  1 
ATOM   1229 C C   . ALA A 1 157 ? -7.737  0.322   11.247  1.00 20.70 ? 157 ALA A C   1 
ATOM   1230 O O   . ALA A 1 157 ? -7.120  0.345   12.314  1.00 23.04 ? 157 ALA A O   1 
ATOM   1231 C CB  . ALA A 1 157 ? -9.075  -1.787  11.223  1.00 21.14 ? 157 ALA A CB  1 
ATOM   1232 N N   . VAL A 1 158 ? -8.193  1.412   10.651  1.00 21.37 ? 158 VAL A N   1 
ATOM   1233 C CA  . VAL A 1 158 ? -8.019  2.713   11.262  1.00 22.12 ? 158 VAL A CA  1 
ATOM   1234 C C   . VAL A 1 158 ? -9.350  3.429   11.334  1.00 23.57 ? 158 VAL A C   1 
ATOM   1235 O O   . VAL A 1 158 ? -10.261 3.176   10.539  1.00 23.69 ? 158 VAL A O   1 
ATOM   1236 C CB  . VAL A 1 158 ? -7.041  3.616   10.455  1.00 22.22 ? 158 VAL A CB  1 
ATOM   1237 C CG1 . VAL A 1 158 ? -5.699  2.910   10.273  1.00 22.95 ? 158 VAL A CG1 1 
ATOM   1238 C CG2 . VAL A 1 158 ? -7.652  3.986   9.111   1.00 21.23 ? 158 VAL A CG2 1 
ATOM   1239 N N   . ASP A 1 159 ? -9.468  4.312   12.313  1.00 23.71 ? 159 ASP A N   1 
ATOM   1240 C CA  . ASP A 1 159 ? -10.668 5.106   12.445  1.00 26.04 ? 159 ASP A CA  1 
ATOM   1241 C C   . ASP A 1 159 ? -10.203 6.462   11.935  1.00 25.71 ? 159 ASP A C   1 
ATOM   1242 O O   . ASP A 1 159 ? -9.762  7.314   12.707  1.00 27.63 ? 159 ASP A O   1 
ATOM   1243 C CB  . ASP A 1 159 ? -11.109 5.188   13.904  1.00 28.04 ? 159 ASP A CB  1 
ATOM   1244 C CG  . ASP A 1 159 ? -12.289 6.111   14.100  1.00 32.37 ? 159 ASP A CG  1 
ATOM   1245 O OD1 . ASP A 1 159 ? -13.218 6.078   13.264  1.00 35.58 ? 159 ASP A OD1 1 
ATOM   1246 O OD2 . ASP A 1 159 ? -12.291 6.864   15.094  1.00 36.12 ? 159 ASP A OD2 1 
ATOM   1247 N N   . TRP A 1 160 ? -10.279 6.632   10.621  1.00 25.74 ? 160 TRP A N   1 
ATOM   1248 C CA  . TRP A 1 160 ? -9.838  7.854   9.965   1.00 27.90 ? 160 TRP A CA  1 
ATOM   1249 C C   . TRP A 1 160 ? -10.742 9.042   10.273  1.00 30.03 ? 160 TRP A C   1 
ATOM   1250 O O   . TRP A 1 160 ? -11.967 8.923   10.247  1.00 29.12 ? 160 TRP A O   1 
ATOM   1251 C CB  . TRP A 1 160 ? -9.772  7.628   8.453   1.00 27.87 ? 160 TRP A CB  1 
ATOM   1252 C CG  . TRP A 1 160 ? -9.196  8.775   7.690   1.00 28.43 ? 160 TRP A CG  1 
ATOM   1253 C CD1 . TRP A 1 160 ? -9.869  9.646   6.881   1.00 29.16 ? 160 TRP A CD1 1 
ATOM   1254 C CD2 . TRP A 1 160 ? -7.822  9.176   7.656   1.00 27.95 ? 160 TRP A CD2 1 
ATOM   1255 N NE1 . TRP A 1 160 ? -8.997  10.563  6.342   1.00 29.20 ? 160 TRP A NE1 1 
ATOM   1256 C CE2 . TRP A 1 160 ? -7.733  10.297  6.802   1.00 27.35 ? 160 TRP A CE2 1 
ATOM   1257 C CE3 . TRP A 1 160 ? -6.654  8.697   8.267   1.00 25.43 ? 160 TRP A CE3 1 
ATOM   1258 C CZ2 . TRP A 1 160 ? -6.521  10.948  6.541   1.00 27.82 ? 160 TRP A CZ2 1 
ATOM   1259 C CZ3 . TRP A 1 160 ? -5.449  9.344   8.008   1.00 26.81 ? 160 TRP A CZ3 1 
ATOM   1260 C CH2 . TRP A 1 160 ? -5.394  10.459  7.150   1.00 28.32 ? 160 TRP A CH2 1 
ATOM   1261 N N   . PRO A 1 161 ? -10.145 10.210  10.560  1.00 31.52 ? 161 PRO A N   1 
ATOM   1262 C CA  . PRO A 1 161 ? -8.700  10.459  10.608  1.00 32.71 ? 161 PRO A CA  1 
ATOM   1263 C C   . PRO A 1 161 ? -8.209  10.641  12.044  1.00 33.60 ? 161 PRO A C   1 
ATOM   1264 O O   . PRO A 1 161 ? -7.578  11.651  12.361  1.00 33.81 ? 161 PRO A O   1 
ATOM   1265 C CB  . PRO A 1 161 ? -8.571  11.742  9.808   1.00 33.10 ? 161 PRO A CB  1 
ATOM   1266 C CG  . PRO A 1 161 ? -9.753  12.520  10.328  1.00 33.02 ? 161 PRO A CG  1 
ATOM   1267 C CD  . PRO A 1 161 ? -10.875 11.481  10.384  1.00 33.61 ? 161 PRO A CD  1 
ATOM   1268 N N   . ARG A 1 162 ? -8.474  9.661   12.903  1.00 33.82 ? 162 ARG A N   1 
ATOM   1269 C CA  . ARG A 1 162 ? -8.088  9.769   14.307  1.00 34.61 ? 162 ARG A CA  1 
ATOM   1270 C C   . ARG A 1 162 ? -6.978  8.847   14.792  1.00 34.56 ? 162 ARG A C   1 
ATOM   1271 O O   . ARG A 1 162 ? -5.892  9.312   15.131  1.00 35.44 ? 162 ARG A O   1 
ATOM   1272 C CB  . ARG A 1 162 ? -9.321  9.559   15.185  1.00 36.07 ? 162 ARG A CB  1 
ATOM   1273 C CG  . ARG A 1 162 ? -10.580 10.159  14.602  1.00 38.77 ? 162 ARG A CG  1 
ATOM   1274 C CD  . ARG A 1 162 ? -11.802 9.806   15.429  1.00 41.11 ? 162 ARG A CD  1 
ATOM   1275 N NE  . ARG A 1 162 ? -13.040 10.080  14.703  1.00 44.23 ? 162 ARG A NE  1 
ATOM   1276 C CZ  . ARG A 1 162 ? -13.368 11.264  14.197  1.00 45.99 ? 162 ARG A CZ  1 
ATOM   1277 N NH1 . ARG A 1 162 ? -12.549 12.299  14.333  1.00 46.77 ? 162 ARG A NH1 1 
ATOM   1278 N NH2 . ARG A 1 162 ? -14.520 11.414  13.554  1.00 47.21 ? 162 ARG A NH2 1 
ATOM   1279 N N   . ARG A 1 163 ? -7.247  7.544   14.836  1.00 33.12 ? 163 ARG A N   1 
ATOM   1280 C CA  . ARG A 1 163 ? -6.253  6.598   15.333  1.00 32.59 ? 163 ARG A CA  1 
ATOM   1281 C C   . ARG A 1 163 ? -6.345  5.222   14.691  1.00 31.28 ? 163 ARG A C   1 
ATOM   1282 O O   . ARG A 1 163 ? -7.245  4.943   13.901  1.00 31.47 ? 163 ARG A O   1 
ATOM   1283 C CB  . ARG A 1 163 ? -6.423  6.415   16.844  1.00 34.84 ? 163 ARG A CB  1 
ATOM   1284 C CG  . ARG A 1 163 ? -7.693  5.648   17.200  1.00 37.82 ? 163 ARG A CG  1 
ATOM   1285 C CD  . ARG A 1 163 ? -7.770  5.281   18.675  1.00 40.30 ? 163 ARG A CD  1 
ATOM   1286 N NE  . ARG A 1 163 ? -8.865  4.348   18.936  1.00 42.48 ? 163 ARG A NE  1 
ATOM   1287 C CZ  . ARG A 1 163 ? -10.148 4.609   18.700  1.00 43.39 ? 163 ARG A CZ  1 
ATOM   1288 N NH1 . ARG A 1 163 ? -10.508 5.785   18.199  1.00 42.67 ? 163 ARG A NH1 1 
ATOM   1289 N NH2 . ARG A 1 163 ? -11.073 3.693   18.959  1.00 43.60 ? 163 ARG A NH2 1 
ATOM   1290 N N   . VAL A 1 164 ? -5.400  4.363   15.057  1.00 30.21 ? 164 VAL A N   1 
ATOM   1291 C CA  . VAL A 1 164 ? -5.368  2.992   14.574  1.00 29.19 ? 164 VAL A CA  1 
ATOM   1292 C C   . VAL A 1 164 ? -6.307  2.219   15.497  1.00 29.93 ? 164 VAL A C   1 
ATOM   1293 O O   . VAL A 1 164 ? -6.307  2.437   16.708  1.00 28.20 ? 164 VAL A O   1 
ATOM   1294 C CB  . VAL A 1 164 ? -3.947  2.391   14.678  1.00 29.22 ? 164 VAL A CB  1 
ATOM   1295 C CG1 . VAL A 1 164 ? -3.979  0.902   14.367  1.00 28.75 ? 164 VAL A CG1 1 
ATOM   1296 C CG2 . VAL A 1 164 ? -3.012  3.109   13.729  1.00 29.55 ? 164 VAL A CG2 1 
ATOM   1297 N N   . LEU A 1 165 ? -7.113  1.332   14.922  1.00 28.40 ? 165 LEU A N   1 
ATOM   1298 C CA  . LEU A 1 165 ? -8.050  0.536   15.701  1.00 29.76 ? 165 LEU A CA  1 
ATOM   1299 C C   . LEU A 1 165 ? -7.468  -0.830  16.015  1.00 30.51 ? 165 LEU A C   1 
ATOM   1300 O O   . LEU A 1 165 ? -7.453  -1.260  17.166  1.00 32.13 ? 165 LEU A O   1 
ATOM   1301 C CB  . LEU A 1 165 ? -9.363  0.360   14.939  1.00 29.97 ? 165 LEU A CB  1 
ATOM   1302 C CG  . LEU A 1 165 ? -10.215 1.610   14.721  1.00 30.85 ? 165 LEU A CG  1 
ATOM   1303 C CD1 . LEU A 1 165 ? -11.400 1.266   13.836  1.00 30.60 ? 165 LEU A CD1 1 
ATOM   1304 C CD2 . LEU A 1 165 ? -10.687 2.151   16.064  1.00 32.15 ? 165 LEU A CD2 1 
ATOM   1305 N N   . VAL A 1 166 ? -6.982  -1.512  14.986  1.00 31.12 ? 166 VAL A N   1 
ATOM   1306 C CA  . VAL A 1 166 ? -6.416  -2.836  15.171  1.00 31.43 ? 166 VAL A CA  1 
ATOM   1307 C C   . VAL A 1 166 ? -5.507  -3.220  14.010  1.00 31.33 ? 166 VAL A C   1 
ATOM   1308 O O   . VAL A 1 166 ? -5.750  -2.839  12.867  1.00 29.91 ? 166 VAL A O   1 
ATOM   1309 C CB  . VAL A 1 166 ? -7.541  -3.888  15.316  1.00 32.83 ? 166 VAL A CB  1 
ATOM   1310 C CG1 . VAL A 1 166 ? -8.528  -3.754  14.166  1.00 33.89 ? 166 VAL A CG1 1 
ATOM   1311 C CG2 . VAL A 1 166 ? -6.952  -5.288  15.352  1.00 34.71 ? 166 VAL A CG2 1 
ATOM   1312 N N   . ARG A 1 167 ? -4.449  -3.960  14.319  1.00 32.51 ? 167 ARG A N   1 
ATOM   1313 C CA  . ARG A 1 167 ? -3.510  -4.408  13.303  1.00 34.78 ? 167 ARG A CA  1 
ATOM   1314 C C   . ARG A 1 167 ? -3.641  -5.917  13.174  1.00 36.79 ? 167 ARG A C   1 
ATOM   1315 O O   . ARG A 1 167 ? -3.311  -6.665  14.092  1.00 37.84 ? 167 ARG A O   1 
ATOM   1316 C CB  . ARG A 1 167 ? -2.076  -4.026  13.683  1.00 34.74 ? 167 ARG A CB  1 
ATOM   1317 C CG  . ARG A 1 167 ? -1.878  -2.531  13.913  1.00 36.08 ? 167 ARG A CG  1 
ATOM   1318 C CD  . ARG A 1 167 ? -0.410  -2.141  13.815  1.00 37.15 ? 167 ARG A CD  1 
ATOM   1319 N NE  . ARG A 1 167 ? -0.192  -0.731  14.134  1.00 37.91 ? 167 ARG A NE  1 
ATOM   1320 C CZ  . ARG A 1 167 ? 0.866   -0.029  13.735  1.00 39.70 ? 167 ARG A CZ  1 
ATOM   1321 N NH1 . ARG A 1 167 ? 1.805   -0.605  12.997  1.00 41.07 ? 167 ARG A NH1 1 
ATOM   1322 N NH2 . ARG A 1 167 ? 0.987   1.248   14.076  1.00 39.42 ? 167 ARG A NH2 1 
ATOM   1323 N N   . LEU A 1 168 ? -4.139  -6.348  12.022  1.00 38.17 ? 168 LEU A N   1 
ATOM   1324 C CA  . LEU A 1 168 ? -4.351  -7.757  11.738  1.00 40.15 ? 168 LEU A CA  1 
ATOM   1325 C C   . LEU A 1 168 ? -3.214  -8.357  10.920  1.00 41.24 ? 168 LEU A C   1 
ATOM   1326 O O   . LEU A 1 168 ? -2.977  -7.958  9.777   1.00 41.26 ? 168 LEU A O   1 
ATOM   1327 C CB  . LEU A 1 168 ? -5.674  -7.922  10.986  1.00 40.02 ? 168 LEU A CB  1 
ATOM   1328 C CG  . LEU A 1 168 ? -6.032  -9.289  10.409  1.00 41.37 ? 168 LEU A CG  1 
ATOM   1329 C CD1 . LEU A 1 168 ? -6.071  -10.335 11.510  1.00 42.50 ? 168 LEU A CD1 1 
ATOM   1330 C CD2 . LEU A 1 168 ? -7.376  -9.188  9.716   1.00 40.95 ? 168 LEU A CD2 1 
ATOM   1331 N N   . ALA A 1 169 ? -2.505  -9.312  11.513  1.00 42.53 ? 169 ALA A N   1 
ATOM   1332 C CA  . ALA A 1 169 ? -1.405  -9.978  10.829  1.00 42.94 ? 169 ALA A CA  1 
ATOM   1333 C C   . ALA A 1 169 ? -1.631  -11.486 10.867  1.00 43.73 ? 169 ALA A C   1 
ATOM   1334 O O   . ALA A 1 169 ? -1.962  -11.995 11.958  1.00 43.31 ? 169 ALA A O   1 
ATOM   1335 C CB  . ALA A 1 169 ? -0.082  -9.628  11.499  1.00 43.84 ? 169 ALA A CB  1 
HETATM 1336 O O   . HOH B 2 .   ? 1.460   -5.297  -9.612  1.00 16.04 ? 178 HOH A O   1 
HETATM 1337 O O   . HOH B 2 .   ? 0.629   15.849  0.451   1.00 17.68 ? 179 HOH A O   1 
HETATM 1338 O O   . HOH B 2 .   ? -1.069  20.558  -4.647  1.00 19.54 ? 180 HOH A O   1 
HETATM 1339 O O   . HOH B 2 .   ? 3.771   -1.558  -3.540  1.00 17.78 ? 181 HOH A O   1 
HETATM 1340 O O   . HOH B 2 .   ? -1.816  14.377  -6.202  1.00 22.09 ? 182 HOH A O   1 
HETATM 1341 O O   . HOH B 2 .   ? -7.244  11.260  -5.083  1.00 20.96 ? 183 HOH A O   1 
HETATM 1342 O O   . HOH B 2 .   ? -2.229  -12.780 5.147   1.00 23.01 ? 184 HOH A O   1 
HETATM 1343 O O   . HOH B 2 .   ? 3.850   -2.885  -0.734  1.00 19.33 ? 185 HOH A O   1 
HETATM 1344 O O   . HOH B 2 .   ? 6.859   -10.925 -8.346  1.00 23.04 ? 186 HOH A O   1 
HETATM 1345 O O   . HOH B 2 .   ? -0.479  -11.375 -8.910  1.00 21.17 ? 187 HOH A O   1 
HETATM 1346 O O   . HOH B 2 .   ? 0.045   -20.148 -3.468  1.00 22.02 ? 188 HOH A O   1 
HETATM 1347 O O   . HOH B 2 .   ? 5.224   14.532  -9.054  1.00 22.25 ? 189 HOH A O   1 
HETATM 1348 O O   . HOH B 2 .   ? -0.353  16.916  -6.299  1.00 22.18 ? 190 HOH A O   1 
HETATM 1349 O O   . HOH B 2 .   ? 0.472   -13.997 -8.830  1.00 19.89 ? 191 HOH A O   1 
HETATM 1350 O O   . HOH B 2 .   ? -14.031 -12.066 1.957   1.00 25.65 ? 192 HOH A O   1 
HETATM 1351 O O   . HOH B 2 .   ? 9.590   17.803  -6.207  1.00 23.15 ? 193 HOH A O   1 
HETATM 1352 O O   . HOH B 2 .   ? -1.759  15.170  1.483   1.00 19.99 ? 194 HOH A O   1 
HETATM 1353 O O   . HOH B 2 .   ? 8.965   -0.986  -2.620  1.00 26.17 ? 195 HOH A O   1 
HETATM 1354 O O   . HOH B 2 .   ? -2.658  -19.935 -2.275  1.00 29.23 ? 196 HOH A O   1 
HETATM 1355 O O   . HOH B 2 .   ? 5.621   14.669  1.457   1.00 24.23 ? 197 HOH A O   1 
HETATM 1356 O O   . HOH B 2 .   ? -19.774 0.151   4.907   1.00 24.53 ? 198 HOH A O   1 
HETATM 1357 O O   . HOH B 2 .   ? -17.881 5.397   -0.293  1.00 27.70 ? 199 HOH A O   1 
HETATM 1358 O O   . HOH B 2 .   ? 5.043   -1.891  -15.503 1.00 24.35 ? 200 HOH A O   1 
HETATM 1359 O O   . HOH B 2 .   ? -12.833 8.735   -3.148  1.00 29.04 ? 201 HOH A O   1 
HETATM 1360 O O   . HOH B 2 .   ? -16.250 -10.349 0.910   1.00 25.25 ? 202 HOH A O   1 
HETATM 1361 O O   . HOH B 2 .   ? -8.807  -18.685 1.547   1.00 24.48 ? 203 HOH A O   1 
HETATM 1362 O O   . HOH B 2 .   ? -9.193  -18.201 -1.229  1.00 27.13 ? 204 HOH A O   1 
HETATM 1363 O O   . HOH B 2 .   ? 2.489   -8.610  -14.790 1.00 30.38 ? 205 HOH A O   1 
HETATM 1364 O O   . HOH B 2 .   ? -16.951 3.811   11.098  1.00 28.58 ? 206 HOH A O   1 
HETATM 1365 O O   . HOH B 2 .   ? 7.426   16.020  -1.919  1.00 28.36 ? 207 HOH A O   1 
HETATM 1366 O O   . HOH B 2 .   ? -16.910 -4.397  -3.114  1.00 30.43 ? 208 HOH A O   1 
HETATM 1367 O O   . HOH B 2 .   ? -16.544 -7.280  -2.564  1.00 25.97 ? 209 HOH A O   1 
HETATM 1368 O O   . HOH B 2 .   ? -3.572  -5.128  -1.438  1.00 23.20 ? 210 HOH A O   1 
HETATM 1369 O O   . HOH B 2 .   ? 4.254   9.644   -12.470 1.00 27.06 ? 211 HOH A O   1 
HETATM 1370 O O   . HOH B 2 .   ? -12.086 13.224  -2.867  1.00 29.11 ? 212 HOH A O   1 
HETATM 1371 O O   . HOH B 2 .   ? -17.183 -7.335  0.214   1.00 33.58 ? 213 HOH A O   1 
HETATM 1372 O O   . HOH B 2 .   ? -4.418  8.983   -9.345  1.00 27.35 ? 214 HOH A O   1 
HETATM 1373 O O   . HOH B 2 .   ? -4.481  14.507  -5.862  1.00 25.76 ? 215 HOH A O   1 
HETATM 1374 O O   . HOH B 2 .   ? 3.794   -20.631 -0.688  1.00 31.02 ? 216 HOH A O   1 
HETATM 1375 O O   . HOH B 2 .   ? 12.357  14.020  -9.849  1.00 27.03 ? 217 HOH A O   1 
HETATM 1376 O O   . HOH B 2 .   ? -13.728 -0.982  -11.534 1.00 33.36 ? 218 HOH A O   1 
HETATM 1377 O O   . HOH B 2 .   ? 5.391   12.245  -11.924 1.00 27.03 ? 219 HOH A O   1 
HETATM 1378 O O   . HOH B 2 .   ? 3.468   -0.121  5.132   1.00 32.89 ? 220 HOH A O   1 
HETATM 1379 O O   . HOH B 2 .   ? -9.887  -8.156  -7.993  1.00 32.13 ? 221 HOH A O   1 
HETATM 1380 O O   . HOH B 2 .   ? -2.640  -3.686  -13.755 1.00 28.50 ? 222 HOH A O   1 
HETATM 1381 O O   . HOH B 2 .   ? 9.479   -0.641  -14.548 1.00 24.14 ? 223 HOH A O   1 
HETATM 1382 O O   . HOH B 2 .   ? 1.729   10.977  6.190   1.00 21.94 ? 224 HOH A O   1 
HETATM 1383 O O   . HOH B 2 .   ? -17.049 -2.103  13.548  1.00 36.39 ? 225 HOH A O   1 
HETATM 1384 O O   . HOH B 2 .   ? -21.374 13.712  2.003   1.00 22.34 ? 226 HOH A O   1 
HETATM 1385 O O   . HOH B 2 .   ? 2.566   -1.074  -16.409 1.00 28.98 ? 227 HOH A O   1 
HETATM 1386 O O   . HOH B 2 .   ? 5.090   12.857  5.281   1.00 38.00 ? 228 HOH A O   1 
HETATM 1387 O O   . HOH B 2 .   ? 4.141   9.996   12.638  1.00 34.25 ? 229 HOH A O   1 
HETATM 1388 O O   . HOH B 2 .   ? -12.042 -9.899  -7.642  1.00 32.88 ? 230 HOH A O   1 
HETATM 1389 O O   . HOH B 2 .   ? -0.425  9.559   -10.095 1.00 32.04 ? 231 HOH A O   1 
HETATM 1390 O O   . HOH B 2 .   ? 11.716  18.986  6.834   1.00 33.18 ? 232 HOH A O   1 
HETATM 1391 O O   . HOH B 2 .   ? 18.946  -4.185  -2.203  1.00 26.97 ? 233 HOH A O   1 
HETATM 1392 O O   . HOH B 2 .   ? 19.603  -0.779  -9.290  1.00 41.98 ? 234 HOH A O   1 
HETATM 1393 O O   . HOH B 2 .   ? 20.452  -8.229  -10.500 1.00 30.22 ? 235 HOH A O   1 
HETATM 1394 O O   . HOH B 2 .   ? 4.710   17.184  -7.578  1.00 32.50 ? 236 HOH A O   1 
HETATM 1395 O O   . HOH B 2 .   ? 1.738   0.471   -14.461 1.00 30.27 ? 237 HOH A O   1 
HETATM 1396 O O   . HOH B 2 .   ? -3.602  9.232   16.359  1.00 34.29 ? 238 HOH A O   1 
HETATM 1397 O O   . HOH B 2 .   ? 0.688   12.394  -8.563  1.00 33.61 ? 239 HOH A O   1 
HETATM 1398 O O   . HOH B 2 .   ? -12.752 -11.684 4.166   1.00 26.65 ? 240 HOH A O   1 
HETATM 1399 O O   . HOH B 2 .   ? 1.928   -20.500 2.860   1.00 38.13 ? 241 HOH A O   1 
HETATM 1400 O O   . HOH B 2 .   ? -2.370  7.105   -9.625  1.00 30.67 ? 242 HOH A O   1 
HETATM 1401 O O   . HOH B 2 .   ? 20.538  1.177   -7.045  1.00 34.65 ? 243 HOH A O   1 
HETATM 1402 O O   . HOH B 2 .   ? 22.683  -3.261  1.944   1.00 43.07 ? 244 HOH A O   1 
HETATM 1403 O O   . HOH B 2 .   ? -10.744 -16.898 7.654   1.00 30.73 ? 245 HOH A O   1 
HETATM 1404 O O   . HOH B 2 .   ? -17.166 11.834  1.412   1.00 30.40 ? 246 HOH A O   1 
HETATM 1405 O O   . HOH B 2 .   ? -9.552  10.101  -5.627  1.00 37.27 ? 247 HOH A O   1 
HETATM 1406 O O   . HOH B 2 .   ? 14.235  13.459  -3.511  1.00 34.48 ? 248 HOH A O   1 
HETATM 1407 O O   . HOH B 2 .   ? -9.004  -17.758 4.912   1.00 36.53 ? 249 HOH A O   1 
HETATM 1408 O O   . HOH B 2 .   ? -3.545  -19.128 -5.526  1.00 30.74 ? 250 HOH A O   1 
HETATM 1409 O O   . HOH B 2 .   ? 17.790  13.614  0.592   1.00 35.25 ? 251 HOH A O   1 
HETATM 1410 O O   . HOH B 2 .   ? -11.812 -19.190 -1.421  1.00 30.43 ? 252 HOH A O   1 
HETATM 1411 O O   . HOH B 2 .   ? -15.630 -14.013 0.950   1.00 42.46 ? 253 HOH A O   1 
HETATM 1412 O O   . HOH B 2 .   ? -0.201  21.289  -7.256  1.00 26.94 ? 254 HOH A O   1 
HETATM 1413 O O   . HOH B 2 .   ? 9.897   2.050   -15.294 1.00 27.65 ? 255 HOH A O   1 
HETATM 1414 O O   . HOH B 2 .   ? -6.149  12.526  -7.085  1.00 27.71 ? 256 HOH A O   1 
HETATM 1415 O O   . HOH B 2 .   ? 2.795   13.824  -10.059 1.00 31.21 ? 257 HOH A O   1 
HETATM 1416 O O   . HOH B 2 .   ? -3.922  11.798  -8.777  1.00 31.67 ? 258 HOH A O   1 
HETATM 1417 O O   . HOH B 2 .   ? 1.809   -21.891 -2.065  1.00 33.01 ? 259 HOH A O   1 
HETATM 1418 O O   . HOH B 2 .   ? 14.355  14.058  -7.794  1.00 31.01 ? 260 HOH A O   1 
HETATM 1419 O O   . HOH B 2 .   ? 17.829  -4.037  0.227   1.00 32.32 ? 261 HOH A O   1 
HETATM 1420 O O   . HOH B 2 .   ? -0.125  -14.669 6.064   1.00 32.96 ? 262 HOH A O   1 
HETATM 1421 O O   . HOH B 2 .   ? 3.691   9.185   -15.157 1.00 33.67 ? 263 HOH A O   1 
HETATM 1422 O O   . HOH B 2 .   ? 6.503   14.866  4.110   1.00 36.34 ? 264 HOH A O   1 
HETATM 1423 O O   . HOH B 2 .   ? -9.976  -6.645  -10.485 1.00 38.62 ? 265 HOH A O   1 
HETATM 1424 O O   . HOH B 2 .   ? -20.499 -0.902  7.522   1.00 32.82 ? 266 HOH A O   1 
HETATM 1425 O O   . HOH B 2 .   ? -17.935 1.279   11.568  1.00 30.63 ? 267 HOH A O   1 
HETATM 1426 O O   . HOH B 2 .   ? -6.649  -18.880 -9.143  1.00 37.84 ? 268 HOH A O   1 
HETATM 1427 O O   . HOH B 2 .   ? 6.319   -2.812  -2.654  1.00 31.95 ? 269 HOH A O   1 
HETATM 1428 O O   . HOH B 2 .   ? 23.823  3.182   -1.257  1.00 35.51 ? 270 HOH A O   1 
HETATM 1429 O O   . HOH B 2 .   ? 6.363   18.781  -5.742  1.00 36.43 ? 271 HOH A O   1 
HETATM 1430 O O   . HOH B 2 .   ? 12.091  17.868  -4.549  1.00 37.99 ? 272 HOH A O   1 
HETATM 1431 O O   . HOH B 2 .   ? -13.271 -12.480 -4.994  1.00 32.03 ? 273 HOH A O   1 
HETATM 1432 O O   . HOH B 2 .   ? 7.291   -0.543  -16.130 1.00 34.79 ? 274 HOH A O   1 
HETATM 1433 O O   . HOH B 2 .   ? -6.760  -20.540 2.099   1.00 34.50 ? 275 HOH A O   1 
HETATM 1434 O O   . HOH B 2 .   ? -6.626  -0.502  19.755  1.00 37.73 ? 276 HOH A O   1 
HETATM 1435 O O   . HOH B 2 .   ? 16.545  13.326  3.385   1.00 39.18 ? 277 HOH A O   1 
HETATM 1436 O O   . HOH B 2 .   ? -14.162 -8.415  -9.540  1.00 41.47 ? 278 HOH A O   1 
HETATM 1437 O O   . HOH B 2 .   ? -7.215  -17.272 7.583   1.00 36.88 ? 279 HOH A O   1 
HETATM 1438 O O   . HOH B 2 .   ? -2.630  -21.512 0.143   1.00 38.92 ? 280 HOH A O   1 
HETATM 1439 O O   . HOH B 2 .   ? 4.107   -19.216 4.947   1.00 36.32 ? 281 HOH A O   1 
HETATM 1440 O O   . HOH B 2 .   ? -15.986 9.665   10.469  1.00 36.14 ? 282 HOH A O   1 
HETATM 1441 O O   . HOH B 2 .   ? -13.439 8.789   4.840   1.00 36.86 ? 283 HOH A O   1 
HETATM 1442 O O   . HOH B 2 .   ? 4.943   -15.158 4.225   1.00 40.56 ? 284 HOH A O   1 
HETATM 1443 O O   . HOH B 2 .   ? -12.639 -5.835  -9.771  1.00 32.23 ? 285 HOH A O   1 
HETATM 1444 O O   . HOH B 2 .   ? -3.760  -8.400  16.500  1.00 39.88 ? 286 HOH A O   1 
HETATM 1445 O O   . HOH B 2 .   ? 9.550   16.659  -3.248  1.00 41.48 ? 287 HOH A O   1 
HETATM 1446 O O   . HOH B 2 .   ? -1.318  -10.878 -1.064  1.00 25.09 ? 288 HOH A O   1 
HETATM 1447 O O   . HOH B 2 .   ? -16.638 -3.155  9.805   1.00 40.31 ? 289 HOH A O   1 
HETATM 1448 O O   . HOH B 2 .   ? 10.372  -3.774  -2.116  1.00 35.14 ? 290 HOH A O   1 
HETATM 1449 O O   . HOH B 2 .   ? 23.237  -0.487  1.406   1.00 35.34 ? 291 HOH A O   1 
HETATM 1450 O O   . HOH B 2 .   ? -7.328  12.735  -9.872  1.00 41.78 ? 292 HOH A O   1 
HETATM 1451 O O   . HOH B 2 .   ? -11.258 -19.935 2.665   1.00 31.74 ? 293 HOH A O   1 
HETATM 1452 O O   . HOH B 2 .   ? -18.925 -1.480  9.474   1.00 37.20 ? 294 HOH A O   1 
HETATM 1453 O O   . HOH B 2 .   ? 14.077  16.073  -5.226  1.00 39.81 ? 295 HOH A O   1 
HETATM 1454 O O   . HOH B 2 .   ? 0.366   -2.567  -16.491 1.00 37.16 ? 296 HOH A O   1 
HETATM 1455 O O   . HOH B 2 .   ? -6.103  -3.240  -14.149 1.00 39.55 ? 297 HOH A O   1 
HETATM 1456 O O   . HOH B 2 .   ? 0.787   18.214  -8.283  1.00 40.76 ? 298 HOH A O   1 
HETATM 1457 O O   . HOH B 2 .   ? -19.209 4.739   10.079  1.00 40.31 ? 299 HOH A O   1 
HETATM 1458 O O   . HOH B 2 .   ? 6.714   -18.810 6.358   1.00 45.33 ? 300 HOH A O   1 
HETATM 1459 O O   . HOH B 2 .   ? -2.266  -20.880 4.819   1.00 43.51 ? 301 HOH A O   1 
HETATM 1460 O O   . HOH B 2 .   ? 15.276  15.361  1.083   1.00 39.25 ? 302 HOH A O   1 
HETATM 1461 O O   . HOH B 2 .   ? 7.732   15.635  0.443   1.00 33.90 ? 303 HOH A O   1 
HETATM 1462 O O   . HOH B 2 .   ? -11.990 16.006  -2.737  0.50 21.57 ? 304 HOH A O   1 
# 
loop_
_pdbx_poly_seq_scheme.asym_id 
_pdbx_poly_seq_scheme.entity_id 
_pdbx_poly_seq_scheme.seq_id 
_pdbx_poly_seq_scheme.mon_id 
_pdbx_poly_seq_scheme.ndb_seq_num 
_pdbx_poly_seq_scheme.pdb_seq_num 
_pdbx_poly_seq_scheme.auth_seq_num 
_pdbx_poly_seq_scheme.pdb_mon_id 
_pdbx_poly_seq_scheme.auth_mon_id 
_pdbx_poly_seq_scheme.pdb_strand_id 
_pdbx_poly_seq_scheme.pdb_ins_code 
_pdbx_poly_seq_scheme.hetero 
A 1 1   MET 1   1   1   MET MET A . n 
A 1 2   GLU 2   2   2   GLU GLU A . n 
A 1 3   LEU 3   3   3   LEU LEU A . n 
A 1 4   TRP 4   4   4   TRP TRP A . n 
A 1 5   LEU 5   5   5   LEU LEU A . n 
A 1 6   VAL 6   6   6   VAL VAL A . n 
A 1 7   ARG 7   7   7   ARG ARG A . n 
A 1 8   HIS 8   8   8   HIS HIS A . n 
A 1 9   GLY 9   9   9   GLY GLY A . n 
A 1 10  GLU 10  10  10  GLU GLU A . n 
A 1 11  THR 11  11  11  THR THR A . n 
A 1 12  LEU 12  12  12  LEU LEU A . n 
A 1 13  TRP 13  13  13  TRP TRP A . n 
A 1 14  ASN 14  14  14  ASN ASN A . n 
A 1 15  ARG 15  15  15  ARG ARG A . n 
A 1 16  GLU 16  16  16  GLU GLU A . n 
A 1 17  GLY 17  17  17  GLY GLY A . n 
A 1 18  ARG 18  18  18  ARG ARG A . n 
A 1 19  LEU 19  19  19  LEU LEU A . n 
A 1 20  LEU 20  20  20  LEU LEU A . n 
A 1 21  GLY 21  21  21  GLY GLY A . n 
A 1 22  TRP 22  22  22  TRP TRP A . n 
A 1 23  THR 23  23  23  THR THR A . n 
A 1 24  ASP 24  24  24  ASP ASP A . n 
A 1 25  LEU 25  25  25  LEU LEU A . n 
A 1 26  PRO 26  26  26  PRO PRO A . n 
A 1 27  LEU 27  27  27  LEU LEU A . n 
A 1 28  THR 28  28  28  THR THR A . n 
A 1 29  ALA 29  29  29  ALA ALA A . n 
A 1 30  GLU 30  30  30  GLU GLU A . n 
A 1 31  GLY 31  31  31  GLY GLY A . n 
A 1 32  GLU 32  32  32  GLU GLU A . n 
A 1 33  ALA 33  33  33  ALA ALA A . n 
A 1 34  GLN 34  34  34  GLN GLN A . n 
A 1 35  ALA 35  35  35  ALA ALA A . n 
A 1 36  ARG 36  36  36  ARG ARG A . n 
A 1 37  ARG 37  37  37  ARG ARG A . n 
A 1 38  LEU 38  38  38  LEU LEU A . n 
A 1 39  LYS 39  39  39  LYS LYS A . n 
A 1 40  GLY 40  40  40  GLY GLY A . n 
A 1 41  ALA 41  41  41  ALA ALA A . n 
A 1 42  LEU 42  42  42  LEU LEU A . n 
A 1 43  PRO 43  43  43  PRO PRO A . n 
A 1 44  SER 44  44  44  SER SER A . n 
A 1 45  LEU 45  45  45  LEU LEU A . n 
A 1 46  PRO 46  46  46  PRO PRO A . n 
A 1 47  ALA 47  47  47  ALA ALA A . n 
A 1 48  PHE 48  48  48  PHE PHE A . n 
A 1 49  SER 49  49  49  SER SER A . n 
A 1 50  SER 50  50  50  SER SER A . n 
A 1 51  ASP 51  51  51  ASP ASP A . n 
A 1 52  LEU 52  52  52  LEU LEU A . n 
A 1 53  LEU 53  53  53  LEU LEU A . n 
A 1 54  ARG 54  54  54  ARG ARG A . n 
A 1 55  ALA 55  55  55  ALA ALA A . n 
A 1 56  ARG 56  56  56  ARG ARG A . n 
A 1 57  ARG 57  57  57  ARG ARG A . n 
A 1 58  THR 58  58  58  THR THR A . n 
A 1 59  ALA 59  59  59  ALA ALA A . n 
A 1 60  GLU 60  60  60  GLU GLU A . n 
A 1 61  LEU 61  61  61  LEU LEU A . n 
A 1 62  ALA 62  62  62  ALA ALA A . n 
A 1 63  GLY 63  63  63  GLY GLY A . n 
A 1 64  PHE 64  64  64  PHE PHE A . n 
A 1 65  SER 65  65  65  SER SER A . n 
A 1 66  PRO 66  66  66  PRO PRO A . n 
A 1 67  ARG 67  67  67  ARG ARG A . n 
A 1 68  LEU 68  68  68  LEU LEU A . n 
A 1 69  TYR 69  69  69  TYR TYR A . n 
A 1 70  PRO 70  70  70  PRO PRO A . n 
A 1 71  GLU 71  71  71  GLU GLU A . n 
A 1 72  LEU 72  72  72  LEU LEU A . n 
A 1 73  ARG 73  73  73  ARG ARG A . n 
A 1 74  GLU 74  74  74  GLU GLU A . n 
A 1 75  ILE 75  75  75  ILE ILE A . n 
A 1 76  HIS 76  76  76  HIS HIS A . n 
A 1 77  PHE 77  77  77  PHE PHE A . n 
A 1 78  GLY 78  78  78  GLY GLY A . n 
A 1 79  ALA 79  79  79  ALA ALA A . n 
A 1 80  LEU 80  80  80  LEU LEU A . n 
A 1 81  GLU 81  81  81  GLU GLU A . n 
A 1 82  GLY 82  82  82  GLY GLY A . n 
A 1 83  ALA 83  83  83  ALA ALA A . n 
A 1 84  LEU 84  84  84  LEU LEU A . n 
A 1 85  TRP 85  85  85  TRP TRP A . n 
A 1 86  GLU 86  86  86  GLU GLU A . n 
A 1 87  THR 87  87  87  THR THR A . n 
A 1 88  LEU 88  88  88  LEU LEU A . n 
A 1 89  ASP 89  89  89  ASP ASP A . n 
A 1 90  PRO 90  90  90  PRO PRO A . n 
A 1 91  ARG 91  91  91  ARG ARG A . n 
A 1 92  TYR 92  92  92  TYR TYR A . n 
A 1 93  LYS 93  93  93  LYS LYS A . n 
A 1 94  GLU 94  94  94  GLU GLU A . n 
A 1 95  ALA 95  95  95  ALA ALA A . n 
A 1 96  LEU 96  96  96  LEU LEU A . n 
A 1 97  LEU 97  97  97  LEU LEU A . n 
A 1 98  ARG 98  98  98  ARG ARG A . n 
A 1 99  PHE 99  99  99  PHE PHE A . n 
A 1 100 GLN 100 100 100 GLN GLN A . n 
A 1 101 GLY 101 101 101 GLY GLY A . n 
A 1 102 PHE 102 102 102 PHE PHE A . n 
A 1 103 HIS 103 103 103 HIS HIS A . n 
A 1 104 PRO 104 104 104 PRO PRO A . n 
A 1 105 PRO 105 105 105 PRO PRO A . n 
A 1 106 GLY 106 106 106 GLY GLY A . n 
A 1 107 GLY 107 107 107 GLY GLY A . n 
A 1 108 GLU 108 108 108 GLU GLU A . n 
A 1 109 SER 109 109 109 SER SER A . n 
A 1 110 LEU 110 110 110 LEU LEU A . n 
A 1 111 SER 111 111 111 SER SER A . n 
A 1 112 ALA 112 112 112 ALA ALA A . n 
A 1 113 PHE 113 113 113 PHE PHE A . n 
A 1 114 GLN 114 114 114 GLN GLN A . n 
A 1 115 GLU 115 115 115 GLU GLU A . n 
A 1 116 ARG 116 116 116 ARG ARG A . n 
A 1 117 VAL 117 117 117 VAL VAL A . n 
A 1 118 PHE 118 118 118 PHE PHE A . n 
A 1 119 ARG 119 119 119 ARG ARG A . n 
A 1 120 PHE 120 120 120 PHE PHE A . n 
A 1 121 LEU 121 121 121 LEU LEU A . n 
A 1 122 GLU 122 122 122 GLU GLU A . n 
A 1 123 GLY 123 123 123 GLY GLY A . n 
A 1 124 LEU 124 124 124 LEU LEU A . n 
A 1 125 LYS 125 125 125 LYS LYS A . n 
A 1 126 ALA 126 126 126 ALA ALA A . n 
A 1 127 PRO 127 127 127 PRO PRO A . n 
A 1 128 ALA 128 128 128 ALA ALA A . n 
A 1 129 VAL 129 129 129 VAL VAL A . n 
A 1 130 LEU 130 130 130 LEU LEU A . n 
A 1 131 PHE 131 131 131 PHE PHE A . n 
A 1 132 THR 132 132 132 THR THR A . n 
A 1 133 HIS 133 133 133 HIS HIS A . n 
A 1 134 GLY 134 134 134 GLY GLY A . n 
A 1 135 GLY 135 135 135 GLY GLY A . n 
A 1 136 VAL 136 136 136 VAL VAL A . n 
A 1 137 VAL 137 137 137 VAL VAL A . n 
A 1 138 ARG 138 138 138 ARG ARG A . n 
A 1 139 ALA 139 139 139 ALA ALA A . n 
A 1 140 VAL 140 140 140 VAL VAL A . n 
A 1 141 LEU 141 141 141 LEU LEU A . n 
A 1 142 ARG 142 142 142 ARG ARG A . n 
A 1 143 ALA 143 143 143 ALA ALA A . n 
A 1 144 LEU 144 144 144 LEU LEU A . n 
A 1 145 GLY 145 145 145 GLY GLY A . n 
A 1 146 GLU 146 146 146 GLU GLU A . n 
A 1 147 ASP 147 147 147 ASP ASP A . n 
A 1 148 GLY 148 148 148 GLY GLY A . n 
A 1 149 LEU 149 149 149 LEU LEU A . n 
A 1 150 VAL 150 150 150 VAL VAL A . n 
A 1 151 PRO 151 151 151 PRO PRO A . n 
A 1 152 PRO 152 152 152 PRO PRO A . n 
A 1 153 GLY 153 153 153 GLY GLY A . n 
A 1 154 SER 154 154 154 SER SER A . n 
A 1 155 ALA 155 155 155 ALA ALA A . n 
A 1 156 VAL 156 156 156 VAL VAL A . n 
A 1 157 ALA 157 157 157 ALA ALA A . n 
A 1 158 VAL 158 158 158 VAL VAL A . n 
A 1 159 ASP 159 159 159 ASP ASP A . n 
A 1 160 TRP 160 160 160 TRP TRP A . n 
A 1 161 PRO 161 161 161 PRO PRO A . n 
A 1 162 ARG 162 162 162 ARG ARG A . n 
A 1 163 ARG 163 163 163 ARG ARG A . n 
A 1 164 VAL 164 164 164 VAL VAL A . n 
A 1 165 LEU 165 165 165 LEU LEU A . n 
A 1 166 VAL 166 166 166 VAL VAL A . n 
A 1 167 ARG 167 167 167 ARG ARG A . n 
A 1 168 LEU 168 168 168 LEU LEU A . n 
A 1 169 ALA 169 169 169 ALA ALA A . n 
A 1 170 LEU 170 170 ?   ?   ?   A . n 
A 1 171 ASP 171 171 ?   ?   ?   A . n 
A 1 172 GLY 172 172 ?   ?   ?   A . n 
A 1 173 GLU 173 173 ?   ?   ?   A . n 
A 1 174 GLU 174 174 ?   ?   ?   A . n 
A 1 175 ALA 175 175 ?   ?   ?   A . n 
A 1 176 THR 176 176 ?   ?   ?   A . n 
A 1 177 GLY 177 177 ?   ?   ?   A . n 
# 
_pdbx_SG_project.id                    1 
_pdbx_SG_project.project_name          ? 
_pdbx_SG_project.full_name_of_center   'RIKEN Structural Genomics/Proteomics Initiative' 
_pdbx_SG_project.initial_of_center     RSGI 
# 
loop_
_pdbx_nonpoly_scheme.asym_id 
_pdbx_nonpoly_scheme.entity_id 
_pdbx_nonpoly_scheme.mon_id 
_pdbx_nonpoly_scheme.ndb_seq_num 
_pdbx_nonpoly_scheme.pdb_seq_num 
_pdbx_nonpoly_scheme.auth_seq_num 
_pdbx_nonpoly_scheme.pdb_mon_id 
_pdbx_nonpoly_scheme.auth_mon_id 
_pdbx_nonpoly_scheme.pdb_strand_id 
_pdbx_nonpoly_scheme.pdb_ins_code 
B 2 HOH 1   178 1   HOH HOH A . 
B 2 HOH 2   179 2   HOH HOH A . 
B 2 HOH 3   180 3   HOH HOH A . 
B 2 HOH 4   181 4   HOH HOH A . 
B 2 HOH 5   182 5   HOH HOH A . 
B 2 HOH 6   183 6   HOH HOH A . 
B 2 HOH 7   184 7   HOH HOH A . 
B 2 HOH 8   185 8   HOH HOH A . 
B 2 HOH 9   186 9   HOH HOH A . 
B 2 HOH 10  187 10  HOH HOH A . 
B 2 HOH 11  188 11  HOH HOH A . 
B 2 HOH 12  189 12  HOH HOH A . 
B 2 HOH 13  190 13  HOH HOH A . 
B 2 HOH 14  191 14  HOH HOH A . 
B 2 HOH 15  192 15  HOH HOH A . 
B 2 HOH 16  193 16  HOH HOH A . 
B 2 HOH 17  194 17  HOH HOH A . 
B 2 HOH 18  195 18  HOH HOH A . 
B 2 HOH 19  196 19  HOH HOH A . 
B 2 HOH 20  197 20  HOH HOH A . 
B 2 HOH 21  198 21  HOH HOH A . 
B 2 HOH 22  199 22  HOH HOH A . 
B 2 HOH 23  200 23  HOH HOH A . 
B 2 HOH 24  201 24  HOH HOH A . 
B 2 HOH 25  202 25  HOH HOH A . 
B 2 HOH 26  203 26  HOH HOH A . 
B 2 HOH 27  204 27  HOH HOH A . 
B 2 HOH 28  205 28  HOH HOH A . 
B 2 HOH 29  206 29  HOH HOH A . 
B 2 HOH 30  207 30  HOH HOH A . 
B 2 HOH 31  208 31  HOH HOH A . 
B 2 HOH 32  209 32  HOH HOH A . 
B 2 HOH 33  210 33  HOH HOH A . 
B 2 HOH 34  211 34  HOH HOH A . 
B 2 HOH 35  212 35  HOH HOH A . 
B 2 HOH 36  213 36  HOH HOH A . 
B 2 HOH 37  214 37  HOH HOH A . 
B 2 HOH 38  215 38  HOH HOH A . 
B 2 HOH 39  216 39  HOH HOH A . 
B 2 HOH 40  217 40  HOH HOH A . 
B 2 HOH 41  218 41  HOH HOH A . 
B 2 HOH 42  219 42  HOH HOH A . 
B 2 HOH 43  220 43  HOH HOH A . 
B 2 HOH 44  221 44  HOH HOH A . 
B 2 HOH 45  222 45  HOH HOH A . 
B 2 HOH 46  223 46  HOH HOH A . 
B 2 HOH 47  224 47  HOH HOH A . 
B 2 HOH 48  225 48  HOH HOH A . 
B 2 HOH 49  226 49  HOH HOH A . 
B 2 HOH 50  227 50  HOH HOH A . 
B 2 HOH 51  228 51  HOH HOH A . 
B 2 HOH 52  229 52  HOH HOH A . 
B 2 HOH 53  230 53  HOH HOH A . 
B 2 HOH 54  231 54  HOH HOH A . 
B 2 HOH 55  232 55  HOH HOH A . 
B 2 HOH 56  233 56  HOH HOH A . 
B 2 HOH 57  234 57  HOH HOH A . 
B 2 HOH 58  235 58  HOH HOH A . 
B 2 HOH 59  236 59  HOH HOH A . 
B 2 HOH 60  237 60  HOH HOH A . 
B 2 HOH 61  238 61  HOH HOH A . 
B 2 HOH 62  239 62  HOH HOH A . 
B 2 HOH 63  240 63  HOH HOH A . 
B 2 HOH 64  241 64  HOH HOH A . 
B 2 HOH 65  242 65  HOH HOH A . 
B 2 HOH 66  243 66  HOH HOH A . 
B 2 HOH 67  244 67  HOH HOH A . 
B 2 HOH 68  245 68  HOH HOH A . 
B 2 HOH 69  246 69  HOH HOH A . 
B 2 HOH 70  247 70  HOH HOH A . 
B 2 HOH 71  248 71  HOH HOH A . 
B 2 HOH 72  249 72  HOH HOH A . 
B 2 HOH 73  250 73  HOH HOH A . 
B 2 HOH 74  251 74  HOH HOH A . 
B 2 HOH 75  252 75  HOH HOH A . 
B 2 HOH 76  253 76  HOH HOH A . 
B 2 HOH 77  254 77  HOH HOH A . 
B 2 HOH 78  255 78  HOH HOH A . 
B 2 HOH 79  256 79  HOH HOH A . 
B 2 HOH 80  257 80  HOH HOH A . 
B 2 HOH 81  258 81  HOH HOH A . 
B 2 HOH 82  259 82  HOH HOH A . 
B 2 HOH 83  260 83  HOH HOH A . 
B 2 HOH 84  261 84  HOH HOH A . 
B 2 HOH 85  262 85  HOH HOH A . 
B 2 HOH 86  263 86  HOH HOH A . 
B 2 HOH 87  264 87  HOH HOH A . 
B 2 HOH 88  265 88  HOH HOH A . 
B 2 HOH 89  266 89  HOH HOH A . 
B 2 HOH 90  267 90  HOH HOH A . 
B 2 HOH 91  268 91  HOH HOH A . 
B 2 HOH 92  269 92  HOH HOH A . 
B 2 HOH 93  270 93  HOH HOH A . 
B 2 HOH 94  271 94  HOH HOH A . 
B 2 HOH 95  272 95  HOH HOH A . 
B 2 HOH 96  273 96  HOH HOH A . 
B 2 HOH 97  274 97  HOH HOH A . 
B 2 HOH 98  275 98  HOH HOH A . 
B 2 HOH 99  276 99  HOH HOH A . 
B 2 HOH 100 277 100 HOH HOH A . 
B 2 HOH 101 278 101 HOH HOH A . 
B 2 HOH 102 279 102 HOH HOH A . 
B 2 HOH 103 280 103 HOH HOH A . 
B 2 HOH 104 281 104 HOH HOH A . 
B 2 HOH 105 282 105 HOH HOH A . 
B 2 HOH 106 283 106 HOH HOH A . 
B 2 HOH 107 284 107 HOH HOH A . 
B 2 HOH 108 285 108 HOH HOH A . 
B 2 HOH 109 286 109 HOH HOH A . 
B 2 HOH 110 287 110 HOH HOH A . 
B 2 HOH 111 288 111 HOH HOH A . 
B 2 HOH 112 289 112 HOH HOH A . 
B 2 HOH 113 290 113 HOH HOH A . 
B 2 HOH 114 291 114 HOH HOH A . 
B 2 HOH 115 292 115 HOH HOH A . 
B 2 HOH 116 293 116 HOH HOH A . 
B 2 HOH 117 294 117 HOH HOH A . 
B 2 HOH 118 295 118 HOH HOH A . 
B 2 HOH 119 296 119 HOH HOH A . 
B 2 HOH 120 297 120 HOH HOH A . 
B 2 HOH 121 298 121 HOH HOH A . 
B 2 HOH 122 299 122 HOH HOH A . 
B 2 HOH 123 300 123 HOH HOH A . 
B 2 HOH 124 301 124 HOH HOH A . 
B 2 HOH 125 302 125 HOH HOH A . 
B 2 HOH 126 303 126 HOH HOH A . 
B 2 HOH 127 304 127 HOH HOH A . 
# 
_pdbx_struct_assembly.id                   1 
_pdbx_struct_assembly.details              author_defined_assembly 
_pdbx_struct_assembly.method_details       ? 
_pdbx_struct_assembly.oligomeric_details   monomeric 
_pdbx_struct_assembly.oligomeric_count     1 
# 
_pdbx_struct_assembly_gen.assembly_id       1 
_pdbx_struct_assembly_gen.oper_expression   1 
_pdbx_struct_assembly_gen.asym_id_list      A,B 
# 
_pdbx_struct_oper_list.id                   1 
_pdbx_struct_oper_list.type                 'identity operation' 
_pdbx_struct_oper_list.name                 1_555 
_pdbx_struct_oper_list.symmetry_operation   x,y,z 
_pdbx_struct_oper_list.matrix[1][1]         1.0000000000 
_pdbx_struct_oper_list.matrix[1][2]         0.0000000000 
_pdbx_struct_oper_list.matrix[1][3]         0.0000000000 
_pdbx_struct_oper_list.vector[1]            0.0000000000 
_pdbx_struct_oper_list.matrix[2][1]         0.0000000000 
_pdbx_struct_oper_list.matrix[2][2]         1.0000000000 
_pdbx_struct_oper_list.matrix[2][3]         0.0000000000 
_pdbx_struct_oper_list.vector[2]            0.0000000000 
_pdbx_struct_oper_list.matrix[3][1]         0.0000000000 
_pdbx_struct_oper_list.matrix[3][2]         0.0000000000 
_pdbx_struct_oper_list.matrix[3][3]         1.0000000000 
_pdbx_struct_oper_list.vector[3]            0.0000000000 
# 
_pdbx_struct_special_symmetry.id              1 
_pdbx_struct_special_symmetry.PDB_model_num   1 
_pdbx_struct_special_symmetry.auth_asym_id    A 
_pdbx_struct_special_symmetry.auth_comp_id    HOH 
_pdbx_struct_special_symmetry.auth_seq_id     304 
_pdbx_struct_special_symmetry.PDB_ins_code    ? 
_pdbx_struct_special_symmetry.label_asym_id   B 
_pdbx_struct_special_symmetry.label_comp_id   HOH 
_pdbx_struct_special_symmetry.label_seq_id    . 
# 
loop_
_pdbx_audit_revision_history.ordinal 
_pdbx_audit_revision_history.data_content_type 
_pdbx_audit_revision_history.major_revision 
_pdbx_audit_revision_history.minor_revision 
_pdbx_audit_revision_history.revision_date 
1 'Structure model' 1 0 2005-02-15 
2 'Structure model' 1 1 2008-04-27 
3 'Structure model' 1 2 2011-07-13 
4 'Structure model' 1 3 2023-10-25 
# 
_pdbx_audit_revision_details.ordinal             1 
_pdbx_audit_revision_details.revision_ordinal    1 
_pdbx_audit_revision_details.data_content_type   'Structure model' 
_pdbx_audit_revision_details.provider            repository 
_pdbx_audit_revision_details.type                'Initial release' 
_pdbx_audit_revision_details.description         ? 
_pdbx_audit_revision_details.details             ? 
# 
loop_
_pdbx_audit_revision_group.ordinal 
_pdbx_audit_revision_group.revision_ordinal 
_pdbx_audit_revision_group.data_content_type 
_pdbx_audit_revision_group.group 
1 2 'Structure model' 'Version format compliance' 
2 3 'Structure model' 'Version format compliance' 
3 4 'Structure model' 'Data collection'           
4 4 'Structure model' 'Database references'       
5 4 'Structure model' 'Refinement description'    
# 
loop_
_pdbx_audit_revision_category.ordinal 
_pdbx_audit_revision_category.revision_ordinal 
_pdbx_audit_revision_category.data_content_type 
_pdbx_audit_revision_category.category 
1 4 'Structure model' chem_comp_atom                
2 4 'Structure model' chem_comp_bond                
3 4 'Structure model' database_2                    
4 4 'Structure model' pdbx_initial_refinement_model 
# 
loop_
_pdbx_audit_revision_item.ordinal 
_pdbx_audit_revision_item.revision_ordinal 
_pdbx_audit_revision_item.data_content_type 
_pdbx_audit_revision_item.item 
1 4 'Structure model' '_database_2.pdbx_DOI'                
2 4 'Structure model' '_database_2.pdbx_database_accession' 
# 
loop_
_software.name 
_software.classification 
_software.version 
_software.citation_id 
_software.pdbx_ordinal 
HKL-2000  'data collection' .   ? 1 
SCALEPACK 'data scaling'    .   ? 2 
MOLREP    phasing           .   ? 3 
CNS       refinement        1.1 ? 4 
HKL-2000  'data reduction'  .   ? 5 
# 
loop_
_pdbx_validate_torsion.id 
_pdbx_validate_torsion.PDB_model_num 
_pdbx_validate_torsion.auth_comp_id 
_pdbx_validate_torsion.auth_asym_id 
_pdbx_validate_torsion.auth_seq_id 
_pdbx_validate_torsion.PDB_ins_code 
_pdbx_validate_torsion.label_alt_id 
_pdbx_validate_torsion.phi 
_pdbx_validate_torsion.psi 
1 1 THR A 132 ? ? -141.16 -147.35 
2 1 PRO A 161 ? ? -107.85 55.66   
# 
loop_
_pdbx_unobs_or_zero_occ_residues.id 
_pdbx_unobs_or_zero_occ_residues.PDB_model_num 
_pdbx_unobs_or_zero_occ_residues.polymer_flag 
_pdbx_unobs_or_zero_occ_residues.occupancy_flag 
_pdbx_unobs_or_zero_occ_residues.auth_asym_id 
_pdbx_unobs_or_zero_occ_residues.auth_comp_id 
_pdbx_unobs_or_zero_occ_residues.auth_seq_id 
_pdbx_unobs_or_zero_occ_residues.PDB_ins_code 
_pdbx_unobs_or_zero_occ_residues.label_asym_id 
_pdbx_unobs_or_zero_occ_residues.label_comp_id 
_pdbx_unobs_or_zero_occ_residues.label_seq_id 
1 1 Y 1 A LEU 170 ? A LEU 170 
2 1 Y 1 A ASP 171 ? A ASP 171 
3 1 Y 1 A GLY 172 ? A GLY 172 
4 1 Y 1 A GLU 173 ? A GLU 173 
5 1 Y 1 A GLU 174 ? A GLU 174 
6 1 Y 1 A ALA 175 ? A ALA 175 
7 1 Y 1 A THR 176 ? A THR 176 
8 1 Y 1 A GLY 177 ? A GLY 177 
# 
loop_
_chem_comp_atom.comp_id 
_chem_comp_atom.atom_id 
_chem_comp_atom.type_symbol 
_chem_comp_atom.pdbx_aromatic_flag 
_chem_comp_atom.pdbx_stereo_config 
_chem_comp_atom.pdbx_ordinal 
ALA N    N N N 1   
ALA CA   C N S 2   
ALA C    C N N 3   
ALA O    O N N 4   
ALA CB   C N N 5   
ALA OXT  O N N 6   
ALA H    H N N 7   
ALA H2   H N N 8   
ALA HA   H N N 9   
ALA HB1  H N N 10  
ALA HB2  H N N 11  
ALA HB3  H N N 12  
ALA HXT  H N N 13  
ARG N    N N N 14  
ARG CA   C N S 15  
ARG C    C N N 16  
ARG O    O N N 17  
ARG CB   C N N 18  
ARG CG   C N N 19  
ARG CD   C N N 20  
ARG NE   N N N 21  
ARG CZ   C N N 22  
ARG NH1  N N N 23  
ARG NH2  N N N 24  
ARG OXT  O N N 25  
ARG H    H N N 26  
ARG H2   H N N 27  
ARG HA   H N N 28  
ARG HB2  H N N 29  
ARG HB3  H N N 30  
ARG HG2  H N N 31  
ARG HG3  H N N 32  
ARG HD2  H N N 33  
ARG HD3  H N N 34  
ARG HE   H N N 35  
ARG HH11 H N N 36  
ARG HH12 H N N 37  
ARG HH21 H N N 38  
ARG HH22 H N N 39  
ARG HXT  H N N 40  
ASN N    N N N 41  
ASN CA   C N S 42  
ASN C    C N N 43  
ASN O    O N N 44  
ASN CB   C N N 45  
ASN CG   C N N 46  
ASN OD1  O N N 47  
ASN ND2  N N N 48  
ASN OXT  O N N 49  
ASN H    H N N 50  
ASN H2   H N N 51  
ASN HA   H N N 52  
ASN HB2  H N N 53  
ASN HB3  H N N 54  
ASN HD21 H N N 55  
ASN HD22 H N N 56  
ASN HXT  H N N 57  
ASP N    N N N 58  
ASP CA   C N S 59  
ASP C    C N N 60  
ASP O    O N N 61  
ASP CB   C N N 62  
ASP CG   C N N 63  
ASP OD1  O N N 64  
ASP OD2  O N N 65  
ASP OXT  O N N 66  
ASP H    H N N 67  
ASP H2   H N N 68  
ASP HA   H N N 69  
ASP HB2  H N N 70  
ASP HB3  H N N 71  
ASP HD2  H N N 72  
ASP HXT  H N N 73  
GLN N    N N N 74  
GLN CA   C N S 75  
GLN C    C N N 76  
GLN O    O N N 77  
GLN CB   C N N 78  
GLN CG   C N N 79  
GLN CD   C N N 80  
GLN OE1  O N N 81  
GLN NE2  N N N 82  
GLN OXT  O N N 83  
GLN H    H N N 84  
GLN H2   H N N 85  
GLN HA   H N N 86  
GLN HB2  H N N 87  
GLN HB3  H N N 88  
GLN HG2  H N N 89  
GLN HG3  H N N 90  
GLN HE21 H N N 91  
GLN HE22 H N N 92  
GLN HXT  H N N 93  
GLU N    N N N 94  
GLU CA   C N S 95  
GLU C    C N N 96  
GLU O    O N N 97  
GLU CB   C N N 98  
GLU CG   C N N 99  
GLU CD   C N N 100 
GLU OE1  O N N 101 
GLU OE2  O N N 102 
GLU OXT  O N N 103 
GLU H    H N N 104 
GLU H2   H N N 105 
GLU HA   H N N 106 
GLU HB2  H N N 107 
GLU HB3  H N N 108 
GLU HG2  H N N 109 
GLU HG3  H N N 110 
GLU HE2  H N N 111 
GLU HXT  H N N 112 
GLY N    N N N 113 
GLY CA   C N N 114 
GLY C    C N N 115 
GLY O    O N N 116 
GLY OXT  O N N 117 
GLY H    H N N 118 
GLY H2   H N N 119 
GLY HA2  H N N 120 
GLY HA3  H N N 121 
GLY HXT  H N N 122 
HIS N    N N N 123 
HIS CA   C N S 124 
HIS C    C N N 125 
HIS O    O N N 126 
HIS CB   C N N 127 
HIS CG   C Y N 128 
HIS ND1  N Y N 129 
HIS CD2  C Y N 130 
HIS CE1  C Y N 131 
HIS NE2  N Y N 132 
HIS OXT  O N N 133 
HIS H    H N N 134 
HIS H2   H N N 135 
HIS HA   H N N 136 
HIS HB2  H N N 137 
HIS HB3  H N N 138 
HIS HD1  H N N 139 
HIS HD2  H N N 140 
HIS HE1  H N N 141 
HIS HE2  H N N 142 
HIS HXT  H N N 143 
HOH O    O N N 144 
HOH H1   H N N 145 
HOH H2   H N N 146 
ILE N    N N N 147 
ILE CA   C N S 148 
ILE C    C N N 149 
ILE O    O N N 150 
ILE CB   C N S 151 
ILE CG1  C N N 152 
ILE CG2  C N N 153 
ILE CD1  C N N 154 
ILE OXT  O N N 155 
ILE H    H N N 156 
ILE H2   H N N 157 
ILE HA   H N N 158 
ILE HB   H N N 159 
ILE HG12 H N N 160 
ILE HG13 H N N 161 
ILE HG21 H N N 162 
ILE HG22 H N N 163 
ILE HG23 H N N 164 
ILE HD11 H N N 165 
ILE HD12 H N N 166 
ILE HD13 H N N 167 
ILE HXT  H N N 168 
LEU N    N N N 169 
LEU CA   C N S 170 
LEU C    C N N 171 
LEU O    O N N 172 
LEU CB   C N N 173 
LEU CG   C N N 174 
LEU CD1  C N N 175 
LEU CD2  C N N 176 
LEU OXT  O N N 177 
LEU H    H N N 178 
LEU H2   H N N 179 
LEU HA   H N N 180 
LEU HB2  H N N 181 
LEU HB3  H N N 182 
LEU HG   H N N 183 
LEU HD11 H N N 184 
LEU HD12 H N N 185 
LEU HD13 H N N 186 
LEU HD21 H N N 187 
LEU HD22 H N N 188 
LEU HD23 H N N 189 
LEU HXT  H N N 190 
LYS N    N N N 191 
LYS CA   C N S 192 
LYS C    C N N 193 
LYS O    O N N 194 
LYS CB   C N N 195 
LYS CG   C N N 196 
LYS CD   C N N 197 
LYS CE   C N N 198 
LYS NZ   N N N 199 
LYS OXT  O N N 200 
LYS H    H N N 201 
LYS H2   H N N 202 
LYS HA   H N N 203 
LYS HB2  H N N 204 
LYS HB3  H N N 205 
LYS HG2  H N N 206 
LYS HG3  H N N 207 
LYS HD2  H N N 208 
LYS HD3  H N N 209 
LYS HE2  H N N 210 
LYS HE3  H N N 211 
LYS HZ1  H N N 212 
LYS HZ2  H N N 213 
LYS HZ3  H N N 214 
LYS HXT  H N N 215 
MET N    N N N 216 
MET CA   C N S 217 
MET C    C N N 218 
MET O    O N N 219 
MET CB   C N N 220 
MET CG   C N N 221 
MET SD   S N N 222 
MET CE   C N N 223 
MET OXT  O N N 224 
MET H    H N N 225 
MET H2   H N N 226 
MET HA   H N N 227 
MET HB2  H N N 228 
MET HB3  H N N 229 
MET HG2  H N N 230 
MET HG3  H N N 231 
MET HE1  H N N 232 
MET HE2  H N N 233 
MET HE3  H N N 234 
MET HXT  H N N 235 
PHE N    N N N 236 
PHE CA   C N S 237 
PHE C    C N N 238 
PHE O    O N N 239 
PHE CB   C N N 240 
PHE CG   C Y N 241 
PHE CD1  C Y N 242 
PHE CD2  C Y N 243 
PHE CE1  C Y N 244 
PHE CE2  C Y N 245 
PHE CZ   C Y N 246 
PHE OXT  O N N 247 
PHE H    H N N 248 
PHE H2   H N N 249 
PHE HA   H N N 250 
PHE HB2  H N N 251 
PHE HB3  H N N 252 
PHE HD1  H N N 253 
PHE HD2  H N N 254 
PHE HE1  H N N 255 
PHE HE2  H N N 256 
PHE HZ   H N N 257 
PHE HXT  H N N 258 
PRO N    N N N 259 
PRO CA   C N S 260 
PRO C    C N N 261 
PRO O    O N N 262 
PRO CB   C N N 263 
PRO CG   C N N 264 
PRO CD   C N N 265 
PRO OXT  O N N 266 
PRO H    H N N 267 
PRO HA   H N N 268 
PRO HB2  H N N 269 
PRO HB3  H N N 270 
PRO HG2  H N N 271 
PRO HG3  H N N 272 
PRO HD2  H N N 273 
PRO HD3  H N N 274 
PRO HXT  H N N 275 
SER N    N N N 276 
SER CA   C N S 277 
SER C    C N N 278 
SER O    O N N 279 
SER CB   C N N 280 
SER OG   O N N 281 
SER OXT  O N N 282 
SER H    H N N 283 
SER H2   H N N 284 
SER HA   H N N 285 
SER HB2  H N N 286 
SER HB3  H N N 287 
SER HG   H N N 288 
SER HXT  H N N 289 
THR N    N N N 290 
THR CA   C N S 291 
THR C    C N N 292 
THR O    O N N 293 
THR CB   C N R 294 
THR OG1  O N N 295 
THR CG2  C N N 296 
THR OXT  O N N 297 
THR H    H N N 298 
THR H2   H N N 299 
THR HA   H N N 300 
THR HB   H N N 301 
THR HG1  H N N 302 
THR HG21 H N N 303 
THR HG22 H N N 304 
THR HG23 H N N 305 
THR HXT  H N N 306 
TRP N    N N N 307 
TRP CA   C N S 308 
TRP C    C N N 309 
TRP O    O N N 310 
TRP CB   C N N 311 
TRP CG   C Y N 312 
TRP CD1  C Y N 313 
TRP CD2  C Y N 314 
TRP NE1  N Y N 315 
TRP CE2  C Y N 316 
TRP CE3  C Y N 317 
TRP CZ2  C Y N 318 
TRP CZ3  C Y N 319 
TRP CH2  C Y N 320 
TRP OXT  O N N 321 
TRP H    H N N 322 
TRP H2   H N N 323 
TRP HA   H N N 324 
TRP HB2  H N N 325 
TRP HB3  H N N 326 
TRP HD1  H N N 327 
TRP HE1  H N N 328 
TRP HE3  H N N 329 
TRP HZ2  H N N 330 
TRP HZ3  H N N 331 
TRP HH2  H N N 332 
TRP HXT  H N N 333 
TYR N    N N N 334 
TYR CA   C N S 335 
TYR C    C N N 336 
TYR O    O N N 337 
TYR CB   C N N 338 
TYR CG   C Y N 339 
TYR CD1  C Y N 340 
TYR CD2  C Y N 341 
TYR CE1  C Y N 342 
TYR CE2  C Y N 343 
TYR CZ   C Y N 344 
TYR OH   O N N 345 
TYR OXT  O N N 346 
TYR H    H N N 347 
TYR H2   H N N 348 
TYR HA   H N N 349 
TYR HB2  H N N 350 
TYR HB3  H N N 351 
TYR HD1  H N N 352 
TYR HD2  H N N 353 
TYR HE1  H N N 354 
TYR HE2  H N N 355 
TYR HH   H N N 356 
TYR HXT  H N N 357 
VAL N    N N N 358 
VAL CA   C N S 359 
VAL C    C N N 360 
VAL O    O N N 361 
VAL CB   C N N 362 
VAL CG1  C N N 363 
VAL CG2  C N N 364 
VAL OXT  O N N 365 
VAL H    H N N 366 
VAL H2   H N N 367 
VAL HA   H N N 368 
VAL HB   H N N 369 
VAL HG11 H N N 370 
VAL HG12 H N N 371 
VAL HG13 H N N 372 
VAL HG21 H N N 373 
VAL HG22 H N N 374 
VAL HG23 H N N 375 
VAL HXT  H N N 376 
# 
loop_
_chem_comp_bond.comp_id 
_chem_comp_bond.atom_id_1 
_chem_comp_bond.atom_id_2 
_chem_comp_bond.value_order 
_chem_comp_bond.pdbx_aromatic_flag 
_chem_comp_bond.pdbx_stereo_config 
_chem_comp_bond.pdbx_ordinal 
ALA N   CA   sing N N 1   
ALA N   H    sing N N 2   
ALA N   H2   sing N N 3   
ALA CA  C    sing N N 4   
ALA CA  CB   sing N N 5   
ALA CA  HA   sing N N 6   
ALA C   O    doub N N 7   
ALA C   OXT  sing N N 8   
ALA CB  HB1  sing N N 9   
ALA CB  HB2  sing N N 10  
ALA CB  HB3  sing N N 11  
ALA OXT HXT  sing N N 12  
ARG N   CA   sing N N 13  
ARG N   H    sing N N 14  
ARG N   H2   sing N N 15  
ARG CA  C    sing N N 16  
ARG CA  CB   sing N N 17  
ARG CA  HA   sing N N 18  
ARG C   O    doub N N 19  
ARG C   OXT  sing N N 20  
ARG CB  CG   sing N N 21  
ARG CB  HB2  sing N N 22  
ARG CB  HB3  sing N N 23  
ARG CG  CD   sing N N 24  
ARG CG  HG2  sing N N 25  
ARG CG  HG3  sing N N 26  
ARG CD  NE   sing N N 27  
ARG CD  HD2  sing N N 28  
ARG CD  HD3  sing N N 29  
ARG NE  CZ   sing N N 30  
ARG NE  HE   sing N N 31  
ARG CZ  NH1  sing N N 32  
ARG CZ  NH2  doub N N 33  
ARG NH1 HH11 sing N N 34  
ARG NH1 HH12 sing N N 35  
ARG NH2 HH21 sing N N 36  
ARG NH2 HH22 sing N N 37  
ARG OXT HXT  sing N N 38  
ASN N   CA   sing N N 39  
ASN N   H    sing N N 40  
ASN N   H2   sing N N 41  
ASN CA  C    sing N N 42  
ASN CA  CB   sing N N 43  
ASN CA  HA   sing N N 44  
ASN C   O    doub N N 45  
ASN C   OXT  sing N N 46  
ASN CB  CG   sing N N 47  
ASN CB  HB2  sing N N 48  
ASN CB  HB3  sing N N 49  
ASN CG  OD1  doub N N 50  
ASN CG  ND2  sing N N 51  
ASN ND2 HD21 sing N N 52  
ASN ND2 HD22 sing N N 53  
ASN OXT HXT  sing N N 54  
ASP N   CA   sing N N 55  
ASP N   H    sing N N 56  
ASP N   H2   sing N N 57  
ASP CA  C    sing N N 58  
ASP CA  CB   sing N N 59  
ASP CA  HA   sing N N 60  
ASP C   O    doub N N 61  
ASP C   OXT  sing N N 62  
ASP CB  CG   sing N N 63  
ASP CB  HB2  sing N N 64  
ASP CB  HB3  sing N N 65  
ASP CG  OD1  doub N N 66  
ASP CG  OD2  sing N N 67  
ASP OD2 HD2  sing N N 68  
ASP OXT HXT  sing N N 69  
GLN N   CA   sing N N 70  
GLN N   H    sing N N 71  
GLN N   H2   sing N N 72  
GLN CA  C    sing N N 73  
GLN CA  CB   sing N N 74  
GLN CA  HA   sing N N 75  
GLN C   O    doub N N 76  
GLN C   OXT  sing N N 77  
GLN CB  CG   sing N N 78  
GLN CB  HB2  sing N N 79  
GLN CB  HB3  sing N N 80  
GLN CG  CD   sing N N 81  
GLN CG  HG2  sing N N 82  
GLN CG  HG3  sing N N 83  
GLN CD  OE1  doub N N 84  
GLN CD  NE2  sing N N 85  
GLN NE2 HE21 sing N N 86  
GLN NE2 HE22 sing N N 87  
GLN OXT HXT  sing N N 88  
GLU N   CA   sing N N 89  
GLU N   H    sing N N 90  
GLU N   H2   sing N N 91  
GLU CA  C    sing N N 92  
GLU CA  CB   sing N N 93  
GLU CA  HA   sing N N 94  
GLU C   O    doub N N 95  
GLU C   OXT  sing N N 96  
GLU CB  CG   sing N N 97  
GLU CB  HB2  sing N N 98  
GLU CB  HB3  sing N N 99  
GLU CG  CD   sing N N 100 
GLU CG  HG2  sing N N 101 
GLU CG  HG3  sing N N 102 
GLU CD  OE1  doub N N 103 
GLU CD  OE2  sing N N 104 
GLU OE2 HE2  sing N N 105 
GLU OXT HXT  sing N N 106 
GLY N   CA   sing N N 107 
GLY N   H    sing N N 108 
GLY N   H2   sing N N 109 
GLY CA  C    sing N N 110 
GLY CA  HA2  sing N N 111 
GLY CA  HA3  sing N N 112 
GLY C   O    doub N N 113 
GLY C   OXT  sing N N 114 
GLY OXT HXT  sing N N 115 
HIS N   CA   sing N N 116 
HIS N   H    sing N N 117 
HIS N   H2   sing N N 118 
HIS CA  C    sing N N 119 
HIS CA  CB   sing N N 120 
HIS CA  HA   sing N N 121 
HIS C   O    doub N N 122 
HIS C   OXT  sing N N 123 
HIS CB  CG   sing N N 124 
HIS CB  HB2  sing N N 125 
HIS CB  HB3  sing N N 126 
HIS CG  ND1  sing Y N 127 
HIS CG  CD2  doub Y N 128 
HIS ND1 CE1  doub Y N 129 
HIS ND1 HD1  sing N N 130 
HIS CD2 NE2  sing Y N 131 
HIS CD2 HD2  sing N N 132 
HIS CE1 NE2  sing Y N 133 
HIS CE1 HE1  sing N N 134 
HIS NE2 HE2  sing N N 135 
HIS OXT HXT  sing N N 136 
HOH O   H1   sing N N 137 
HOH O   H2   sing N N 138 
ILE N   CA   sing N N 139 
ILE N   H    sing N N 140 
ILE N   H2   sing N N 141 
ILE CA  C    sing N N 142 
ILE CA  CB   sing N N 143 
ILE CA  HA   sing N N 144 
ILE C   O    doub N N 145 
ILE C   OXT  sing N N 146 
ILE CB  CG1  sing N N 147 
ILE CB  CG2  sing N N 148 
ILE CB  HB   sing N N 149 
ILE CG1 CD1  sing N N 150 
ILE CG1 HG12 sing N N 151 
ILE CG1 HG13 sing N N 152 
ILE CG2 HG21 sing N N 153 
ILE CG2 HG22 sing N N 154 
ILE CG2 HG23 sing N N 155 
ILE CD1 HD11 sing N N 156 
ILE CD1 HD12 sing N N 157 
ILE CD1 HD13 sing N N 158 
ILE OXT HXT  sing N N 159 
LEU N   CA   sing N N 160 
LEU N   H    sing N N 161 
LEU N   H2   sing N N 162 
LEU CA  C    sing N N 163 
LEU CA  CB   sing N N 164 
LEU CA  HA   sing N N 165 
LEU C   O    doub N N 166 
LEU C   OXT  sing N N 167 
LEU CB  CG   sing N N 168 
LEU CB  HB2  sing N N 169 
LEU CB  HB3  sing N N 170 
LEU CG  CD1  sing N N 171 
LEU CG  CD2  sing N N 172 
LEU CG  HG   sing N N 173 
LEU CD1 HD11 sing N N 174 
LEU CD1 HD12 sing N N 175 
LEU CD1 HD13 sing N N 176 
LEU CD2 HD21 sing N N 177 
LEU CD2 HD22 sing N N 178 
LEU CD2 HD23 sing N N 179 
LEU OXT HXT  sing N N 180 
LYS N   CA   sing N N 181 
LYS N   H    sing N N 182 
LYS N   H2   sing N N 183 
LYS CA  C    sing N N 184 
LYS CA  CB   sing N N 185 
LYS CA  HA   sing N N 186 
LYS C   O    doub N N 187 
LYS C   OXT  sing N N 188 
LYS CB  CG   sing N N 189 
LYS CB  HB2  sing N N 190 
LYS CB  HB3  sing N N 191 
LYS CG  CD   sing N N 192 
LYS CG  HG2  sing N N 193 
LYS CG  HG3  sing N N 194 
LYS CD  CE   sing N N 195 
LYS CD  HD2  sing N N 196 
LYS CD  HD3  sing N N 197 
LYS CE  NZ   sing N N 198 
LYS CE  HE2  sing N N 199 
LYS CE  HE3  sing N N 200 
LYS NZ  HZ1  sing N N 201 
LYS NZ  HZ2  sing N N 202 
LYS NZ  HZ3  sing N N 203 
LYS OXT HXT  sing N N 204 
MET N   CA   sing N N 205 
MET N   H    sing N N 206 
MET N   H2   sing N N 207 
MET CA  C    sing N N 208 
MET CA  CB   sing N N 209 
MET CA  HA   sing N N 210 
MET C   O    doub N N 211 
MET C   OXT  sing N N 212 
MET CB  CG   sing N N 213 
MET CB  HB2  sing N N 214 
MET CB  HB3  sing N N 215 
MET CG  SD   sing N N 216 
MET CG  HG2  sing N N 217 
MET CG  HG3  sing N N 218 
MET SD  CE   sing N N 219 
MET CE  HE1  sing N N 220 
MET CE  HE2  sing N N 221 
MET CE  HE3  sing N N 222 
MET OXT HXT  sing N N 223 
PHE N   CA   sing N N 224 
PHE N   H    sing N N 225 
PHE N   H2   sing N N 226 
PHE CA  C    sing N N 227 
PHE CA  CB   sing N N 228 
PHE CA  HA   sing N N 229 
PHE C   O    doub N N 230 
PHE C   OXT  sing N N 231 
PHE CB  CG   sing N N 232 
PHE CB  HB2  sing N N 233 
PHE CB  HB3  sing N N 234 
PHE CG  CD1  doub Y N 235 
PHE CG  CD2  sing Y N 236 
PHE CD1 CE1  sing Y N 237 
PHE CD1 HD1  sing N N 238 
PHE CD2 CE2  doub Y N 239 
PHE CD2 HD2  sing N N 240 
PHE CE1 CZ   doub Y N 241 
PHE CE1 HE1  sing N N 242 
PHE CE2 CZ   sing Y N 243 
PHE CE2 HE2  sing N N 244 
PHE CZ  HZ   sing N N 245 
PHE OXT HXT  sing N N 246 
PRO N   CA   sing N N 247 
PRO N   CD   sing N N 248 
PRO N   H    sing N N 249 
PRO CA  C    sing N N 250 
PRO CA  CB   sing N N 251 
PRO CA  HA   sing N N 252 
PRO C   O    doub N N 253 
PRO C   OXT  sing N N 254 
PRO CB  CG   sing N N 255 
PRO CB  HB2  sing N N 256 
PRO CB  HB3  sing N N 257 
PRO CG  CD   sing N N 258 
PRO CG  HG2  sing N N 259 
PRO CG  HG3  sing N N 260 
PRO CD  HD2  sing N N 261 
PRO CD  HD3  sing N N 262 
PRO OXT HXT  sing N N 263 
SER N   CA   sing N N 264 
SER N   H    sing N N 265 
SER N   H2   sing N N 266 
SER CA  C    sing N N 267 
SER CA  CB   sing N N 268 
SER CA  HA   sing N N 269 
SER C   O    doub N N 270 
SER C   OXT  sing N N 271 
SER CB  OG   sing N N 272 
SER CB  HB2  sing N N 273 
SER CB  HB3  sing N N 274 
SER OG  HG   sing N N 275 
SER OXT HXT  sing N N 276 
THR N   CA   sing N N 277 
THR N   H    sing N N 278 
THR N   H2   sing N N 279 
THR CA  C    sing N N 280 
THR CA  CB   sing N N 281 
THR CA  HA   sing N N 282 
THR C   O    doub N N 283 
THR C   OXT  sing N N 284 
THR CB  OG1  sing N N 285 
THR CB  CG2  sing N N 286 
THR CB  HB   sing N N 287 
THR OG1 HG1  sing N N 288 
THR CG2 HG21 sing N N 289 
THR CG2 HG22 sing N N 290 
THR CG2 HG23 sing N N 291 
THR OXT HXT  sing N N 292 
TRP N   CA   sing N N 293 
TRP N   H    sing N N 294 
TRP N   H2   sing N N 295 
TRP CA  C    sing N N 296 
TRP CA  CB   sing N N 297 
TRP CA  HA   sing N N 298 
TRP C   O    doub N N 299 
TRP C   OXT  sing N N 300 
TRP CB  CG   sing N N 301 
TRP CB  HB2  sing N N 302 
TRP CB  HB3  sing N N 303 
TRP CG  CD1  doub Y N 304 
TRP CG  CD2  sing Y N 305 
TRP CD1 NE1  sing Y N 306 
TRP CD1 HD1  sing N N 307 
TRP CD2 CE2  doub Y N 308 
TRP CD2 CE3  sing Y N 309 
TRP NE1 CE2  sing Y N 310 
TRP NE1 HE1  sing N N 311 
TRP CE2 CZ2  sing Y N 312 
TRP CE3 CZ3  doub Y N 313 
TRP CE3 HE3  sing N N 314 
TRP CZ2 CH2  doub Y N 315 
TRP CZ2 HZ2  sing N N 316 
TRP CZ3 CH2  sing Y N 317 
TRP CZ3 HZ3  sing N N 318 
TRP CH2 HH2  sing N N 319 
TRP OXT HXT  sing N N 320 
TYR N   CA   sing N N 321 
TYR N   H    sing N N 322 
TYR N   H2   sing N N 323 
TYR CA  C    sing N N 324 
TYR CA  CB   sing N N 325 
TYR CA  HA   sing N N 326 
TYR C   O    doub N N 327 
TYR C   OXT  sing N N 328 
TYR CB  CG   sing N N 329 
TYR CB  HB2  sing N N 330 
TYR CB  HB3  sing N N 331 
TYR CG  CD1  doub Y N 332 
TYR CG  CD2  sing Y N 333 
TYR CD1 CE1  sing Y N 334 
TYR CD1 HD1  sing N N 335 
TYR CD2 CE2  doub Y N 336 
TYR CD2 HD2  sing N N 337 
TYR CE1 CZ   doub Y N 338 
TYR CE1 HE1  sing N N 339 
TYR CE2 CZ   sing Y N 340 
TYR CE2 HE2  sing N N 341 
TYR CZ  OH   sing N N 342 
TYR OH  HH   sing N N 343 
TYR OXT HXT  sing N N 344 
VAL N   CA   sing N N 345 
VAL N   H    sing N N 346 
VAL N   H2   sing N N 347 
VAL CA  C    sing N N 348 
VAL CA  CB   sing N N 349 
VAL CA  HA   sing N N 350 
VAL C   O    doub N N 351 
VAL C   OXT  sing N N 352 
VAL CB  CG1  sing N N 353 
VAL CB  CG2  sing N N 354 
VAL CB  HB   sing N N 355 
VAL CG1 HG11 sing N N 356 
VAL CG1 HG12 sing N N 357 
VAL CG1 HG13 sing N N 358 
VAL CG2 HG21 sing N N 359 
VAL CG2 HG22 sing N N 360 
VAL CG2 HG23 sing N N 361 
VAL OXT HXT  sing N N 362 
# 
_pdbx_entity_nonpoly.entity_id   2 
_pdbx_entity_nonpoly.name        water 
_pdbx_entity_nonpoly.comp_id     HOH 
# 
_pdbx_initial_refinement_model.id               1 
_pdbx_initial_refinement_model.entity_id_list   ? 
_pdbx_initial_refinement_model.type             'experimental model' 
_pdbx_initial_refinement_model.source_name      PDB 
_pdbx_initial_refinement_model.accession_code   1V37 
_pdbx_initial_refinement_model.details          ? 
# 
